data_9EBW
#
_entry.id   9EBW
#
_cell.length_a   90.878
_cell.length_b   109.803
_cell.length_c   123.711
_cell.angle_alpha   90.00
_cell.angle_beta   110.14
_cell.angle_gamma   90.00
#
_symmetry.space_group_name_H-M   'P 1 21 1'
#
loop_
_entity.id
_entity.type
_entity.pdbx_description
1 polymer 'Green fluorescent protein,Methyl-accepting chemotaxis transducer (TlpC)'
2 non-polymer GLYCEROL
3 non-polymer 'LACTIC ACID'
4 water water
#
_entity_poly.entity_id   1
_entity_poly.type   'polypeptide(L)'
_entity_poly.pdbx_seq_one_letter_code
;MKHHHHHHHVSKGEELFTGVVPILVELDGDVNGHKFSVSGEGEGDATYGKLTLKFICTTGKLPVPWPTLVTTL(SWG)VQ
CFARYPDHMKQHDFFKSAMPEGYVQERTIFFKDDGNYKTRAEVKFEGDTLVNRIELKGIDFKEDGNILGHKLEYNSSGRT
GIDPFTESVLQSQATELLQKKAQLVSFKIQGIMKRIFMGANTLEKFLSDENSAINDTLKRRMLSEFLLANPHVLLVSAIY
TNNNERVITAMSMDSKIAYPNTTLNENMTNQIRSLKSITHSDPYYKEVNGDKIYGMDITLPLMGKNQNAIGALNFFLNID
AFYTDVVGKKKSNTFLMGKDGRLLINPNREIQDKILSAINPDRRVAKAVEYYNQNEAGTLSYHSLSGNTETFLAIQPFDF
FEEKGNNGNHWRWAIGKYVNKSLVFSSHSNVYITADKQKNGIKANFKIRHNIEDGGVQLADHYQQNTPIGDGPVLLPDNH
YLSTQSKLSKDPNEKRDHMVLLEFVTAAGITLGMDELYQ
;
_entity_poly.pdbx_strand_id   A,B,C,D
#
loop_
_chem_comp.id
_chem_comp.type
_chem_comp.name
_chem_comp.formula
GOL non-polymer GLYCEROL 'C3 H8 O3'
LAC non-polymer 'LACTIC ACID' 'C3 H6 O3'
#
# COMPACT_ATOMS: atom_id res chain seq x y z
N LYS A 12 -30.60 -2.81 -15.55
CA LYS A 12 -31.18 -1.54 -16.03
C LYS A 12 -31.92 -0.86 -14.89
N GLY A 13 -32.73 -1.62 -14.15
CA GLY A 13 -33.38 -1.04 -12.97
C GLY A 13 -32.48 -1.19 -11.78
N GLU A 14 -31.73 -2.28 -11.72
CA GLU A 14 -30.75 -2.44 -10.62
C GLU A 14 -29.92 -1.16 -10.57
N GLU A 15 -29.63 -0.62 -11.73
CA GLU A 15 -28.79 0.57 -11.78
C GLU A 15 -29.39 1.75 -11.01
N LEU A 16 -30.73 1.79 -10.93
CA LEU A 16 -31.44 2.81 -10.17
C LEU A 16 -31.35 2.62 -8.66
N PHE A 17 -30.92 1.44 -8.21
CA PHE A 17 -30.86 1.11 -6.79
C PHE A 17 -29.44 0.97 -6.26
N THR A 18 -28.50 1.70 -6.86
CA THR A 18 -27.08 1.60 -6.54
C THR A 18 -26.71 2.44 -5.32
N GLY A 19 -27.34 3.61 -5.20
CA GLY A 19 -27.15 4.47 -4.05
C GLY A 19 -28.37 4.47 -3.14
N VAL A 20 -28.38 5.38 -2.17
CA VAL A 20 -29.55 5.63 -1.35
C VAL A 20 -30.64 6.23 -2.24
N VAL A 21 -31.86 5.70 -2.13
CA VAL A 21 -32.96 6.19 -2.92
C VAL A 21 -34.04 6.79 -2.01
N PRO A 22 -34.52 8.02 -2.29
CA PRO A 22 -35.64 8.60 -1.55
C PRO A 22 -36.96 7.86 -1.78
N ILE A 23 -37.68 7.60 -0.68
CA ILE A 23 -38.95 6.90 -0.71
C ILE A 23 -40.09 7.83 -0.32
N LEU A 24 -41.23 7.68 -1.02
CA LEU A 24 -42.47 8.35 -0.68
C LEU A 24 -43.57 7.28 -0.78
N VAL A 25 -44.50 7.31 0.17
CA VAL A 25 -45.62 6.37 0.18
C VAL A 25 -46.90 7.07 0.60
N GLU A 26 -47.93 6.96 -0.25
CA GLU A 26 -49.25 7.53 0.00
C GLU A 26 -50.28 6.40 0.04
N LEU A 27 -51.00 6.29 1.16
CA LEU A 27 -52.03 5.29 1.35
C LEU A 27 -53.39 5.96 1.54
N ASP A 28 -54.37 5.51 0.75
CA ASP A 28 -55.75 5.95 0.86
C ASP A 28 -56.57 4.74 1.33
N GLY A 29 -57.14 4.83 2.52
CA GLY A 29 -57.79 3.63 3.07
C GLY A 29 -59.24 3.79 3.49
N ASP A 30 -59.99 2.69 3.47
CA ASP A 30 -61.40 2.68 3.95
C ASP A 30 -61.61 1.30 4.56
N VAL A 31 -61.83 1.25 5.86
CA VAL A 31 -62.07 -0.04 6.58
C VAL A 31 -63.39 0.06 7.34
N ASN A 32 -64.40 -0.67 6.89
CA ASN A 32 -65.72 -0.71 7.59
C ASN A 32 -66.33 0.69 7.56
N GLY A 33 -66.04 1.49 6.54
CA GLY A 33 -66.61 2.84 6.43
C GLY A 33 -65.72 3.90 7.04
N HIS A 34 -64.72 3.51 7.81
CA HIS A 34 -63.79 4.44 8.42
C HIS A 34 -62.69 4.81 7.44
N LYS A 35 -62.84 5.97 6.81
CA LYS A 35 -61.87 6.43 5.81
C LYS A 35 -60.68 7.05 6.52
N PHE A 36 -59.48 6.86 5.94
CA PHE A 36 -58.26 7.40 6.51
C PHE A 36 -57.16 7.51 5.45
N SER A 37 -56.14 8.32 5.75
CA SER A 37 -55.02 8.52 4.85
C SER A 37 -53.68 8.49 5.59
N VAL A 38 -52.71 7.76 5.01
CA VAL A 38 -51.39 7.63 5.59
C VAL A 38 -50.34 8.13 4.59
N SER A 39 -49.44 9.00 5.07
CA SER A 39 -48.37 9.52 4.26
C SER A 39 -47.03 9.07 4.85
N GLY A 40 -46.13 8.59 4.00
CA GLY A 40 -44.83 8.10 4.43
C GLY A 40 -43.67 8.70 3.64
N GLU A 41 -42.52 8.81 4.31
CA GLU A 41 -41.31 9.41 3.76
C GLU A 41 -40.14 8.60 4.30
N GLY A 42 -39.03 8.57 3.55
CA GLY A 42 -37.86 7.86 4.01
C GLY A 42 -36.88 7.56 2.88
N GLU A 43 -36.02 6.55 3.09
CA GLU A 43 -34.98 6.22 2.13
C GLU A 43 -34.66 4.73 2.17
N GLY A 44 -34.21 4.20 1.03
CA GLY A 44 -33.81 2.81 0.92
C GLY A 44 -32.40 2.67 0.34
N ASP A 45 -31.71 1.59 0.76
CA ASP A 45 -30.45 1.20 0.14
C ASP A 45 -30.45 -0.31 -0.12
N ALA A 46 -30.66 -0.72 -1.38
CA ALA A 46 -30.76 -2.15 -1.72
C ALA A 46 -29.43 -2.87 -1.59
N THR A 47 -28.33 -2.13 -1.62
CA THR A 47 -26.99 -2.72 -1.44
C THR A 47 -26.95 -3.42 -0.12
N TYR A 48 -27.66 -2.88 0.87
CA TYR A 48 -27.65 -3.48 2.20
C TYR A 48 -29.02 -4.05 2.60
N GLY A 49 -30.05 -3.69 1.84
CA GLY A 49 -31.42 -4.14 2.17
C GLY A 49 -32.00 -3.29 3.26
N LYS A 50 -31.53 -2.05 3.37
CA LYS A 50 -31.97 -1.18 4.50
C LYS A 50 -33.15 -0.29 4.10
N LEU A 51 -34.14 -0.21 4.97
CA LEU A 51 -35.30 0.66 4.73
C LEU A 51 -35.49 1.48 6.00
N THR A 52 -35.47 2.80 5.88
CA THR A 52 -35.71 3.70 7.00
C THR A 52 -36.91 4.56 6.60
N LEU A 53 -38.04 4.35 7.28
CA LEU A 53 -39.29 4.97 6.90
C LEU A 53 -40.05 5.53 8.11
N LYS A 54 -40.70 6.67 7.90
CA LYS A 54 -41.62 7.22 8.88
C LYS A 54 -42.96 7.42 8.20
N PHE A 55 -44.03 6.95 8.85
CA PHE A 55 -45.39 7.09 8.35
C PHE A 55 -46.21 7.96 9.29
N ILE A 56 -47.04 8.83 8.70
CA ILE A 56 -47.98 9.65 9.43
C ILE A 56 -49.40 9.40 8.92
N CYS A 57 -50.35 9.29 9.84
CA CYS A 57 -51.77 9.32 9.49
C CYS A 57 -52.23 10.77 9.46
N THR A 58 -52.66 11.24 8.27
CA THR A 58 -53.01 12.64 8.10
C THR A 58 -54.46 12.97 8.44
N THR A 59 -55.30 11.94 8.62
CA THR A 59 -56.72 12.14 8.88
C THR A 59 -57.08 12.20 10.36
N GLY A 60 -56.10 12.01 11.24
CA GLY A 60 -56.33 11.97 12.68
C GLY A 60 -55.84 10.65 13.27
N LYS A 61 -56.71 9.98 14.02
CA LYS A 61 -56.39 8.68 14.59
C LYS A 61 -56.54 7.62 13.50
N LEU A 62 -55.60 6.67 13.47
CA LEU A 62 -55.68 5.55 12.54
C LEU A 62 -56.70 4.57 13.09
N PRO A 63 -57.69 4.11 12.28
CA PRO A 63 -58.72 3.20 12.77
C PRO A 63 -58.29 1.74 12.88
N VAL A 64 -57.04 1.44 12.50
CA VAL A 64 -56.53 0.08 12.49
C VAL A 64 -55.15 0.11 13.15
N PRO A 65 -54.64 -1.02 13.71
CA PRO A 65 -53.29 -1.03 14.27
C PRO A 65 -52.21 -0.91 13.19
N TRP A 66 -51.18 -0.13 13.50
CA TRP A 66 -50.09 0.13 12.56
C TRP A 66 -49.45 -1.15 12.03
N PRO A 67 -49.20 -2.18 12.87
CA PRO A 67 -48.64 -3.43 12.42
C PRO A 67 -49.42 -4.09 11.28
N THR A 68 -50.74 -3.87 11.22
CA THR A 68 -51.56 -4.46 10.17
C THR A 68 -51.24 -3.87 8.79
N LEU A 69 -50.65 -2.67 8.74
CA LEU A 69 -50.46 -2.00 7.43
C LEU A 69 -49.00 -2.04 6.96
N VAL A 70 -48.10 -2.67 7.71
CA VAL A 70 -46.66 -2.68 7.37
C VAL A 70 -46.42 -3.38 6.02
N THR A 71 -46.97 -4.57 5.80
CA THR A 71 -46.75 -5.34 4.55
C THR A 71 -47.32 -4.60 3.38
N THR A 72 -48.28 -3.72 3.64
CA THR A 72 -48.96 -2.99 2.56
C THR A 72 -48.18 -1.73 2.30
N LEU A 73 -47.71 -1.09 3.36
CA LEU A 73 -46.93 0.17 3.23
C LEU A 73 -45.50 -0.16 2.80
CD2 SWG A 74 -43.31 -8.22 4.48
CE3 SWG A 74 -43.50 -9.46 3.90
CZ3 SWG A 74 -43.34 -10.59 4.65
CH2 SWG A 74 -42.97 -10.49 5.96
CZ2 SWG A 74 -42.77 -9.27 6.58
CE2 SWG A 74 -42.95 -8.14 5.81
NE1 SWG A 74 -42.81 -6.82 6.19
CD1 SWG A 74 -43.09 -6.08 5.08
CG SWG A 74 -43.42 -6.85 3.99
CB2 SWG A 74 -43.78 -6.47 2.60
CA2 SWG A 74 -43.87 -5.17 2.22
N2 SWG A 74 -43.62 -4.11 3.03
C2 SWG A 74 -44.25 -4.60 0.94
O2 SWG A 74 -44.58 -5.17 -0.10
N3 SWG A 74 -44.19 -3.28 1.12
CA3 SWG A 74 -44.47 -2.26 0.18
C3 SWG A 74 -43.61 -2.00 -1.05
O3 SWG A 74 -44.50 -1.68 -1.85
C1 SWG A 74 -43.82 -3.01 2.33
CA1 SWG A 74 -43.60 -1.67 2.92
N1 SWG A 74 -44.94 -1.25 3.31
CB1 SWG A 74 -42.77 -1.76 4.19
OG1 SWG A 74 -41.65 -0.91 4.02
N VAL A 75 -42.43 -2.44 -1.56
CA VAL A 75 -41.15 -1.69 -1.69
C VAL A 75 -40.07 -2.77 -1.60
N GLN A 76 -40.42 -3.99 -2.01
CA GLN A 76 -39.49 -5.15 -2.03
C GLN A 76 -38.44 -4.87 -3.10
N CYS A 77 -38.52 -3.70 -3.74
CA CYS A 77 -37.53 -3.30 -4.74
C CYS A 77 -36.20 -2.99 -4.04
N PHE A 78 -36.21 -2.89 -2.70
CA PHE A 78 -34.97 -2.54 -1.96
C PHE A 78 -34.46 -3.77 -1.26
N ALA A 79 -34.83 -4.94 -1.76
CA ALA A 79 -34.32 -6.19 -1.20
C ALA A 79 -32.90 -6.41 -1.71
N ARG A 80 -32.03 -6.87 -0.82
CA ARG A 80 -30.64 -7.13 -1.21
C ARG A 80 -30.59 -8.49 -1.89
N TYR A 81 -30.30 -8.49 -3.18
CA TYR A 81 -30.16 -9.76 -3.92
C TYR A 81 -28.71 -10.07 -4.04
N PRO A 82 -28.26 -11.20 -3.50
CA PRO A 82 -26.87 -11.61 -3.70
C PRO A 82 -26.56 -11.59 -5.19
N ASP A 83 -25.34 -11.20 -5.56
CA ASP A 83 -24.99 -11.05 -7.01
C ASP A 83 -25.34 -12.31 -7.80
N HIS A 84 -25.19 -13.48 -7.20
CA HIS A 84 -25.50 -14.75 -7.88
C HIS A 84 -26.99 -14.90 -8.18
N MET A 85 -27.86 -14.06 -7.61
CA MET A 85 -29.33 -14.22 -7.80
C MET A 85 -29.93 -12.96 -8.41
N LYS A 86 -29.11 -12.05 -8.91
CA LYS A 86 -29.63 -10.74 -9.39
C LYS A 86 -30.47 -10.90 -10.66
N GLN A 87 -30.63 -12.12 -11.14
CA GLN A 87 -31.41 -12.40 -12.37
C GLN A 87 -32.84 -12.76 -11.96
N HIS A 88 -33.03 -13.04 -10.68
CA HIS A 88 -34.38 -13.40 -10.16
C HIS A 88 -35.00 -12.16 -9.50
N ASP A 89 -34.57 -10.98 -9.92
CA ASP A 89 -35.10 -9.72 -9.34
C ASP A 89 -36.06 -9.07 -10.33
N PHE A 90 -37.36 -9.23 -10.07
CA PHE A 90 -38.41 -8.63 -10.94
C PHE A 90 -38.71 -7.23 -10.48
N PHE A 91 -38.58 -7.00 -9.18
CA PHE A 91 -38.98 -5.69 -8.59
C PHE A 91 -38.15 -4.58 -9.19
N LYS A 92 -36.83 -4.75 -9.24
CA LYS A 92 -35.95 -3.72 -9.82
C LYS A 92 -36.05 -3.77 -11.36
N SER A 93 -36.20 -4.95 -11.93
CA SER A 93 -36.34 -5.11 -13.41
C SER A 93 -37.52 -4.28 -13.93
N ALA A 94 -38.61 -4.21 -13.16
CA ALA A 94 -39.82 -3.50 -13.62
C ALA A 94 -39.62 -1.99 -13.51
N MET A 95 -38.43 -1.58 -13.10
CA MET A 95 -38.20 -0.14 -12.87
C MET A 95 -37.40 0.39 -14.09
N PRO A 96 -37.70 1.59 -14.61
CA PRO A 96 -38.32 2.63 -13.82
C PRO A 96 -39.83 2.79 -13.92
N GLU A 97 -40.48 2.10 -14.85
CA GLU A 97 -41.93 2.30 -15.09
C GLU A 97 -42.74 1.80 -13.89
N GLY A 98 -42.35 0.68 -13.30
CA GLY A 98 -43.04 0.29 -12.06
C GLY A 98 -43.77 -1.02 -12.11
N TYR A 99 -44.39 -1.37 -10.97
CA TYR A 99 -45.18 -2.62 -10.91
C TYR A 99 -46.43 -2.40 -10.12
N VAL A 100 -47.52 -3.06 -10.52
CA VAL A 100 -48.73 -3.03 -9.70
C VAL A 100 -48.64 -4.18 -8.69
N GLN A 101 -48.94 -3.88 -7.43
CA GLN A 101 -48.90 -4.87 -6.36
C GLN A 101 -50.25 -4.92 -5.66
N GLU A 102 -51.02 -5.98 -5.96
CA GLU A 102 -52.30 -6.23 -5.35
C GLU A 102 -52.17 -7.32 -4.31
N ARG A 103 -52.86 -7.14 -3.17
CA ARG A 103 -52.92 -8.17 -2.15
C ARG A 103 -54.33 -8.35 -1.59
N THR A 104 -54.55 -9.52 -1.00
CA THR A 104 -55.72 -9.75 -0.16
C THR A 104 -55.17 -10.32 1.14
N ILE A 105 -55.53 -9.65 2.25
CA ILE A 105 -55.06 -10.06 3.57
C ILE A 105 -56.26 -10.50 4.39
N PHE A 106 -56.32 -11.80 4.71
CA PHE A 106 -57.41 -12.35 5.50
C PHE A 106 -57.03 -12.42 6.96
N PHE A 107 -57.70 -11.63 7.80
CA PHE A 107 -57.52 -11.73 9.24
C PHE A 107 -58.48 -12.81 9.75
N LYS A 108 -57.92 -13.89 10.30
CA LYS A 108 -58.71 -15.01 10.75
C LYS A 108 -59.74 -14.51 11.76
N ASP A 109 -60.98 -15.01 11.64
CA ASP A 109 -62.09 -14.57 12.49
C ASP A 109 -62.26 -13.05 12.51
N ASP A 110 -62.07 -12.41 11.36
CA ASP A 110 -62.28 -10.97 11.26
C ASP A 110 -62.32 -10.56 9.79
N GLY A 111 -62.27 -9.25 9.52
CA GLY A 111 -62.36 -8.74 8.16
C GLY A 111 -61.11 -8.98 7.31
N ASN A 112 -61.11 -8.42 6.10
CA ASN A 112 -59.99 -8.56 5.19
C ASN A 112 -59.63 -7.24 4.51
N TYR A 113 -58.34 -7.05 4.25
CA TYR A 113 -57.84 -5.95 3.44
C TYR A 113 -57.72 -6.37 1.98
N LYS A 114 -58.13 -5.46 1.09
CA LYS A 114 -57.84 -5.57 -0.33
C LYS A 114 -57.06 -4.33 -0.74
N THR A 115 -55.78 -4.53 -1.11
CA THR A 115 -54.90 -3.45 -1.49
C THR A 115 -54.53 -3.57 -2.97
N ARG A 116 -54.50 -2.42 -3.64
CA ARG A 116 -53.86 -2.27 -4.93
C ARG A 116 -52.89 -1.10 -4.82
N ALA A 117 -51.61 -1.35 -5.17
CA ALA A 117 -50.59 -0.32 -5.12
C ALA A 117 -49.81 -0.21 -6.42
N GLU A 118 -49.18 0.95 -6.63
CA GLU A 118 -48.29 1.17 -7.76
C GLU A 118 -46.95 1.63 -7.22
N VAL A 119 -45.93 0.79 -7.41
CA VAL A 119 -44.57 1.10 -7.00
C VAL A 119 -43.76 1.46 -8.24
N LYS A 120 -43.46 2.75 -8.39
CA LYS A 120 -42.81 3.28 -9.57
C LYS A 120 -41.92 4.46 -9.18
N PHE A 121 -41.05 4.87 -10.13
CA PHE A 121 -40.19 6.02 -9.98
C PHE A 121 -40.85 7.28 -10.51
N GLU A 122 -40.76 8.37 -9.73
CA GLU A 122 -41.14 9.70 -10.18
C GLU A 122 -39.93 10.59 -9.94
N GLY A 123 -39.12 10.75 -10.99
CA GLY A 123 -37.78 11.32 -10.85
C GLY A 123 -36.89 10.36 -10.06
N ASP A 124 -36.08 10.91 -9.14
CA ASP A 124 -35.22 10.11 -8.29
C ASP A 124 -35.96 9.44 -7.14
N THR A 125 -37.25 9.76 -6.97
CA THR A 125 -38.02 9.20 -5.87
C THR A 125 -38.82 7.96 -6.27
N LEU A 126 -38.61 6.88 -5.51
CA LEU A 126 -39.42 5.67 -5.62
C LEU A 126 -40.70 5.90 -4.83
N VAL A 127 -41.85 5.87 -5.53
CA VAL A 127 -43.13 6.15 -4.89
C VAL A 127 -43.97 4.87 -4.77
N ASN A 128 -44.78 4.83 -3.71
CA ASN A 128 -45.70 3.71 -3.48
C ASN A 128 -47.09 4.28 -3.18
N ARG A 129 -47.95 4.30 -4.20
CA ARG A 129 -49.31 4.80 -4.03
C ARG A 129 -50.23 3.60 -3.81
N ILE A 130 -50.97 3.63 -2.69
CA ILE A 130 -51.77 2.48 -2.26
C ILE A 130 -53.22 2.88 -2.06
N GLU A 131 -54.13 2.06 -2.60
CA GLU A 131 -55.55 2.16 -2.31
C GLU A 131 -55.93 0.88 -1.57
N LEU A 132 -56.53 1.04 -0.39
CA LEU A 132 -56.83 -0.07 0.50
C LEU A 132 -58.30 -0.03 0.88
N LYS A 133 -58.96 -1.20 0.81
CA LYS A 133 -60.37 -1.31 1.14
C LYS A 133 -60.54 -2.49 2.09
N GLY A 134 -61.11 -2.22 3.26
CA GLY A 134 -61.31 -3.24 4.28
C GLY A 134 -62.80 -3.43 4.57
N ILE A 135 -63.23 -4.70 4.65
CA ILE A 135 -64.62 -5.02 4.93
C ILE A 135 -64.74 -6.16 5.94
N ASP A 136 -65.96 -6.33 6.48
CA ASP A 136 -66.32 -7.45 7.34
C ASP A 136 -65.56 -7.52 8.66
N PHE A 137 -65.15 -6.36 9.19
CA PHE A 137 -64.40 -6.31 10.43
C PHE A 137 -65.34 -6.18 11.61
N LYS A 138 -64.93 -6.77 12.74
CA LYS A 138 -65.64 -6.64 14.00
C LYS A 138 -65.17 -5.35 14.66
N GLU A 139 -66.12 -4.49 15.03
CA GLU A 139 -65.83 -3.22 15.69
C GLU A 139 -65.14 -3.42 17.04
N ASP A 140 -65.41 -4.57 17.68
CA ASP A 140 -64.81 -4.92 18.96
C ASP A 140 -63.65 -5.91 18.82
N GLY A 141 -63.30 -6.24 17.59
CA GLY A 141 -62.25 -7.23 17.31
C GLY A 141 -60.86 -6.61 17.21
N ASN A 142 -59.84 -7.48 17.29
CA ASN A 142 -58.45 -7.10 17.43
C ASN A 142 -57.95 -5.94 16.56
N ILE A 143 -58.54 -5.77 15.38
CA ILE A 143 -58.13 -4.74 14.46
C ILE A 143 -58.79 -3.42 14.84
N LEU A 144 -60.10 -3.31 14.59
CA LEU A 144 -60.82 -2.06 14.83
C LEU A 144 -60.87 -1.69 16.31
N GLY A 145 -60.66 -2.68 17.19
CA GLY A 145 -60.60 -2.45 18.63
C GLY A 145 -59.19 -2.15 19.17
N HIS A 146 -58.21 -2.06 18.28
CA HIS A 146 -56.81 -1.89 18.64
C HIS A 146 -56.40 -2.77 19.82
N LYS A 147 -56.31 -4.08 19.57
CA LYS A 147 -55.87 -5.04 20.56
C LYS A 147 -54.62 -5.82 20.14
N LEU A 148 -54.01 -5.39 19.03
CA LEU A 148 -52.77 -5.98 18.55
C LEU A 148 -51.60 -5.17 19.11
N GLU A 149 -50.47 -5.84 19.37
CA GLU A 149 -49.30 -5.20 19.91
C GLU A 149 -48.49 -4.51 18.83
N TYR A 150 -47.51 -3.70 19.23
CA TYR A 150 -46.75 -2.88 18.31
C TYR A 150 -45.65 -3.65 17.57
N ASN A 151 -44.99 -4.57 18.30
CA ASN A 151 -43.96 -5.43 17.74
C ASN A 151 -44.18 -6.89 18.10
N SER A 152 -43.47 -7.78 17.38
CA SER A 152 -43.61 -9.22 17.57
C SER A 152 -42.93 -9.70 18.84
N SER A 153 -43.49 -10.75 19.45
CA SER A 153 -42.93 -11.40 20.62
C SER A 153 -43.36 -12.86 20.64
N GLY A 154 -42.58 -13.71 21.33
CA GLY A 154 -42.90 -15.13 21.45
C GLY A 154 -42.43 -15.99 20.27
N ARG A 155 -42.39 -17.30 20.50
CA ARG A 155 -41.72 -18.25 19.61
C ARG A 155 -42.60 -18.86 18.52
N THR A 156 -43.74 -18.23 18.23
CA THR A 156 -44.79 -18.82 17.41
C THR A 156 -44.25 -19.49 16.15
N GLY A 157 -43.64 -18.69 15.27
CA GLY A 157 -43.11 -19.20 14.00
C GLY A 157 -41.63 -18.86 13.76
N ILE A 158 -40.79 -19.22 14.72
CA ILE A 158 -39.38 -18.91 14.70
C ILE A 158 -38.64 -20.24 14.78
N ASP A 159 -37.90 -20.58 13.72
CA ASP A 159 -37.06 -21.77 13.72
C ASP A 159 -35.77 -21.41 14.45
N PRO A 160 -35.49 -21.97 15.64
CA PRO A 160 -34.25 -21.66 16.36
C PRO A 160 -32.98 -21.84 15.53
N PHE A 161 -32.90 -22.95 14.79
CA PHE A 161 -31.73 -23.24 13.98
C PHE A 161 -31.53 -22.19 12.90
N THR A 162 -32.61 -21.83 12.21
CA THR A 162 -32.54 -20.85 11.14
C THR A 162 -32.06 -19.52 11.68
N GLU A 163 -32.59 -19.13 12.84
CA GLU A 163 -32.22 -17.86 13.46
C GLU A 163 -30.80 -17.91 13.99
N SER A 164 -30.38 -19.08 14.51
CA SER A 164 -29.00 -19.30 14.87
C SER A 164 -28.04 -19.01 13.71
N VAL A 165 -28.35 -19.56 12.52
CA VAL A 165 -27.53 -19.34 11.35
C VAL A 165 -27.45 -17.86 11.02
N LEU A 166 -28.61 -17.20 10.94
CA LEU A 166 -28.67 -15.83 10.48
C LEU A 166 -27.98 -14.87 11.46
N GLN A 167 -28.26 -15.05 12.76
CA GLN A 167 -27.61 -14.26 13.80
C GLN A 167 -26.10 -14.41 13.79
N SER A 168 -25.61 -15.65 13.69
CA SER A 168 -24.19 -15.93 13.66
C SER A 168 -23.56 -15.24 12.45
N GLN A 169 -24.26 -15.32 11.32
CA GLN A 169 -23.85 -14.67 10.08
C GLN A 169 -23.70 -13.16 10.28
N ALA A 170 -24.72 -12.55 10.89
CA ALA A 170 -24.72 -11.11 11.10
C ALA A 170 -23.53 -10.67 11.96
N THR A 171 -23.27 -11.43 13.03
CA THR A 171 -22.22 -11.09 13.97
C THR A 171 -20.86 -11.23 13.29
N GLU A 172 -20.66 -12.33 12.56
CA GLU A 172 -19.42 -12.56 11.84
C GLU A 172 -19.16 -11.48 10.80
N LEU A 173 -20.23 -11.13 10.07
CA LEU A 173 -20.15 -10.10 9.04
C LEU A 173 -19.70 -8.76 9.63
N LEU A 174 -20.34 -8.33 10.72
CA LEU A 174 -19.99 -7.09 11.38
C LEU A 174 -18.53 -7.10 11.84
N GLN A 175 -18.11 -8.21 12.47
CA GLN A 175 -16.72 -8.35 12.88
C GLN A 175 -15.76 -8.30 11.68
N LYS A 176 -16.14 -8.94 10.56
CA LYS A 176 -15.29 -9.01 9.39
C LYS A 176 -15.10 -7.65 8.74
N LYS A 177 -16.19 -6.88 8.61
CA LYS A 177 -16.13 -5.56 8.01
C LYS A 177 -15.24 -4.61 8.79
N ALA A 178 -15.21 -4.76 10.12
CA ALA A 178 -14.32 -3.96 10.96
C ALA A 178 -12.86 -4.31 10.67
N GLN A 179 -12.59 -5.61 10.59
CA GLN A 179 -11.28 -6.13 10.22
C GLN A 179 -10.81 -5.60 8.86
N LEU A 180 -11.72 -5.53 7.89
CA LEU A 180 -11.36 -5.11 6.54
C LEU A 180 -11.04 -3.61 6.49
N VAL A 181 -11.73 -2.80 7.29
CA VAL A 181 -11.43 -1.39 7.36
C VAL A 181 -10.04 -1.21 7.98
N SER A 182 -9.79 -1.92 9.09
CA SER A 182 -8.50 -1.86 9.76
C SER A 182 -7.36 -2.13 8.80
N PHE A 183 -7.46 -3.23 8.03
CA PHE A 183 -6.45 -3.61 7.07
C PHE A 183 -6.15 -2.47 6.11
N LYS A 184 -7.21 -1.83 5.61
CA LYS A 184 -7.06 -0.74 4.66
C LYS A 184 -6.33 0.44 5.32
N ILE A 185 -6.67 0.75 6.57
CA ILE A 185 -6.01 1.83 7.29
C ILE A 185 -4.54 1.46 7.45
N GLN A 186 -4.27 0.22 7.90
CA GLN A 186 -2.91 -0.27 8.08
C GLN A 186 -2.09 -0.19 6.80
N GLY A 187 -2.71 -0.54 5.67
CA GLY A 187 -2.07 -0.41 4.38
C GLY A 187 -1.57 1.00 4.14
N ILE A 188 -2.47 1.96 4.31
CA ILE A 188 -2.16 3.37 4.12
C ILE A 188 -1.03 3.82 5.04
N MET A 189 -1.09 3.41 6.31
CA MET A 189 -0.11 3.81 7.30
C MET A 189 1.24 3.13 7.09
N LYS A 190 1.22 1.88 6.62
CA LYS A 190 2.44 1.12 6.36
C LYS A 190 3.30 1.84 5.33
N ARG A 191 2.66 2.35 4.28
CA ARG A 191 3.34 3.05 3.20
C ARG A 191 3.94 4.36 3.69
N ILE A 192 3.20 5.09 4.53
CA ILE A 192 3.69 6.33 5.14
C ILE A 192 4.99 6.09 5.92
N PHE A 193 4.97 5.08 6.79
CA PHE A 193 6.13 4.80 7.63
C PHE A 193 7.28 4.18 6.85
N MET A 194 6.96 3.48 5.77
CA MET A 194 7.99 2.87 4.94
C MET A 194 8.75 3.99 4.24
N GLY A 195 7.99 4.92 3.65
CA GLY A 195 8.56 6.10 3.00
C GLY A 195 9.27 7.04 3.96
N ALA A 196 8.74 7.18 5.18
CA ALA A 196 9.35 8.00 6.20
C ALA A 196 10.73 7.48 6.60
N ASN A 197 10.85 6.16 6.69
CA ASN A 197 12.13 5.52 6.98
C ASN A 197 13.14 5.78 5.87
N THR A 198 12.69 5.74 4.62
CA THR A 198 13.56 5.97 3.47
C THR A 198 14.05 7.41 3.46
N LEU A 199 13.12 8.36 3.69
CA LEU A 199 13.46 9.76 3.87
C LEU A 199 14.54 9.90 4.95
N GLU A 200 14.33 9.22 6.09
CA GLU A 200 15.27 9.28 7.20
C GLU A 200 16.66 8.83 6.77
N LYS A 201 16.74 7.80 5.93
CA LYS A 201 18.02 7.27 5.46
C LYS A 201 18.78 8.26 4.58
N PHE A 202 18.06 8.96 3.71
CA PHE A 202 18.68 9.93 2.82
C PHE A 202 18.97 11.26 3.51
N LEU A 203 18.01 11.73 4.32
CA LEU A 203 18.14 13.00 5.01
C LEU A 203 19.07 12.91 6.23
N SER A 204 19.44 11.68 6.58
CA SER A 204 20.28 11.45 7.77
C SER A 204 21.58 12.26 7.63
N ASP A 205 22.45 11.79 6.76
CA ASP A 205 23.77 12.47 6.61
C ASP A 205 24.32 12.17 5.23
N GLU A 206 23.77 12.80 4.19
CA GLU A 206 24.36 12.63 2.84
C GLU A 206 25.01 13.98 2.51
N ASN A 207 25.73 14.56 3.47
CA ASN A 207 26.38 15.87 3.27
C ASN A 207 26.97 15.88 1.85
N SER A 208 26.63 16.90 1.07
CA SER A 208 27.11 17.02 -0.34
C SER A 208 26.38 15.99 -1.23
N ALA A 209 26.50 14.71 -0.93
CA ALA A 209 25.77 13.69 -1.72
C ALA A 209 24.32 14.16 -1.87
N ILE A 210 23.72 14.66 -0.79
CA ILE A 210 22.33 15.19 -0.85
C ILE A 210 22.32 16.69 -0.54
N ASN A 211 22.04 17.51 -1.56
CA ASN A 211 21.91 18.98 -1.38
C ASN A 211 20.46 19.27 -1.03
N ASP A 212 20.20 20.38 -0.36
CA ASP A 212 18.85 20.65 0.10
C ASP A 212 17.80 20.59 -0.99
N THR A 213 18.19 20.91 -2.24
CA THR A 213 17.27 20.88 -3.36
C THR A 213 16.80 19.45 -3.63
N LEU A 214 17.75 18.51 -3.60
CA LEU A 214 17.41 17.10 -3.74
C LEU A 214 16.58 16.62 -2.56
N LYS A 215 16.92 17.06 -1.36
CA LYS A 215 16.13 16.70 -0.17
C LYS A 215 14.67 17.10 -0.39
N ARG A 216 14.45 18.31 -0.87
CA ARG A 216 13.09 18.84 -1.08
C ARG A 216 12.33 17.95 -2.07
N ARG A 217 13.01 17.47 -3.10
CA ARG A 217 12.35 16.64 -4.12
C ARG A 217 11.92 15.32 -3.45
N MET A 218 12.75 14.79 -2.56
CA MET A 218 12.41 13.56 -1.85
C MET A 218 11.22 13.78 -0.93
N LEU A 219 11.18 14.94 -0.27
CA LEU A 219 10.07 15.30 0.60
C LEU A 219 8.76 15.44 -0.17
N SER A 220 8.82 16.08 -1.35
CA SER A 220 7.63 16.28 -2.16
C SER A 220 7.07 14.96 -2.66
N GLU A 221 7.96 14.06 -3.10
CA GLU A 221 7.57 12.72 -3.52
C GLU A 221 6.84 11.98 -2.40
N PHE A 222 7.42 12.04 -1.19
CA PHE A 222 6.79 11.47 0.00
C PHE A 222 5.33 11.93 0.12
N LEU A 223 5.09 13.24 -0.03
CA LEU A 223 3.75 13.78 0.03
C LEU A 223 2.90 13.27 -1.15
N LEU A 224 3.49 13.26 -2.35
CA LEU A 224 2.79 12.78 -3.53
C LEU A 224 2.38 11.31 -3.40
N ALA A 225 3.26 10.47 -2.84
CA ALA A 225 2.98 9.06 -2.68
C ALA A 225 1.99 8.77 -1.54
N ASN A 226 1.84 9.73 -0.63
CA ASN A 226 1.05 9.54 0.58
C ASN A 226 0.16 10.76 0.81
N PRO A 227 -0.96 10.87 0.06
CA PRO A 227 -1.82 12.05 0.13
C PRO A 227 -2.49 12.27 1.49
N HIS A 228 -2.45 11.26 2.36
CA HIS A 228 -2.94 11.41 3.72
C HIS A 228 -2.04 12.27 4.60
N VAL A 229 -0.87 12.65 4.07
CA VAL A 229 0.04 13.56 4.76
C VAL A 229 -0.11 14.98 4.21
N LEU A 230 -0.30 15.95 5.11
CA LEU A 230 -0.47 17.34 4.72
C LEU A 230 0.84 18.03 4.42
N LEU A 231 1.84 17.84 5.30
CA LEU A 231 3.14 18.46 5.15
C LEU A 231 4.23 17.58 5.76
N VAL A 232 5.47 17.83 5.34
CA VAL A 232 6.61 17.14 5.89
C VAL A 232 7.76 18.15 5.98
N SER A 233 8.49 18.08 7.10
CA SER A 233 9.65 18.95 7.32
C SER A 233 10.86 18.16 7.79
N ALA A 234 12.03 18.50 7.23
CA ALA A 234 13.30 18.03 7.74
C ALA A 234 13.88 19.15 8.59
N ILE A 235 13.89 18.95 9.92
CA ILE A 235 14.41 19.94 10.85
C ILE A 235 15.85 19.58 11.25
N TYR A 236 16.82 20.33 10.69
CA TYR A 236 18.23 20.12 10.99
C TYR A 236 18.67 21.02 12.15
N THR A 237 19.31 20.41 13.15
CA THR A 237 19.67 21.08 14.40
C THR A 237 21.17 21.08 14.59
N ASN A 240 24.07 23.37 10.53
CA ASN A 240 23.38 24.42 9.72
C ASN A 240 21.90 24.45 10.11
N GLU A 241 21.61 24.77 11.36
CA GLU A 241 20.20 24.76 11.85
C GLU A 241 19.27 25.31 10.76
N ARG A 242 18.35 24.50 10.26
CA ARG A 242 17.45 24.93 9.17
C ARG A 242 16.22 24.03 9.11
N VAL A 243 15.28 24.33 8.21
CA VAL A 243 14.11 23.41 8.04
C VAL A 243 13.65 23.43 6.58
N ILE A 244 13.69 22.28 5.92
CA ILE A 244 13.16 22.19 4.52
C ILE A 244 11.76 21.59 4.64
N THR A 245 10.73 22.36 4.28
CA THR A 245 9.36 21.87 4.46
C THR A 245 8.60 21.85 3.17
N ALA A 246 7.79 20.82 2.96
CA ALA A 246 6.92 20.73 1.78
C ALA A 246 5.49 20.54 2.28
N MET A 247 4.51 21.12 1.59
CA MET A 247 3.13 21.06 2.03
C MET A 247 2.21 20.97 0.81
N SER A 248 1.09 20.26 0.98
CA SER A 248 0.16 19.97 -0.09
C SER A 248 -1.03 20.92 -0.05
N MET A 249 -0.99 21.98 -0.89
CA MET A 249 -2.09 22.90 -1.05
C MET A 249 -2.93 22.48 -2.25
N ASP A 250 -4.11 21.93 -1.98
CA ASP A 250 -5.01 21.43 -3.02
C ASP A 250 -4.27 20.38 -3.83
N SER A 251 -4.23 20.53 -5.17
CA SER A 251 -3.46 19.64 -6.03
C SER A 251 -1.96 19.98 -6.11
N LYS A 252 -1.52 21.01 -5.37
CA LYS A 252 -0.23 21.65 -5.66
C LYS A 252 0.70 21.57 -4.46
N ILE A 253 1.93 21.08 -4.69
CA ILE A 253 2.96 21.02 -3.66
C ILE A 253 3.67 22.36 -3.57
N ALA A 254 3.56 23.01 -2.40
CA ALA A 254 4.28 24.26 -2.14
C ALA A 254 5.32 24.03 -1.06
N TYR A 255 6.29 24.96 -1.00
CA TYR A 255 7.44 24.84 -0.12
C TYR A 255 7.50 26.02 0.83
N PRO A 256 6.76 25.99 1.97
CA PRO A 256 6.74 27.11 2.89
C PRO A 256 8.06 27.26 3.65
N ASN A 257 8.26 28.43 4.25
CA ASN A 257 9.49 28.75 4.94
C ASN A 257 9.21 28.84 6.44
N THR A 258 9.00 27.67 7.05
CA THR A 258 8.86 27.53 8.49
C THR A 258 10.18 27.86 9.17
N THR A 259 10.19 27.83 10.52
CA THR A 259 11.42 27.93 11.30
C THR A 259 11.25 27.37 12.71
N LEU A 260 12.35 27.36 13.49
CA LEU A 260 12.35 26.91 14.87
C LEU A 260 13.58 27.45 15.62
N ILE A 268 14.25 19.53 19.02
CA ILE A 268 14.67 18.10 18.85
C ILE A 268 15.71 17.77 19.94
N ARG A 269 16.95 17.48 19.54
CA ARG A 269 18.06 17.17 20.50
C ARG A 269 17.71 15.97 21.40
N SER A 270 16.80 16.15 22.37
CA SER A 270 16.49 15.06 23.33
C SER A 270 15.87 13.85 22.62
N LEU A 271 15.19 14.07 21.50
CA LEU A 271 14.49 12.95 20.83
C LEU A 271 15.51 11.83 20.51
N LYS A 272 15.10 10.56 20.67
CA LYS A 272 15.98 9.40 20.37
C LYS A 272 15.10 8.23 19.99
N SER A 273 13.85 8.51 19.61
CA SER A 273 12.88 7.48 19.28
C SER A 273 11.67 8.10 18.59
N ILE A 274 11.00 7.33 17.73
CA ILE A 274 9.82 7.80 17.02
C ILE A 274 8.76 8.23 18.04
N THR A 275 8.01 9.29 17.69
CA THR A 275 6.97 9.82 18.55
C THR A 275 5.86 10.44 17.70
N HIS A 276 4.67 10.58 18.31
CA HIS A 276 3.57 11.32 17.70
C HIS A 276 2.95 12.24 18.74
N SER A 277 2.37 13.36 18.27
CA SER A 277 1.63 14.25 19.15
C SER A 277 0.24 13.67 19.41
N ASP A 278 -0.43 14.19 20.45
CA ASP A 278 -1.85 13.97 20.61
C ASP A 278 -2.54 14.60 19.41
N PRO A 279 -3.66 14.03 18.92
CA PRO A 279 -4.40 14.67 17.84
C PRO A 279 -4.85 16.08 18.19
N TYR A 280 -4.81 16.97 17.20
CA TYR A 280 -5.28 18.34 17.36
C TYR A 280 -5.74 18.88 16.02
N TYR A 281 -6.31 20.09 16.05
CA TYR A 281 -6.72 20.78 14.83
C TYR A 281 -5.66 21.79 14.43
N LYS A 282 -5.26 21.75 13.15
CA LYS A 282 -4.30 22.68 12.59
C LYS A 282 -5.05 23.64 11.67
N GLU A 283 -4.74 24.95 11.81
CA GLU A 283 -5.35 25.97 10.97
C GLU A 283 -4.53 26.15 9.68
N VAL A 284 -5.10 25.70 8.57
CA VAL A 284 -4.49 25.87 7.25
C VAL A 284 -5.54 26.55 6.37
N ASN A 285 -5.23 27.78 5.94
CA ASN A 285 -6.17 28.62 5.20
C ASN A 285 -7.23 29.12 6.17
N GLY A 286 -8.50 28.78 5.94
CA GLY A 286 -9.56 29.03 6.89
C GLY A 286 -10.19 27.75 7.43
N ASP A 287 -9.53 26.61 7.17
CA ASP A 287 -10.03 25.31 7.59
C ASP A 287 -9.24 24.81 8.80
N LYS A 288 -9.93 24.06 9.65
CA LYS A 288 -9.23 23.40 10.78
C LYS A 288 -9.09 21.93 10.38
N ILE A 289 -7.87 21.46 10.18
CA ILE A 289 -7.64 20.05 9.72
C ILE A 289 -7.25 19.21 10.94
N TYR A 290 -8.01 18.16 11.21
CA TYR A 290 -7.69 17.26 12.33
C TYR A 290 -6.57 16.36 11.90
N GLY A 291 -5.57 16.27 12.75
CA GLY A 291 -4.46 15.38 12.45
C GLY A 291 -3.54 15.18 13.65
N MET A 292 -2.33 14.68 13.38
CA MET A 292 -1.30 14.56 14.40
C MET A 292 0.08 14.72 13.76
N ASP A 293 1.03 15.19 14.55
CA ASP A 293 2.43 15.35 14.07
C ASP A 293 3.22 14.11 14.47
N ILE A 294 3.78 13.42 13.49
CA ILE A 294 4.64 12.24 13.79
C ILE A 294 6.10 12.68 13.57
N THR A 295 6.90 12.69 14.62
CA THR A 295 8.30 13.15 14.51
C THR A 295 9.24 11.97 14.62
N LEU A 296 10.20 11.88 13.72
CA LEU A 296 11.15 10.79 13.62
C LEU A 296 12.55 11.42 13.68
N PRO A 297 13.44 10.97 14.60
CA PRO A 297 14.77 11.57 14.70
C PRO A 297 15.69 11.18 13.57
N LEU A 298 16.56 12.12 13.15
CA LEU A 298 17.52 11.87 12.09
C LEU A 298 18.87 11.42 12.66
N MET A 299 18.98 11.33 13.98
CA MET A 299 20.18 10.91 14.69
C MET A 299 21.47 11.04 13.89
N GLY A 300 21.95 9.96 13.26
CA GLY A 300 23.30 9.90 12.71
C GLY A 300 24.27 9.03 13.49
N LYS A 301 24.77 9.55 14.62
CA LYS A 301 25.73 8.82 15.46
C LYS A 301 25.18 8.40 16.83
N ASN A 302 23.98 8.89 17.20
CA ASN A 302 23.30 8.56 18.44
C ASN A 302 24.26 8.17 19.59
N ALA A 305 21.91 12.97 17.24
CA ALA A 305 20.77 13.83 16.94
C ALA A 305 21.15 14.94 15.95
N ILE A 306 21.22 14.59 14.66
CA ILE A 306 21.57 15.54 13.60
C ILE A 306 20.38 16.47 13.34
N GLY A 307 19.17 15.97 13.62
CA GLY A 307 17.95 16.71 13.40
C GLY A 307 16.75 15.78 13.56
N ALA A 308 15.59 16.20 13.04
CA ALA A 308 14.42 15.34 13.00
C ALA A 308 13.63 15.54 11.71
N LEU A 309 12.94 14.47 11.29
CA LEU A 309 11.96 14.54 10.22
C LEU A 309 10.59 14.54 10.91
N ASN A 310 9.74 15.51 10.53
CA ASN A 310 8.39 15.60 11.05
C ASN A 310 7.41 15.64 9.89
N PHE A 311 6.25 15.00 10.05
CA PHE A 311 5.14 15.19 9.13
C PHE A 311 3.82 15.29 9.91
N PHE A 312 2.85 15.97 9.30
CA PHE A 312 1.51 16.09 9.86
C PHE A 312 0.57 15.12 9.14
N LEU A 313 0.13 14.08 9.86
CA LEU A 313 -0.81 13.10 9.33
C LEU A 313 -2.22 13.68 9.35
N ASN A 314 -2.81 13.84 8.16
CA ASN A 314 -4.17 14.36 8.06
C ASN A 314 -5.18 13.24 8.35
N ILE A 315 -5.70 13.22 9.58
CA ILE A 315 -6.66 12.19 9.98
C ILE A 315 -7.95 12.35 9.18
N ASP A 316 -8.38 13.60 8.97
CA ASP A 316 -9.57 13.89 8.19
C ASP A 316 -9.50 13.32 6.78
N ALA A 317 -8.27 13.12 6.27
CA ALA A 317 -8.07 12.47 4.98
C ALA A 317 -8.44 11.00 5.00
N PHE A 318 -8.71 10.44 6.18
CA PHE A 318 -9.15 9.05 6.30
C PHE A 318 -10.67 8.91 6.34
N TYR A 319 -11.41 10.02 6.27
CA TYR A 319 -12.86 9.98 6.39
C TYR A 319 -13.45 8.94 5.45
N THR A 320 -13.17 9.08 4.14
CA THR A 320 -13.69 8.17 3.15
C THR A 320 -13.17 6.74 3.31
N ASP A 321 -11.96 6.59 3.83
CA ASP A 321 -11.40 5.25 4.04
C ASP A 321 -12.11 4.50 5.15
N VAL A 322 -12.61 5.25 6.14
CA VAL A 322 -13.28 4.70 7.30
C VAL A 322 -14.78 4.63 7.05
N VAL A 323 -15.37 5.77 6.69
CA VAL A 323 -16.83 5.90 6.58
C VAL A 323 -17.36 5.46 5.21
N GLY A 324 -16.59 5.71 4.15
CA GLY A 324 -17.00 5.40 2.79
C GLY A 324 -17.63 6.58 2.07
N LYS A 325 -18.00 6.36 0.79
CA LYS A 325 -18.63 7.38 -0.03
C LYS A 325 -20.02 7.76 0.46
N LYS A 326 -20.79 6.78 0.95
CA LYS A 326 -22.04 7.01 1.64
C LYS A 326 -21.79 6.92 3.14
N LYS A 327 -22.54 7.70 3.93
CA LYS A 327 -22.46 7.60 5.39
C LYS A 327 -22.66 6.13 5.76
N SER A 328 -21.97 5.69 6.83
CA SER A 328 -22.10 4.34 7.33
C SER A 328 -21.78 4.31 8.82
N ASN A 329 -22.13 3.21 9.50
CA ASN A 329 -21.89 3.08 10.93
C ASN A 329 -20.47 2.58 11.21
N THR A 330 -19.48 3.42 10.86
CA THR A 330 -18.09 3.10 11.10
C THR A 330 -17.38 4.25 11.78
N PHE A 331 -16.54 3.94 12.78
CA PHE A 331 -15.71 4.97 13.37
C PHE A 331 -14.27 4.49 13.55
N LEU A 332 -13.35 5.47 13.62
CA LEU A 332 -11.97 5.25 13.97
C LEU A 332 -11.71 5.86 15.34
N MET A 333 -11.09 5.07 16.22
CA MET A 333 -10.97 5.38 17.63
C MET A 333 -9.52 5.29 18.08
N GLY A 334 -9.12 6.20 18.98
CA GLY A 334 -7.75 6.26 19.50
C GLY A 334 -7.69 6.01 21.00
N LYS A 335 -6.59 6.48 21.62
CA LYS A 335 -6.37 6.37 23.05
C LYS A 335 -7.57 6.88 23.82
N ASP A 336 -7.96 6.14 24.88
CA ASP A 336 -9.05 6.51 25.76
C ASP A 336 -10.43 6.57 25.10
N GLY A 337 -10.58 5.93 23.93
CA GLY A 337 -11.84 5.92 23.22
C GLY A 337 -12.18 7.23 22.51
N ARG A 338 -11.14 7.96 22.10
CA ARG A 338 -11.32 9.23 21.41
C ARG A 338 -11.71 8.99 19.96
N LEU A 339 -12.78 9.67 19.53
CA LEU A 339 -13.29 9.52 18.17
C LEU A 339 -12.45 10.32 17.19
N LEU A 340 -11.61 9.62 16.41
CA LEU A 340 -10.76 10.25 15.41
C LEU A 340 -11.56 10.50 14.13
N ILE A 341 -12.33 9.50 13.69
CA ILE A 341 -13.21 9.65 12.55
C ILE A 341 -14.60 9.15 12.92
N ASN A 342 -15.63 9.86 12.45
CA ASN A 342 -17.01 9.51 12.73
C ASN A 342 -17.93 10.16 11.71
N PRO A 343 -18.99 9.45 11.26
CA PRO A 343 -19.95 10.05 10.33
C PRO A 343 -20.45 11.41 10.81
N ASN A 344 -20.86 11.48 12.08
CA ASN A 344 -21.18 12.74 12.71
C ASN A 344 -19.89 13.46 13.12
N ARG A 345 -19.65 14.61 12.48
CA ARG A 345 -18.40 15.33 12.66
C ARG A 345 -18.35 16.01 14.02
N GLU A 346 -19.54 16.23 14.61
CA GLU A 346 -19.65 16.94 15.88
C GLU A 346 -19.01 16.20 17.04
N ILE A 347 -18.88 14.87 16.94
CA ILE A 347 -18.30 14.09 18.02
C ILE A 347 -16.83 13.74 17.80
N GLN A 348 -16.24 14.27 16.72
CA GLN A 348 -14.82 14.10 16.48
C GLN A 348 -14.03 14.72 17.62
N ASP A 349 -12.99 14.01 18.07
CA ASP A 349 -12.10 14.44 19.14
C ASP A 349 -12.69 14.24 20.53
N LYS A 350 -13.96 13.81 20.60
CA LYS A 350 -14.65 13.58 21.85
C LYS A 350 -14.51 12.11 22.24
N ILE A 351 -14.43 11.85 23.54
CA ILE A 351 -14.34 10.48 24.06
C ILE A 351 -15.72 9.81 24.02
N LEU A 352 -15.72 8.49 23.78
CA LEU A 352 -16.96 7.73 23.69
C LEU A 352 -17.74 7.79 24.99
N SER A 353 -17.05 7.53 26.11
CA SER A 353 -17.68 7.50 27.42
C SER A 353 -18.18 8.87 27.89
N ALA A 354 -17.71 9.92 27.24
CA ALA A 354 -18.11 11.29 27.64
C ALA A 354 -19.27 11.75 26.76
N ILE A 355 -19.48 11.08 25.64
CA ILE A 355 -20.59 11.46 24.72
C ILE A 355 -21.79 10.57 25.06
N ASN A 356 -21.54 9.29 25.29
CA ASN A 356 -22.63 8.34 25.59
C ASN A 356 -22.68 8.05 27.08
N PRO A 357 -23.78 8.38 27.78
CA PRO A 357 -23.94 8.01 29.17
C PRO A 357 -23.82 6.51 29.45
N ASP A 358 -24.22 5.65 28.50
CA ASP A 358 -24.26 4.22 28.73
C ASP A 358 -22.85 3.70 29.04
N ARG A 359 -22.66 3.22 30.27
CA ARG A 359 -21.35 2.81 30.76
C ARG A 359 -20.82 1.56 30.05
N ARG A 360 -21.71 0.81 29.39
CA ARG A 360 -21.31 -0.36 28.64
C ARG A 360 -20.34 -0.06 27.49
N VAL A 361 -20.28 1.21 27.06
CA VAL A 361 -19.36 1.59 25.99
C VAL A 361 -17.91 1.38 26.40
N ALA A 362 -17.63 1.39 27.72
CA ALA A 362 -16.29 1.15 28.23
C ALA A 362 -15.70 -0.18 27.79
N LYS A 363 -16.53 -1.13 27.35
CA LYS A 363 -16.03 -2.41 26.87
C LYS A 363 -15.19 -2.20 25.62
N ALA A 364 -15.56 -1.21 24.79
CA ALA A 364 -14.82 -0.89 23.59
C ALA A 364 -13.39 -0.38 23.83
N VAL A 365 -13.20 0.46 24.85
CA VAL A 365 -11.88 0.95 25.23
C VAL A 365 -11.05 -0.18 25.87
N GLU A 366 -11.75 -1.10 26.53
CA GLU A 366 -11.14 -2.27 27.14
C GLU A 366 -10.62 -3.24 26.08
N TYR A 367 -11.44 -3.52 25.07
CA TYR A 367 -11.00 -4.29 23.91
C TYR A 367 -9.75 -3.64 23.31
N TYR A 368 -9.83 -2.32 23.10
CA TYR A 368 -8.74 -1.54 22.53
C TYR A 368 -7.46 -1.67 23.35
N ASN A 369 -7.56 -1.50 24.68
CA ASN A 369 -6.39 -1.53 25.54
C ASN A 369 -5.78 -2.92 25.67
N GLN A 370 -6.58 -3.97 25.45
CA GLN A 370 -6.09 -5.34 25.49
C GLN A 370 -5.73 -5.87 24.11
N ASN A 371 -5.85 -5.00 23.09
CA ASN A 371 -5.53 -5.38 21.73
C ASN A 371 -6.24 -6.69 21.34
N GLU A 372 -7.49 -6.83 21.78
CA GLU A 372 -8.33 -7.97 21.45
C GLU A 372 -9.57 -7.46 20.72
N ALA A 373 -9.90 -8.08 19.59
CA ALA A 373 -11.14 -7.78 18.89
C ALA A 373 -12.31 -8.38 19.67
N GLY A 374 -13.51 -7.81 19.47
CA GLY A 374 -14.70 -8.33 20.11
C GLY A 374 -15.93 -7.44 19.91
N THR A 375 -17.09 -7.99 20.28
CA THR A 375 -18.37 -7.29 20.18
C THR A 375 -18.85 -6.83 21.55
N LEU A 376 -19.83 -5.92 21.54
CA LEU A 376 -20.46 -5.42 22.76
C LEU A 376 -21.78 -4.73 22.40
N SER A 377 -22.62 -4.51 23.42
CA SER A 377 -23.91 -3.86 23.23
C SER A 377 -23.99 -2.59 24.08
N TYR A 378 -24.65 -1.57 23.53
CA TYR A 378 -24.85 -0.31 24.25
C TYR A 378 -26.03 0.47 23.67
N HIS A 379 -26.53 1.44 24.44
CA HIS A 379 -27.60 2.32 24.00
C HIS A 379 -27.02 3.51 23.23
N SER A 380 -27.61 3.80 22.06
CA SER A 380 -27.13 4.87 21.21
C SER A 380 -27.83 6.18 21.58
N LEU A 381 -27.05 7.26 21.70
CA LEU A 381 -27.61 8.58 21.95
C LEU A 381 -28.49 9.01 20.78
N SER A 382 -28.00 8.76 19.56
CA SER A 382 -28.73 9.09 18.33
C SER A 382 -29.66 7.95 17.93
N GLY A 383 -30.92 8.04 18.39
CA GLY A 383 -31.98 7.18 17.91
C GLY A 383 -32.74 6.35 18.95
N ASN A 384 -32.36 6.48 20.23
CA ASN A 384 -32.92 5.65 21.30
C ASN A 384 -33.06 4.20 20.84
N THR A 385 -31.93 3.60 20.46
CA THR A 385 -31.89 2.22 20.01
C THR A 385 -30.77 1.49 20.73
N GLU A 386 -30.96 0.17 20.91
CA GLU A 386 -29.90 -0.71 21.37
C GLU A 386 -28.96 -0.94 20.18
N THR A 387 -27.66 -0.69 20.41
CA THR A 387 -26.65 -0.78 19.38
C THR A 387 -25.70 -1.95 19.64
N PHE A 388 -25.37 -2.68 18.58
CA PHE A 388 -24.42 -3.78 18.64
C PHE A 388 -23.17 -3.29 17.93
N LEU A 389 -22.03 -3.37 18.62
CA LEU A 389 -20.77 -2.82 18.13
C LEU A 389 -19.64 -3.85 18.12
N ALA A 390 -18.94 -3.92 16.99
CA ALA A 390 -17.73 -4.72 16.87
C ALA A 390 -16.52 -3.78 16.90
N ILE A 391 -15.59 -4.04 17.83
CA ILE A 391 -14.35 -3.29 17.90
C ILE A 391 -13.19 -4.13 17.35
N GLN A 392 -12.39 -3.51 16.47
CA GLN A 392 -11.24 -4.18 15.90
C GLN A 392 -10.01 -3.33 16.18
N PRO A 393 -9.24 -3.61 17.25
CA PRO A 393 -8.00 -2.89 17.49
C PRO A 393 -6.93 -3.24 16.47
N PHE A 394 -6.02 -2.31 16.22
CA PHE A 394 -4.90 -2.56 15.32
C PHE A 394 -3.78 -1.55 15.55
N ASP A 395 -2.55 -2.01 15.39
CA ASP A 395 -1.40 -1.13 15.50
C ASP A 395 -1.14 -0.52 14.12
N PHE A 396 -1.06 0.82 14.09
CA PHE A 396 -0.78 1.54 12.86
C PHE A 396 0.72 1.80 12.73
N PHE A 397 1.50 1.25 13.67
CA PHE A 397 2.94 1.24 13.62
C PHE A 397 3.50 0.17 14.56
N GLU A 398 4.57 -0.50 14.11
CA GLU A 398 5.17 -1.63 14.83
C GLU A 398 6.22 -1.16 15.84
N ASN A 405 -0.03 1.00 23.81
CA ASN A 405 -1.27 1.55 23.19
C ASN A 405 -0.91 2.80 22.40
N HIS A 406 0.36 3.19 22.43
CA HIS A 406 0.78 4.46 21.77
C HIS A 406 0.49 4.40 20.27
N TRP A 407 0.82 3.29 19.63
CA TRP A 407 0.66 3.20 18.15
C TRP A 407 -0.51 2.28 17.82
N ARG A 408 -1.65 2.49 18.48
CA ARG A 408 -2.81 1.59 18.28
C ARG A 408 -4.09 2.38 18.06
N TRP A 409 -4.84 2.02 17.03
CA TRP A 409 -6.16 2.56 16.74
C TRP A 409 -7.14 1.40 16.77
N ALA A 410 -8.42 1.69 16.55
CA ALA A 410 -9.44 0.65 16.49
C ALA A 410 -10.54 1.09 15.54
N ILE A 411 -11.07 0.12 14.77
CA ILE A 411 -12.25 0.36 13.95
C ILE A 411 -13.47 -0.05 14.76
N GLY A 412 -14.55 0.71 14.58
CA GLY A 412 -15.84 0.34 15.13
C GLY A 412 -16.87 0.26 14.02
N LYS A 413 -17.48 -0.93 13.89
CA LYS A 413 -18.64 -1.15 13.04
C LYS A 413 -19.81 -1.45 13.97
N TYR A 414 -20.93 -0.74 13.78
CA TYR A 414 -22.09 -0.95 14.62
C TYR A 414 -23.38 -1.00 13.81
N VAL A 415 -24.42 -1.55 14.45
CA VAL A 415 -25.73 -1.71 13.83
C VAL A 415 -26.80 -1.71 14.91
N ASN A 416 -28.04 -1.44 14.49
CA ASN A 416 -29.22 -1.56 15.34
C ASN A 416 -29.39 -3.00 15.80
N LYS A 417 -29.14 -3.26 17.09
CA LYS A 417 -29.17 -4.61 17.64
C LYS A 417 -30.58 -5.19 17.60
N SER A 418 -31.57 -4.34 17.90
CA SER A 418 -32.95 -4.77 17.97
C SER A 418 -33.47 -5.17 16.60
N LEU A 419 -32.93 -4.55 15.54
CA LEU A 419 -33.29 -4.93 14.19
C LEU A 419 -32.55 -6.20 13.77
N VAL A 420 -31.22 -6.21 13.82
CA VAL A 420 -30.44 -7.32 13.29
C VAL A 420 -30.73 -8.67 13.94
N PHE A 421 -31.05 -8.68 15.23
CA PHE A 421 -31.35 -9.95 15.90
C PHE A 421 -32.84 -10.13 16.17
N SER A 422 -33.69 -9.39 15.44
CA SER A 422 -35.11 -9.69 15.41
C SER A 422 -35.41 -10.83 14.44
N SER A 423 -36.56 -11.49 14.66
CA SER A 423 -36.96 -12.63 13.86
C SER A 423 -37.14 -12.27 12.38
N HIS A 424 -36.90 -13.25 11.49
CA HIS A 424 -37.11 -13.06 10.07
C HIS A 424 -38.47 -13.62 9.62
N SER A 425 -39.23 -12.82 8.88
CA SER A 425 -40.42 -13.30 8.20
C SER A 425 -40.11 -13.47 6.73
N ASN A 426 -40.74 -14.47 6.10
CA ASN A 426 -40.34 -14.90 4.77
C ASN A 426 -41.52 -14.94 3.81
N VAL A 427 -41.20 -14.73 2.53
CA VAL A 427 -42.19 -14.77 1.46
C VAL A 427 -41.56 -15.59 0.33
N TYR A 428 -42.31 -16.59 -0.14
CA TYR A 428 -41.84 -17.47 -1.20
C TYR A 428 -42.26 -16.89 -2.54
N ILE A 429 -41.33 -16.20 -3.21
CA ILE A 429 -41.62 -15.56 -4.48
C ILE A 429 -41.62 -16.56 -5.62
N THR A 430 -42.73 -16.59 -6.36
CA THR A 430 -42.91 -17.55 -7.45
C THR A 430 -43.41 -16.81 -8.68
N ALA A 431 -43.01 -17.28 -9.86
CA ALA A 431 -43.32 -16.60 -11.11
C ALA A 431 -44.73 -16.92 -11.57
N ASP A 432 -45.43 -15.90 -12.07
CA ASP A 432 -46.70 -16.08 -12.74
C ASP A 432 -46.49 -15.72 -14.21
N LYS A 433 -46.34 -16.73 -15.06
CA LYS A 433 -46.04 -16.51 -16.47
C LYS A 433 -47.22 -15.83 -17.19
N GLN A 434 -48.44 -16.28 -16.92
CA GLN A 434 -49.62 -15.74 -17.62
C GLN A 434 -49.69 -14.22 -17.46
N LYS A 435 -48.97 -13.66 -16.48
CA LYS A 435 -49.11 -12.21 -16.21
C LYS A 435 -47.74 -11.53 -16.15
N ASN A 436 -46.75 -12.06 -16.86
CA ASN A 436 -45.40 -11.45 -16.90
C ASN A 436 -45.00 -10.95 -15.51
N GLY A 437 -45.40 -11.67 -14.46
CA GLY A 437 -45.12 -11.14 -13.12
C GLY A 437 -44.83 -12.21 -12.11
N ILE A 438 -45.15 -11.93 -10.85
CA ILE A 438 -44.83 -12.87 -9.75
C ILE A 438 -46.05 -13.04 -8.84
N LYS A 439 -45.97 -14.04 -7.96
CA LYS A 439 -47.07 -14.31 -7.01
C LYS A 439 -46.45 -14.80 -5.70
N ALA A 440 -47.19 -14.71 -4.60
CA ALA A 440 -46.70 -15.12 -3.30
C ALA A 440 -47.84 -15.20 -2.29
N ASN A 441 -47.78 -16.21 -1.43
CA ASN A 441 -48.71 -16.38 -0.34
C ASN A 441 -47.88 -16.53 0.94
N PHE A 442 -48.26 -15.83 2.02
CA PHE A 442 -47.52 -15.93 3.27
C PHE A 442 -48.40 -15.52 4.45
N LYS A 443 -47.95 -15.93 5.65
CA LYS A 443 -48.70 -15.71 6.87
C LYS A 443 -47.97 -14.78 7.85
N ILE A 444 -48.58 -13.63 8.13
CA ILE A 444 -48.14 -12.74 9.19
C ILE A 444 -48.90 -13.08 10.46
N ARG A 445 -48.16 -13.11 11.56
CA ARG A 445 -48.75 -13.42 12.88
C ARG A 445 -48.60 -12.20 13.78
N HIS A 446 -49.70 -11.52 14.07
CA HIS A 446 -49.71 -10.36 14.96
C HIS A 446 -49.98 -10.79 16.39
N ASN A 447 -49.19 -10.26 17.33
CA ASN A 447 -49.38 -10.54 18.76
C ASN A 447 -50.59 -9.79 19.30
N ILE A 448 -51.49 -10.53 19.96
CA ILE A 448 -52.66 -9.95 20.59
C ILE A 448 -52.33 -9.58 22.04
N GLU A 449 -52.88 -8.46 22.50
CA GLU A 449 -52.76 -8.03 23.89
C GLU A 449 -53.07 -9.14 24.88
N ASP A 450 -52.18 -9.32 25.87
CA ASP A 450 -52.36 -10.24 26.98
C ASP A 450 -52.38 -11.72 26.61
N GLY A 451 -52.08 -12.03 25.34
CA GLY A 451 -51.89 -13.40 24.92
C GLY A 451 -52.52 -13.72 23.56
N GLY A 452 -51.90 -14.66 22.85
CA GLY A 452 -52.42 -15.18 21.59
C GLY A 452 -51.92 -14.49 20.32
N VAL A 453 -52.20 -15.13 19.19
CA VAL A 453 -51.77 -14.69 17.88
C VAL A 453 -52.96 -14.45 16.95
N GLN A 454 -52.94 -13.29 16.27
CA GLN A 454 -53.89 -12.96 15.23
C GLN A 454 -53.25 -13.21 13.86
N LEU A 455 -53.74 -14.23 13.16
CA LEU A 455 -53.22 -14.57 11.84
C LEU A 455 -53.69 -13.56 10.81
N ALA A 456 -52.81 -13.29 9.84
CA ALA A 456 -53.13 -12.43 8.71
C ALA A 456 -52.58 -13.11 7.45
N ASP A 457 -53.48 -13.80 6.73
CA ASP A 457 -53.10 -14.63 5.61
C ASP A 457 -53.00 -13.79 4.34
N HIS A 458 -51.76 -13.60 3.86
CA HIS A 458 -51.48 -12.73 2.73
C HIS A 458 -51.48 -13.48 1.40
N TYR A 459 -52.14 -12.86 0.42
CA TYR A 459 -52.10 -13.34 -0.96
C TYR A 459 -51.68 -12.18 -1.83
N GLN A 460 -50.65 -12.40 -2.65
CA GLN A 460 -50.03 -11.33 -3.42
C GLN A 460 -49.85 -11.71 -4.88
N GLN A 461 -50.01 -10.70 -5.75
CA GLN A 461 -49.79 -10.82 -7.18
C GLN A 461 -49.24 -9.48 -7.68
N ASN A 462 -48.02 -9.51 -8.22
CA ASN A 462 -47.40 -8.33 -8.80
C ASN A 462 -47.34 -8.42 -10.33
N THR A 463 -47.76 -7.34 -10.99
CA THR A 463 -47.71 -7.24 -12.44
C THR A 463 -46.96 -5.97 -12.84
N PRO A 464 -46.05 -6.03 -13.84
CA PRO A 464 -45.37 -4.83 -14.32
C PRO A 464 -46.30 -3.82 -14.97
N ILE A 465 -45.92 -2.55 -14.86
CA ILE A 465 -46.55 -1.43 -15.55
C ILE A 465 -45.71 -1.24 -16.80
N GLY A 466 -46.36 -1.32 -17.97
CA GLY A 466 -45.64 -1.21 -19.24
C GLY A 466 -45.21 -2.57 -19.77
N ASP A 467 -45.16 -2.67 -21.11
CA ASP A 467 -45.00 -3.93 -21.80
C ASP A 467 -43.56 -4.12 -22.23
N GLY A 468 -42.62 -3.78 -21.34
CA GLY A 468 -41.20 -3.98 -21.57
C GLY A 468 -40.70 -5.28 -20.95
N PRO A 469 -39.45 -5.72 -21.27
CA PRO A 469 -38.94 -6.98 -20.76
C PRO A 469 -38.65 -6.94 -19.26
N VAL A 470 -39.10 -7.98 -18.56
CA VAL A 470 -38.87 -8.11 -17.12
C VAL A 470 -38.31 -9.50 -16.82
N LEU A 471 -37.67 -9.62 -15.65
CA LEU A 471 -37.09 -10.86 -15.18
C LEU A 471 -38.12 -11.66 -14.37
N LEU A 472 -38.67 -12.72 -14.97
CA LEU A 472 -39.50 -13.67 -14.24
C LEU A 472 -38.58 -14.65 -13.51
N PRO A 473 -38.58 -14.64 -12.16
CA PRO A 473 -37.57 -15.37 -11.38
C PRO A 473 -37.88 -16.84 -11.18
N ASP A 474 -36.83 -17.60 -10.86
CA ASP A 474 -36.99 -18.91 -10.25
C ASP A 474 -37.53 -18.70 -8.84
N ASN A 475 -38.14 -19.74 -8.28
CA ASN A 475 -38.66 -19.66 -6.94
C ASN A 475 -37.52 -19.29 -6.00
N HIS A 476 -37.81 -18.41 -5.04
CA HIS A 476 -36.85 -17.98 -4.04
C HIS A 476 -37.57 -17.29 -2.88
N TYR A 477 -36.78 -16.94 -1.85
CA TYR A 477 -37.33 -16.35 -0.64
C TYR A 477 -36.88 -14.89 -0.52
N LEU A 478 -37.75 -14.08 0.09
CA LEU A 478 -37.39 -12.77 0.60
C LEU A 478 -37.56 -12.87 2.11
N SER A 479 -36.61 -12.30 2.86
CA SER A 479 -36.61 -12.42 4.30
C SER A 479 -36.58 -11.02 4.90
N THR A 480 -37.57 -10.70 5.72
CA THR A 480 -37.67 -9.37 6.28
C THR A 480 -37.55 -9.35 7.80
N GLN A 481 -36.75 -8.40 8.31
CA GLN A 481 -36.74 -8.02 9.71
C GLN A 481 -37.33 -6.62 9.80
N SER A 482 -38.36 -6.45 10.63
CA SER A 482 -38.97 -5.16 10.84
C SER A 482 -38.96 -4.80 12.31
N LYS A 483 -38.78 -3.51 12.60
CA LYS A 483 -38.90 -3.01 13.96
C LYS A 483 -39.73 -1.72 13.93
N LEU A 484 -40.79 -1.70 14.74
CA LEU A 484 -41.64 -0.53 14.85
C LEU A 484 -41.18 0.30 16.04
N SER A 485 -41.25 1.62 15.89
CA SER A 485 -40.88 2.55 16.93
C SER A 485 -41.67 3.83 16.80
N LYS A 486 -41.41 4.78 17.71
CA LYS A 486 -42.09 6.06 17.71
C LYS A 486 -41.07 7.19 17.66
N ASP A 487 -41.43 8.28 16.99
CA ASP A 487 -40.65 9.51 17.05
C ASP A 487 -41.12 10.30 18.27
N PRO A 488 -40.26 10.50 19.30
CA PRO A 488 -40.67 11.18 20.52
C PRO A 488 -41.21 12.58 20.28
N ASN A 489 -40.78 13.21 19.17
CA ASN A 489 -41.21 14.56 18.83
C ASN A 489 -42.40 14.64 17.87
N GLU A 490 -42.91 13.49 17.42
CA GLU A 490 -44.08 13.48 16.56
C GLU A 490 -45.36 13.44 17.38
N LYS A 491 -46.14 14.53 17.31
CA LYS A 491 -47.38 14.65 18.07
C LYS A 491 -48.51 13.86 17.43
N ARG A 492 -48.43 13.63 16.12
CA ARG A 492 -49.49 12.94 15.39
C ARG A 492 -49.34 11.41 15.49
N ASP A 493 -50.41 10.71 15.08
CA ASP A 493 -50.39 9.26 15.00
C ASP A 493 -49.44 8.84 13.88
N HIS A 494 -48.45 8.01 14.24
CA HIS A 494 -47.34 7.73 13.35
C HIS A 494 -46.65 6.41 13.66
N MET A 495 -45.88 5.92 12.69
CA MET A 495 -45.07 4.72 12.86
C MET A 495 -43.71 4.97 12.22
N VAL A 496 -42.64 4.59 12.94
CA VAL A 496 -41.29 4.59 12.40
C VAL A 496 -40.96 3.13 12.13
N LEU A 497 -40.57 2.84 10.88
CA LEU A 497 -40.33 1.48 10.44
C LEU A 497 -38.90 1.35 9.92
N LEU A 498 -38.13 0.47 10.56
CA LEU A 498 -36.79 0.10 10.14
C LEU A 498 -36.82 -1.35 9.73
N GLU A 499 -36.25 -1.66 8.55
CA GLU A 499 -36.27 -3.02 8.03
C GLU A 499 -34.98 -3.42 7.33
N PHE A 500 -34.63 -4.71 7.43
CA PHE A 500 -33.70 -5.34 6.52
C PHE A 500 -34.48 -6.34 5.63
N VAL A 501 -34.19 -6.29 4.33
CA VAL A 501 -34.86 -7.16 3.37
C VAL A 501 -33.78 -7.81 2.51
N THR A 502 -33.74 -9.14 2.52
CA THR A 502 -32.71 -9.88 1.81
C THR A 502 -33.32 -11.07 1.06
N ALA A 503 -32.71 -11.40 -0.08
CA ALA A 503 -33.16 -12.50 -0.94
C ALA A 503 -32.24 -13.70 -0.80
N ALA A 504 -32.84 -14.89 -0.77
CA ALA A 504 -32.06 -16.13 -0.64
C ALA A 504 -32.75 -17.22 -1.45
N GLY A 505 -31.95 -18.12 -2.00
CA GLY A 505 -32.53 -19.21 -2.78
C GLY A 505 -31.59 -20.37 -2.97
N ILE A 506 -32.14 -21.56 -3.24
CA ILE A 506 -31.33 -22.76 -3.59
C ILE A 506 -31.34 -22.74 -5.11
N THR A 507 -30.43 -21.99 -5.73
CA THR A 507 -30.52 -21.82 -7.20
C THR A 507 -29.33 -22.41 -7.92
N LEU A 508 -28.18 -22.51 -7.26
CA LEU A 508 -27.03 -23.18 -7.91
C LEU A 508 -26.77 -24.51 -7.23
N GLY A 509 -27.73 -25.02 -6.46
CA GLY A 509 -27.47 -26.22 -5.67
C GLY A 509 -28.56 -27.30 -5.68
N MET A 510 -28.66 -28.00 -6.81
CA MET A 510 -29.47 -29.20 -6.96
C MET A 510 -28.77 -30.40 -6.32
N ASP A 511 -27.61 -30.17 -5.69
CA ASP A 511 -26.77 -31.22 -5.15
C ASP A 511 -27.33 -31.76 -3.84
N GLU A 512 -28.23 -30.99 -3.21
CA GLU A 512 -28.95 -31.45 -2.03
C GLU A 512 -30.20 -32.25 -2.38
N LEU A 513 -30.68 -32.07 -3.64
CA LEU A 513 -31.91 -32.69 -4.12
C LEU A 513 -33.11 -32.07 -3.40
N TYR A 514 -33.23 -30.74 -3.53
CA TYR A 514 -34.14 -29.91 -2.74
C TYR A 514 -35.08 -30.70 -1.87
N SER B 11 -10.05 -21.68 27.28
CA SER B 11 -9.53 -22.80 26.51
C SER B 11 -8.15 -22.54 25.91
N LYS B 12 -7.14 -23.31 26.35
CA LYS B 12 -5.86 -23.39 25.68
C LYS B 12 -5.92 -24.49 24.63
N GLY B 13 -7.04 -25.22 24.59
CA GLY B 13 -7.27 -26.27 23.62
C GLY B 13 -7.39 -25.78 22.18
N GLU B 14 -8.13 -24.67 21.98
CA GLU B 14 -8.30 -24.11 20.65
C GLU B 14 -6.97 -23.91 19.93
N GLU B 15 -5.92 -23.59 20.70
CA GLU B 15 -4.59 -23.36 20.15
C GLU B 15 -4.03 -24.57 19.41
N LEU B 16 -4.45 -25.78 19.81
CA LEU B 16 -4.06 -27.00 19.13
C LEU B 16 -4.73 -27.21 17.78
N PHE B 17 -5.79 -26.44 17.50
CA PHE B 17 -6.56 -26.58 16.26
C PHE B 17 -6.40 -25.40 15.31
N THR B 18 -5.23 -24.76 15.34
CA THR B 18 -4.94 -23.57 14.56
C THR B 18 -4.52 -23.91 13.14
N GLY B 19 -3.78 -25.01 12.99
CA GLY B 19 -3.39 -25.50 11.68
C GLY B 19 -4.15 -26.76 11.29
N VAL B 20 -3.71 -27.38 10.19
CA VAL B 20 -4.18 -28.70 9.81
C VAL B 20 -3.70 -29.70 10.85
N VAL B 21 -4.61 -30.56 11.33
CA VAL B 21 -4.26 -31.56 12.32
C VAL B 21 -4.45 -32.96 11.74
N PRO B 22 -3.44 -33.86 11.87
CA PRO B 22 -3.59 -35.25 11.46
C PRO B 22 -4.60 -36.02 12.31
N ILE B 23 -5.47 -36.79 11.64
CA ILE B 23 -6.51 -37.58 12.29
C ILE B 23 -6.23 -39.06 12.13
N LEU B 24 -6.50 -39.83 13.20
CA LEU B 24 -6.47 -41.27 13.19
C LEU B 24 -7.70 -41.76 13.93
N VAL B 25 -8.36 -42.80 13.41
CA VAL B 25 -9.55 -43.37 14.02
C VAL B 25 -9.46 -44.90 13.98
N GLU B 26 -9.65 -45.53 15.14
CA GLU B 26 -9.67 -46.99 15.27
C GLU B 26 -11.02 -47.39 15.86
N LEU B 27 -11.78 -48.23 15.14
CA LEU B 27 -13.07 -48.72 15.58
C LEU B 27 -13.04 -50.23 15.74
N ASP B 28 -13.49 -50.71 16.92
CA ASP B 28 -13.63 -52.12 17.21
C ASP B 28 -15.12 -52.40 17.36
N GLY B 29 -15.66 -53.22 16.46
CA GLY B 29 -17.11 -53.39 16.36
C GLY B 29 -17.59 -54.83 16.53
N ASP B 30 -18.82 -54.93 17.05
CA ASP B 30 -19.52 -56.20 17.19
C ASP B 30 -21.01 -55.92 17.03
N VAL B 31 -21.63 -56.44 15.97
CA VAL B 31 -23.04 -56.25 15.69
C VAL B 31 -23.70 -57.60 15.47
N ASN B 32 -24.63 -57.94 16.36
CA ASN B 32 -25.19 -59.29 16.43
C ASN B 32 -24.19 -60.44 16.33
N GLY B 33 -23.04 -60.35 16.99
CA GLY B 33 -22.07 -61.42 16.91
C GLY B 33 -21.10 -61.34 15.73
N HIS B 34 -21.36 -60.42 14.79
CA HIS B 34 -20.46 -60.19 13.67
C HIS B 34 -19.41 -59.16 14.05
N LYS B 35 -18.20 -59.66 14.38
CA LYS B 35 -17.11 -58.79 14.83
C LYS B 35 -16.43 -58.19 13.60
N PHE B 36 -15.98 -56.94 13.74
CA PHE B 36 -15.27 -56.25 12.67
C PHE B 36 -14.42 -55.11 13.22
N SER B 37 -13.47 -54.64 12.39
CA SER B 37 -12.57 -53.56 12.76
C SER B 37 -12.42 -52.55 11.62
N VAL B 38 -12.47 -51.25 11.96
CA VAL B 38 -12.34 -50.18 10.99
C VAL B 38 -11.19 -49.26 11.39
N SER B 39 -10.31 -48.97 10.42
CA SER B 39 -9.20 -48.06 10.62
C SER B 39 -9.37 -46.85 9.72
N GLY B 40 -9.17 -45.65 10.28
CA GLY B 40 -9.30 -44.40 9.53
C GLY B 40 -8.10 -43.49 9.65
N GLU B 41 -7.86 -42.70 8.60
CA GLU B 41 -6.72 -41.78 8.54
C GLU B 41 -7.22 -40.54 7.80
N GLY B 42 -6.60 -39.38 8.07
CA GLY B 42 -6.97 -38.15 7.40
C GLY B 42 -6.50 -36.90 8.14
N GLU B 43 -7.15 -35.77 7.88
CA GLU B 43 -6.76 -34.51 8.48
C GLU B 43 -7.95 -33.58 8.67
N GLY B 44 -7.86 -32.69 9.68
CA GLY B 44 -8.87 -31.70 9.96
C GLY B 44 -8.31 -30.28 9.99
N ASP B 45 -9.14 -29.30 9.62
CA ASP B 45 -8.84 -27.89 9.83
C ASP B 45 -10.05 -27.17 10.41
N ALA B 46 -10.01 -26.95 11.73
CA ALA B 46 -11.11 -26.35 12.46
C ALA B 46 -11.38 -24.92 12.02
N THR B 47 -10.33 -24.24 11.54
CA THR B 47 -10.45 -22.91 10.96
C THR B 47 -11.56 -22.81 9.94
N TYR B 48 -11.70 -23.86 9.11
CA TYR B 48 -12.70 -23.89 8.06
C TYR B 48 -13.80 -24.94 8.31
N GLY B 49 -13.61 -25.75 9.36
CA GLY B 49 -14.53 -26.83 9.67
C GLY B 49 -14.41 -28.00 8.69
N LYS B 50 -13.23 -28.13 8.06
CA LYS B 50 -13.03 -29.10 6.99
C LYS B 50 -12.48 -30.41 7.56
N LEU B 51 -13.06 -31.53 7.11
CA LEU B 51 -12.54 -32.86 7.43
C LEU B 51 -12.35 -33.64 6.13
N THR B 52 -11.20 -34.30 6.01
CA THR B 52 -10.90 -35.17 4.89
C THR B 52 -10.43 -36.49 5.48
N LEU B 53 -11.24 -37.54 5.30
CA LEU B 53 -11.00 -38.82 5.95
C LEU B 53 -11.19 -39.99 4.99
N LYS B 54 -10.36 -41.03 5.17
CA LYS B 54 -10.57 -42.30 4.51
C LYS B 54 -10.61 -43.39 5.57
N PHE B 55 -11.63 -44.25 5.49
CA PHE B 55 -11.80 -45.36 6.42
C PHE B 55 -11.70 -46.70 5.69
N ILE B 56 -11.01 -47.65 6.33
CA ILE B 56 -10.86 -49.00 5.81
C ILE B 56 -11.37 -49.99 6.85
N CYS B 57 -12.13 -51.00 6.40
CA CYS B 57 -12.45 -52.15 7.21
C CYS B 57 -11.33 -53.18 7.07
N THR B 58 -10.65 -53.49 8.18
CA THR B 58 -9.49 -54.37 8.14
C THR B 58 -9.82 -55.85 8.28
N THR B 59 -11.06 -56.16 8.65
CA THR B 59 -11.48 -57.55 8.89
C THR B 59 -12.08 -58.23 7.66
N GLY B 60 -12.23 -57.48 6.56
CA GLY B 60 -12.86 -57.99 5.36
C GLY B 60 -14.06 -57.12 4.97
N LYS B 61 -15.21 -57.75 4.76
CA LYS B 61 -16.43 -57.04 4.43
C LYS B 61 -17.01 -56.46 5.73
N LEU B 62 -17.51 -55.23 5.64
CA LEU B 62 -18.17 -54.60 6.78
C LEU B 62 -19.58 -55.18 6.86
N PRO B 63 -20.03 -55.64 8.06
CA PRO B 63 -21.34 -56.25 8.20
C PRO B 63 -22.51 -55.26 8.31
N VAL B 64 -22.20 -53.96 8.25
CA VAL B 64 -23.21 -52.92 8.37
C VAL B 64 -22.94 -51.89 7.28
N PRO B 65 -23.94 -51.10 6.82
CA PRO B 65 -23.68 -50.07 5.83
C PRO B 65 -22.83 -48.92 6.37
N TRP B 66 -21.90 -48.45 5.54
CA TRP B 66 -20.97 -47.38 5.93
C TRP B 66 -21.68 -46.14 6.46
N PRO B 67 -22.79 -45.67 5.83
CA PRO B 67 -23.53 -44.53 6.33
C PRO B 67 -23.96 -44.64 7.80
N THR B 68 -24.21 -45.86 8.28
CA THR B 68 -24.61 -46.06 9.66
C THR B 68 -23.50 -45.73 10.64
N LEU B 69 -22.27 -45.67 10.14
CA LEU B 69 -21.09 -45.47 11.03
C LEU B 69 -20.44 -44.07 10.90
N VAL B 70 -20.98 -43.16 10.11
CA VAL B 70 -20.30 -41.85 9.86
C VAL B 70 -20.34 -40.96 11.12
N THR B 71 -21.36 -41.05 11.94
CA THR B 71 -21.47 -40.16 13.12
C THR B 71 -20.64 -40.73 14.24
N THR B 72 -20.31 -42.01 14.16
CA THR B 72 -19.50 -42.67 15.21
C THR B 72 -18.06 -42.43 14.88
N LEU B 73 -17.69 -42.61 13.62
CA LEU B 73 -16.30 -42.42 13.17
C LEU B 73 -15.98 -40.93 13.07
CD2 SWG B 74 -22.91 -35.74 12.68
CE3 SWG B 74 -23.81 -35.20 13.59
CZ3 SWG B 74 -25.05 -34.79 13.15
CH2 SWG B 74 -25.38 -34.92 11.84
CZ2 SWG B 74 -24.51 -35.46 10.89
CE2 SWG B 74 -23.28 -35.86 11.34
NE1 SWG B 74 -22.24 -36.42 10.62
CD1 SWG B 74 -21.23 -36.65 11.51
CG SWG B 74 -21.56 -36.27 12.78
CB2 SWG B 74 -20.76 -36.34 14.04
CA2 SWG B 74 -19.58 -37.01 14.08
N2 SWG B 74 -18.85 -37.44 13.00
C2 SWG B 74 -18.82 -37.41 15.26
O2 SWG B 74 -19.08 -37.25 16.45
N3 SWG B 74 -17.75 -38.05 14.77
CA3 SWG B 74 -16.70 -38.62 15.51
C3 SWG B 74 -15.68 -37.72 16.21
O3 SWG B 74 -15.44 -38.48 17.14
C1 SWG B 74 -17.78 -38.06 13.47
CA1 SWG B 74 -16.75 -38.66 12.57
N1 SWG B 74 -16.93 -40.11 12.63
CB1 SWG B 74 -16.94 -38.17 11.13
OG1 SWG B 74 -15.73 -37.58 10.68
N VAL B 75 -15.48 -36.39 16.39
CA VAL B 75 -14.38 -35.55 15.82
C VAL B 75 -14.98 -34.13 15.68
N GLN B 76 -15.90 -33.78 16.57
CA GLN B 76 -16.52 -32.44 16.54
C GLN B 76 -15.48 -31.44 17.04
N CYS B 77 -14.33 -31.93 17.48
CA CYS B 77 -13.21 -31.06 17.91
C CYS B 77 -12.81 -30.18 16.72
N PHE B 78 -13.25 -30.56 15.53
CA PHE B 78 -12.91 -29.84 14.31
C PHE B 78 -14.06 -28.98 13.79
N ALA B 79 -15.07 -28.72 14.63
CA ALA B 79 -16.16 -27.85 14.24
C ALA B 79 -15.63 -26.43 14.19
N ARG B 80 -16.13 -25.65 13.22
CA ARG B 80 -15.71 -24.24 13.06
C ARG B 80 -16.60 -23.38 13.94
N TYR B 81 -16.00 -22.78 14.97
CA TYR B 81 -16.77 -21.97 15.92
C TYR B 81 -16.46 -20.53 15.67
N PRO B 82 -17.45 -19.73 15.26
CA PRO B 82 -17.24 -18.29 15.14
C PRO B 82 -16.60 -17.68 16.39
N ASP B 83 -15.69 -16.72 16.22
CA ASP B 83 -15.09 -16.00 17.34
C ASP B 83 -16.06 -15.68 18.47
N HIS B 84 -17.23 -15.16 18.13
CA HIS B 84 -18.23 -14.75 19.16
C HIS B 84 -18.84 -15.95 19.89
N MET B 85 -18.54 -17.17 19.44
CA MET B 85 -19.16 -18.36 20.03
C MET B 85 -18.06 -19.27 20.60
N LYS B 86 -16.83 -18.79 20.65
CA LYS B 86 -15.68 -19.65 21.04
C LYS B 86 -15.80 -20.14 22.48
N GLN B 87 -16.23 -19.28 23.38
CA GLN B 87 -16.40 -19.66 24.78
C GLN B 87 -17.36 -20.84 24.98
N HIS B 88 -18.00 -21.31 23.91
CA HIS B 88 -18.94 -22.41 23.98
C HIS B 88 -18.42 -23.68 23.30
N ASP B 89 -17.10 -23.74 23.08
CA ASP B 89 -16.47 -24.89 22.44
C ASP B 89 -15.89 -25.80 23.52
N PHE B 90 -16.74 -26.72 24.00
CA PHE B 90 -16.34 -27.75 24.96
C PHE B 90 -15.29 -28.71 24.38
N PHE B 91 -15.49 -29.10 23.11
CA PHE B 91 -14.72 -30.17 22.50
C PHE B 91 -13.23 -29.84 22.49
N LYS B 92 -12.91 -28.63 22.04
CA LYS B 92 -11.51 -28.20 21.98
C LYS B 92 -10.98 -27.90 23.38
N SER B 93 -11.84 -27.34 24.25
CA SER B 93 -11.42 -27.01 25.60
C SER B 93 -10.95 -28.24 26.39
N ALA B 94 -11.47 -29.42 26.03
CA ALA B 94 -11.08 -30.66 26.69
C ALA B 94 -9.72 -31.19 26.22
N MET B 95 -9.17 -30.58 25.16
CA MET B 95 -7.91 -31.05 24.58
C MET B 95 -6.73 -30.42 25.30
N PRO B 96 -5.54 -31.06 25.37
CA PRO B 96 -5.26 -32.31 24.65
C PRO B 96 -5.64 -33.59 25.38
N GLU B 97 -6.09 -33.46 26.64
CA GLU B 97 -6.36 -34.62 27.48
C GLU B 97 -7.48 -35.46 26.89
N GLY B 98 -8.50 -34.79 26.32
CA GLY B 98 -9.54 -35.43 25.54
C GLY B 98 -10.88 -35.55 26.24
N TYR B 99 -11.86 -36.12 25.54
CA TYR B 99 -13.18 -36.37 26.09
C TYR B 99 -13.65 -37.78 25.71
N VAL B 100 -14.50 -38.36 26.57
CA VAL B 100 -15.19 -39.60 26.26
C VAL B 100 -16.51 -39.24 25.58
N GLN B 101 -16.80 -39.93 24.46
CA GLN B 101 -18.02 -39.71 23.71
C GLN B 101 -18.79 -41.03 23.58
N GLU B 102 -19.87 -41.14 24.36
CA GLU B 102 -20.76 -42.27 24.30
C GLU B 102 -22.02 -41.91 23.55
N ARG B 103 -22.52 -42.86 22.75
CA ARG B 103 -23.81 -42.71 22.11
C ARG B 103 -24.64 -43.98 22.18
N THR B 104 -25.96 -43.80 22.02
CA THR B 104 -26.87 -44.90 21.75
C THR B 104 -27.65 -44.48 20.50
N ILE B 105 -27.60 -45.33 19.47
CA ILE B 105 -28.26 -45.05 18.21
C ILE B 105 -29.36 -46.09 18.02
N PHE B 106 -30.61 -45.64 18.05
CA PHE B 106 -31.76 -46.52 17.87
C PHE B 106 -32.21 -46.49 16.41
N PHE B 107 -32.06 -47.62 15.72
CA PHE B 107 -32.62 -47.77 14.38
C PHE B 107 -34.06 -48.23 14.54
N LYS B 108 -34.99 -47.40 14.07
CA LYS B 108 -36.41 -47.68 14.22
C LYS B 108 -36.71 -49.05 13.62
N ASP B 109 -37.53 -49.85 14.31
CA ASP B 109 -37.85 -51.20 13.90
C ASP B 109 -36.61 -52.05 13.58
N ASP B 110 -35.56 -51.89 14.39
CA ASP B 110 -34.36 -52.69 14.23
C ASP B 110 -33.47 -52.55 15.46
N GLY B 111 -32.22 -53.02 15.36
CA GLY B 111 -31.30 -53.00 16.49
C GLY B 111 -30.77 -51.62 16.84
N ASN B 112 -29.84 -51.59 17.81
CA ASN B 112 -29.24 -50.35 18.25
C ASN B 112 -27.73 -50.48 18.40
N TYR B 113 -27.02 -49.38 18.11
CA TYR B 113 -25.61 -49.25 18.38
C TYR B 113 -25.40 -48.62 19.76
N LYS B 114 -24.42 -49.16 20.50
CA LYS B 114 -23.89 -48.53 21.69
C LYS B 114 -22.39 -48.30 21.47
N THR B 115 -22.01 -47.04 21.40
CA THR B 115 -20.62 -46.66 21.16
C THR B 115 -20.08 -45.92 22.37
N ARG B 116 -18.82 -46.24 22.71
CA ARG B 116 -18.02 -45.48 23.64
C ARG B 116 -16.69 -45.19 22.94
N ALA B 117 -16.34 -43.89 22.84
CA ALA B 117 -15.11 -43.48 22.19
C ALA B 117 -14.28 -42.54 23.05
N GLU B 118 -12.98 -42.46 22.74
CA GLU B 118 -12.07 -41.53 23.38
C GLU B 118 -11.42 -40.69 22.31
N VAL B 119 -11.74 -39.39 22.30
CA VAL B 119 -11.16 -38.44 21.36
C VAL B 119 -10.13 -37.61 22.10
N LYS B 120 -8.85 -37.88 21.81
CA LYS B 120 -7.74 -37.27 22.52
C LYS B 120 -6.56 -37.10 21.57
N PHE B 121 -5.57 -36.32 22.01
CA PHE B 121 -4.32 -36.12 21.29
C PHE B 121 -3.26 -37.15 21.72
N GLU B 122 -2.59 -37.74 20.73
CA GLU B 122 -1.43 -38.57 20.95
C GLU B 122 -0.31 -37.99 20.09
N GLY B 123 0.50 -37.12 20.69
CA GLY B 123 1.40 -36.28 19.93
C GLY B 123 0.62 -35.26 19.12
N ASP B 124 1.04 -35.04 17.88
CA ASP B 124 0.37 -34.13 16.97
C ASP B 124 -0.93 -34.69 16.40
N THR B 125 -1.18 -35.99 16.64
CA THR B 125 -2.33 -36.66 16.06
C THR B 125 -3.53 -36.67 17.00
N LEU B 126 -4.67 -36.18 16.49
CA LEU B 126 -5.95 -36.30 17.17
C LEU B 126 -6.49 -37.70 16.87
N VAL B 127 -6.66 -38.52 17.91
CA VAL B 127 -7.08 -39.90 17.74
C VAL B 127 -8.51 -40.09 18.23
N ASN B 128 -9.22 -41.03 17.58
CA ASN B 128 -10.56 -41.40 17.98
C ASN B 128 -10.64 -42.92 18.07
N ARG B 129 -10.55 -43.44 19.30
CA ARG B 129 -10.64 -44.88 19.53
C ARG B 129 -12.06 -45.20 19.96
N ILE B 130 -12.71 -46.12 19.23
CA ILE B 130 -14.12 -46.40 19.39
C ILE B 130 -14.36 -47.89 19.64
N GLU B 131 -15.19 -48.19 20.65
CA GLU B 131 -15.70 -49.53 20.87
C GLU B 131 -17.20 -49.47 20.63
N LEU B 132 -17.70 -50.34 19.76
CA LEU B 132 -19.08 -50.32 19.31
C LEU B 132 -19.70 -51.70 19.53
N LYS B 133 -20.90 -51.73 20.10
CA LYS B 133 -21.62 -52.97 20.33
C LYS B 133 -23.04 -52.80 19.79
N GLY B 134 -23.42 -53.69 18.87
CA GLY B 134 -24.74 -53.66 18.26
C GLY B 134 -25.52 -54.92 18.59
N ILE B 135 -26.80 -54.74 18.98
CA ILE B 135 -27.65 -55.86 19.34
C ILE B 135 -29.05 -55.67 18.76
N ASP B 136 -29.84 -56.77 18.77
CA ASP B 136 -31.25 -56.78 18.42
C ASP B 136 -31.54 -56.41 16.97
N PHE B 137 -30.59 -56.71 16.06
CA PHE B 137 -30.77 -56.38 14.66
C PHE B 137 -31.44 -57.53 13.92
N LYS B 138 -32.22 -57.18 12.89
CA LYS B 138 -32.81 -58.16 11.99
C LYS B 138 -31.78 -58.48 10.92
N GLU B 139 -31.50 -59.78 10.73
CA GLU B 139 -30.53 -60.23 9.74
C GLU B 139 -30.96 -59.87 8.32
N ASP B 140 -32.27 -59.74 8.10
CA ASP B 140 -32.82 -59.36 6.82
C ASP B 140 -33.23 -57.89 6.74
N GLY B 141 -32.95 -57.14 7.81
CA GLY B 141 -33.31 -55.74 7.89
C GLY B 141 -32.25 -54.78 7.33
N ASN B 142 -32.66 -53.54 7.09
CA ASN B 142 -31.91 -52.56 6.33
C ASN B 142 -30.42 -52.44 6.64
N ILE B 143 -30.03 -52.73 7.88
CA ILE B 143 -28.65 -52.62 8.31
C ILE B 143 -27.90 -53.88 7.91
N LEU B 144 -28.15 -55.00 8.60
CA LEU B 144 -27.43 -56.23 8.35
C LEU B 144 -27.69 -56.80 6.97
N GLY B 145 -28.80 -56.39 6.35
CA GLY B 145 -29.12 -56.79 4.99
C GLY B 145 -28.59 -55.86 3.90
N HIS B 146 -27.83 -54.84 4.30
CA HIS B 146 -27.29 -53.82 3.41
C HIS B 146 -28.32 -53.35 2.39
N LYS B 147 -29.32 -52.61 2.89
CA LYS B 147 -30.38 -52.04 2.05
C LYS B 147 -30.43 -50.52 2.13
N LEU B 148 -29.43 -49.91 2.80
CA LEU B 148 -29.34 -48.47 2.89
C LEU B 148 -28.43 -47.96 1.77
N GLU B 149 -28.72 -46.75 1.27
CA GLU B 149 -27.95 -46.14 0.19
C GLU B 149 -26.68 -45.48 0.73
N TYR B 150 -25.79 -45.06 -0.18
CA TYR B 150 -24.48 -44.55 0.20
C TYR B 150 -24.50 -43.09 0.65
N ASN B 151 -25.34 -42.27 -0.01
CA ASN B 151 -25.52 -40.87 0.34
C ASN B 151 -27.00 -40.53 0.46
N SER B 152 -27.29 -39.35 1.05
CA SER B 152 -28.65 -38.89 1.23
C SER B 152 -29.30 -38.43 -0.07
N SER B 153 -30.62 -38.60 -0.16
CA SER B 153 -31.42 -38.15 -1.29
C SER B 153 -32.83 -37.82 -0.82
N GLY B 154 -33.53 -36.97 -1.59
CA GLY B 154 -34.90 -36.59 -1.27
C GLY B 154 -35.01 -35.45 -0.26
N ARG B 155 -36.23 -34.91 -0.14
CA ARG B 155 -36.50 -33.71 0.63
C ARG B 155 -36.86 -33.94 2.10
N THR B 156 -36.58 -35.14 2.62
CA THR B 156 -37.18 -35.61 3.87
C THR B 156 -37.15 -34.57 4.97
N GLY B 157 -35.94 -34.18 5.40
CA GLY B 157 -35.79 -33.24 6.50
C GLY B 157 -34.91 -32.04 6.20
N ILE B 158 -35.16 -31.37 5.06
CA ILE B 158 -34.43 -30.18 4.70
C ILE B 158 -35.45 -29.03 4.61
N ASP B 159 -35.23 -27.99 5.43
CA ASP B 159 -35.98 -26.76 5.34
C ASP B 159 -35.47 -25.97 4.15
N PRO B 160 -36.29 -25.77 3.08
CA PRO B 160 -35.86 -25.01 1.91
C PRO B 160 -35.31 -23.62 2.23
N PHE B 161 -35.98 -22.90 3.14
CA PHE B 161 -35.54 -21.56 3.52
C PHE B 161 -34.16 -21.59 4.17
N THR B 162 -33.97 -22.52 5.09
CA THR B 162 -32.70 -22.64 5.79
C THR B 162 -31.58 -22.95 4.81
N GLU B 163 -31.84 -23.85 3.87
CA GLU B 163 -30.85 -24.23 2.88
C GLU B 163 -30.61 -23.08 1.90
N SER B 164 -31.66 -22.33 1.56
CA SER B 164 -31.50 -21.12 0.78
C SER B 164 -30.51 -20.15 1.42
N VAL B 165 -30.68 -19.90 2.73
CA VAL B 165 -29.78 -19.02 3.46
C VAL B 165 -28.34 -19.52 3.37
N LEU B 166 -28.14 -20.80 3.72
CA LEU B 166 -26.80 -21.34 3.84
C LEU B 166 -26.10 -21.39 2.48
N GLN B 167 -26.80 -21.84 1.43
CA GLN B 167 -26.25 -21.87 0.09
C GLN B 167 -25.84 -20.48 -0.40
N SER B 168 -26.74 -19.51 -0.20
CA SER B 168 -26.47 -18.13 -0.62
C SER B 168 -25.25 -17.61 0.10
N GLN B 169 -25.15 -17.92 1.40
CA GLN B 169 -24.03 -17.56 2.23
C GLN B 169 -22.72 -18.13 1.68
N ALA B 170 -22.74 -19.43 1.33
CA ALA B 170 -21.56 -20.09 0.83
C ALA B 170 -21.07 -19.45 -0.46
N THR B 171 -22.00 -19.15 -1.37
CA THR B 171 -21.66 -18.59 -2.66
C THR B 171 -21.06 -17.19 -2.49
N GLU B 172 -21.71 -16.38 -1.65
CA GLU B 172 -21.25 -15.03 -1.37
C GLU B 172 -19.87 -15.03 -0.72
N LEU B 173 -19.68 -15.95 0.23
CA LEU B 173 -18.42 -16.09 0.94
C LEU B 173 -17.28 -16.40 -0.02
N LEU B 174 -17.49 -17.40 -0.90
CA LEU B 174 -16.49 -17.77 -1.89
C LEU B 174 -16.14 -16.59 -2.79
N GLN B 175 -17.17 -15.89 -3.29
CA GLN B 175 -16.94 -14.71 -4.10
C GLN B 175 -16.18 -13.63 -3.34
N LYS B 176 -16.51 -13.43 -2.06
CA LYS B 176 -15.91 -12.39 -1.25
C LYS B 176 -14.42 -12.66 -1.01
N LYS B 177 -14.08 -13.90 -0.65
CA LYS B 177 -12.71 -14.28 -0.40
C LYS B 177 -11.80 -14.08 -1.61
N ALA B 178 -12.34 -14.29 -2.82
CA ALA B 178 -11.60 -14.04 -4.04
C ALA B 178 -11.32 -12.56 -4.20
N GLN B 179 -12.34 -11.74 -3.95
CA GLN B 179 -12.21 -10.29 -3.94
C GLN B 179 -11.17 -9.78 -2.95
N LEU B 180 -11.10 -10.40 -1.76
CA LEU B 180 -10.19 -9.97 -0.73
C LEU B 180 -8.75 -10.30 -1.06
N VAL B 181 -8.51 -11.43 -1.74
CA VAL B 181 -7.12 -11.76 -2.17
C VAL B 181 -6.73 -10.76 -3.25
N SER B 182 -7.63 -10.49 -4.19
CA SER B 182 -7.37 -9.54 -5.29
C SER B 182 -6.88 -8.21 -4.73
N PHE B 183 -7.56 -7.70 -3.71
CA PHE B 183 -7.20 -6.39 -3.12
C PHE B 183 -5.80 -6.43 -2.57
N LYS B 184 -5.46 -7.51 -1.88
CA LYS B 184 -4.12 -7.62 -1.26
C LYS B 184 -3.07 -7.66 -2.37
N ILE B 185 -3.37 -8.37 -3.45
CA ILE B 185 -2.42 -8.40 -4.55
C ILE B 185 -2.27 -6.99 -5.12
N GLN B 186 -3.41 -6.32 -5.35
CA GLN B 186 -3.40 -4.95 -5.86
C GLN B 186 -2.62 -3.99 -4.96
N GLY B 187 -2.80 -4.16 -3.64
CA GLY B 187 -2.04 -3.37 -2.68
C GLY B 187 -0.53 -3.49 -2.93
N ILE B 188 -0.06 -4.73 -3.00
CA ILE B 188 1.35 -5.02 -3.21
C ILE B 188 1.84 -4.42 -4.52
N MET B 189 1.05 -4.56 -5.59
CA MET B 189 1.44 -4.07 -6.90
C MET B 189 1.39 -2.55 -7.00
N LYS B 190 0.43 -1.93 -6.30
CA LYS B 190 0.29 -0.48 -6.28
C LYS B 190 1.56 0.18 -5.77
N ARG B 191 2.13 -0.37 -4.70
CA ARG B 191 3.36 0.20 -4.09
C ARG B 191 4.54 0.03 -5.05
N ILE B 192 4.65 -1.14 -5.69
CA ILE B 192 5.71 -1.36 -6.67
C ILE B 192 5.70 -0.29 -7.75
N PHE B 193 4.53 -0.04 -8.34
CA PHE B 193 4.40 0.92 -9.42
C PHE B 193 4.54 2.36 -8.94
N MET B 194 4.16 2.61 -7.68
CA MET B 194 4.27 3.94 -7.13
C MET B 194 5.75 4.27 -6.98
N GLY B 195 6.51 3.33 -6.40
CA GLY B 195 7.95 3.46 -6.26
C GLY B 195 8.68 3.49 -7.60
N ALA B 196 8.21 2.70 -8.56
CA ALA B 196 8.80 2.66 -9.88
C ALA B 196 8.69 4.00 -10.60
N ASN B 197 7.55 4.66 -10.43
CA ASN B 197 7.33 6.00 -10.97
C ASN B 197 8.30 7.01 -10.36
N THR B 198 8.53 6.91 -9.05
CA THR B 198 9.42 7.82 -8.35
C THR B 198 10.86 7.62 -8.82
N LEU B 199 11.29 6.36 -8.92
CA LEU B 199 12.56 6.00 -9.51
C LEU B 199 12.70 6.64 -10.89
N GLU B 200 11.65 6.51 -11.71
CA GLU B 200 11.66 7.04 -13.06
C GLU B 200 11.89 8.54 -13.06
N LYS B 201 11.31 9.25 -12.09
CA LYS B 201 11.45 10.70 -11.99
C LYS B 201 12.88 11.13 -11.67
N PHE B 202 13.54 10.39 -10.76
CA PHE B 202 14.90 10.71 -10.37
C PHE B 202 15.93 10.22 -11.40
N LEU B 203 15.73 9.00 -11.89
CA LEU B 203 16.66 8.42 -12.86
C LEU B 203 16.49 8.99 -14.27
N SER B 204 15.46 9.82 -14.48
CA SER B 204 15.20 10.40 -15.79
C SER B 204 16.11 11.58 -16.12
N ASP B 205 16.64 12.27 -15.11
CA ASP B 205 17.54 13.39 -15.32
C ASP B 205 19.00 12.99 -15.06
N GLU B 206 19.64 12.39 -16.06
CA GLU B 206 21.07 12.06 -15.98
C GLU B 206 21.94 13.31 -15.84
N ASN B 207 21.46 14.46 -16.35
CA ASN B 207 22.21 15.70 -16.32
C ASN B 207 22.08 16.42 -14.98
N SER B 208 21.54 15.75 -13.96
CA SER B 208 21.38 16.31 -12.63
C SER B 208 22.57 15.95 -11.75
N ALA B 209 22.54 16.38 -10.49
CA ALA B 209 23.61 15.97 -9.56
C ALA B 209 23.29 14.61 -8.96
N ILE B 210 22.53 13.78 -9.69
CA ILE B 210 22.26 12.41 -9.20
C ILE B 210 23.37 11.50 -9.72
N ASN B 211 24.44 11.34 -8.95
CA ASN B 211 25.57 10.46 -9.34
C ASN B 211 25.11 9.01 -9.37
N ASP B 212 25.76 8.18 -10.16
CA ASP B 212 25.38 6.78 -10.19
C ASP B 212 25.32 6.11 -8.81
N THR B 213 26.13 6.60 -7.86
CA THR B 213 26.15 6.05 -6.51
C THR B 213 24.81 6.34 -5.82
N LEU B 214 24.30 7.57 -5.97
CA LEU B 214 22.99 7.92 -5.46
C LEU B 214 21.89 7.13 -6.17
N LYS B 215 22.08 6.87 -7.46
CA LYS B 215 21.09 6.06 -8.22
C LYS B 215 21.04 4.65 -7.62
N ARG B 216 22.20 4.08 -7.31
CA ARG B 216 22.29 2.72 -6.72
C ARG B 216 21.53 2.68 -5.40
N ARG B 217 21.56 3.78 -4.66
CA ARG B 217 20.92 3.83 -3.32
C ARG B 217 19.41 3.86 -3.52
N MET B 218 18.92 4.63 -4.49
CA MET B 218 17.50 4.70 -4.78
C MET B 218 16.97 3.36 -5.27
N LEU B 219 17.75 2.69 -6.11
CA LEU B 219 17.40 1.37 -6.60
C LEU B 219 17.30 0.33 -5.49
N SER B 220 18.27 0.35 -4.56
CA SER B 220 18.29 -0.60 -3.47
C SER B 220 17.10 -0.39 -2.54
N GLU B 221 16.78 0.87 -2.24
CA GLU B 221 15.61 1.20 -1.45
C GLU B 221 14.33 0.64 -2.07
N PHE B 222 14.18 0.85 -3.39
CA PHE B 222 13.07 0.29 -4.14
C PHE B 222 12.91 -1.20 -3.87
N LEU B 223 14.03 -1.94 -3.94
CA LEU B 223 14.02 -3.37 -3.64
C LEU B 223 13.67 -3.64 -2.18
N LEU B 224 14.26 -2.86 -1.27
CA LEU B 224 13.98 -3.01 0.15
C LEU B 224 12.52 -2.76 0.48
N ALA B 225 11.91 -1.75 -0.15
CA ALA B 225 10.51 -1.42 0.10
C ALA B 225 9.54 -2.41 -0.54
N ASN B 226 10.02 -3.16 -1.53
CA ASN B 226 9.18 -4.03 -2.32
C ASN B 226 9.86 -5.38 -2.50
N PRO B 227 9.85 -6.25 -1.46
CA PRO B 227 10.55 -7.53 -1.51
C PRO B 227 10.03 -8.51 -2.58
N HIS B 228 8.86 -8.22 -3.16
CA HIS B 228 8.37 -9.01 -4.28
C HIS B 228 9.16 -8.78 -5.58
N VAL B 229 10.07 -7.80 -5.57
CA VAL B 229 10.95 -7.53 -6.69
C VAL B 229 12.33 -8.13 -6.43
N LEU B 230 12.82 -8.91 -7.41
CA LEU B 230 14.12 -9.57 -7.29
C LEU B 230 15.29 -8.62 -7.59
N LEU B 231 15.17 -7.88 -8.70
CA LEU B 231 16.21 -6.98 -9.14
C LEU B 231 15.62 -5.79 -9.88
N VAL B 232 16.42 -4.73 -9.99
CA VAL B 232 16.02 -3.55 -10.73
C VAL B 232 17.26 -2.98 -11.42
N SER B 233 17.10 -2.55 -12.68
CA SER B 233 18.17 -1.97 -13.46
C SER B 233 17.75 -0.66 -14.12
N ALA B 234 18.63 0.34 -14.07
CA ALA B 234 18.50 1.55 -14.85
C ALA B 234 19.39 1.40 -16.08
N ILE B 235 18.78 1.20 -17.26
CA ILE B 235 19.51 1.04 -18.51
C ILE B 235 19.56 2.36 -19.27
N TYR B 236 20.72 3.01 -19.26
CA TYR B 236 20.94 4.27 -19.97
C TYR B 236 21.46 4.02 -21.38
N THR B 237 20.80 4.60 -22.38
CA THR B 237 21.10 4.29 -23.78
C THR B 237 21.61 5.47 -24.60
N ASN B 238 20.97 6.64 -24.47
CA ASN B 238 21.18 7.75 -25.38
C ASN B 238 22.23 8.77 -24.93
N ASN B 239 23.35 8.31 -24.36
CA ASN B 239 24.53 9.15 -24.13
C ASN B 239 25.66 8.31 -23.54
N ASN B 240 25.64 8.10 -22.23
CA ASN B 240 26.70 7.40 -21.52
C ASN B 240 26.31 5.95 -21.28
N GLU B 241 26.04 5.23 -22.38
CA GLU B 241 25.66 3.82 -22.36
C GLU B 241 26.16 3.06 -21.14
N ARG B 242 25.27 2.79 -20.18
CA ARG B 242 25.68 2.11 -18.92
C ARG B 242 24.45 1.48 -18.27
N VAL B 243 24.66 0.55 -17.34
CA VAL B 243 23.52 -0.13 -16.65
C VAL B 243 23.84 -0.25 -15.16
N ILE B 244 23.02 0.37 -14.31
CA ILE B 244 23.21 0.21 -12.84
C ILE B 244 22.16 -0.80 -12.34
N THR B 245 22.62 -1.95 -11.83
CA THR B 245 21.70 -3.02 -11.41
C THR B 245 21.86 -3.33 -9.95
N ALA B 246 20.75 -3.54 -9.24
CA ALA B 246 20.79 -3.96 -7.83
C ALA B 246 19.96 -5.24 -7.71
N MET B 247 20.37 -6.17 -6.85
CA MET B 247 19.67 -7.47 -6.74
C MET B 247 19.52 -7.87 -5.28
N SER B 248 18.32 -8.33 -4.91
CA SER B 248 18.08 -8.79 -3.52
C SER B 248 18.55 -10.23 -3.39
N MET B 249 19.82 -10.41 -3.06
CA MET B 249 20.36 -11.78 -2.87
C MET B 249 20.03 -12.22 -1.45
N ASP B 250 20.53 -13.38 -1.05
CA ASP B 250 20.24 -13.95 0.29
C ASP B 250 20.18 -12.81 1.33
N SER B 251 19.02 -12.19 1.49
CA SER B 251 18.83 -11.12 2.50
C SER B 251 19.86 -9.99 2.33
N LYS B 252 20.50 -9.89 1.16
CA LYS B 252 21.57 -8.87 0.97
C LYS B 252 21.39 -8.20 -0.39
N ILE B 253 21.40 -6.86 -0.41
CA ILE B 253 21.27 -6.11 -1.69
C ILE B 253 22.66 -6.00 -2.35
N ALA B 254 22.88 -6.74 -3.42
CA ALA B 254 24.15 -6.74 -4.12
C ALA B 254 23.97 -6.05 -5.47
N TYR B 255 25.11 -5.66 -6.08
CA TYR B 255 25.10 -4.81 -7.26
C TYR B 255 25.82 -5.50 -8.41
N PRO B 256 25.14 -6.38 -9.17
CA PRO B 256 25.79 -7.08 -10.28
C PRO B 256 26.10 -6.15 -11.44
N ASN B 257 27.03 -6.59 -12.31
CA ASN B 257 27.60 -5.71 -13.31
C ASN B 257 27.37 -6.26 -14.71
N THR B 258 26.21 -5.91 -15.30
CA THR B 258 25.88 -6.29 -16.67
C THR B 258 26.47 -5.24 -17.61
N THR B 259 26.55 -5.57 -18.91
CA THR B 259 27.07 -4.66 -19.92
C THR B 259 26.34 -4.87 -21.26
N ASN B 263 21.09 -6.85 -28.93
CA ASN B 263 20.58 -5.55 -29.38
C ASN B 263 19.18 -5.31 -28.82
N MET B 264 19.10 -5.18 -27.48
CA MET B 264 17.89 -4.73 -26.81
C MET B 264 17.97 -3.22 -26.52
N THR B 265 18.98 -2.56 -27.10
CA THR B 265 19.17 -1.13 -27.01
C THR B 265 18.29 -0.35 -28.01
N ASN B 266 17.78 -1.05 -29.03
CA ASN B 266 16.88 -0.45 -30.01
C ASN B 266 15.42 -0.73 -29.66
N GLN B 267 15.19 -1.75 -28.81
CA GLN B 267 13.88 -2.08 -28.28
C GLN B 267 13.52 -1.13 -27.14
N ILE B 268 14.55 -0.73 -26.38
CA ILE B 268 14.44 0.37 -25.43
C ILE B 268 14.31 1.70 -26.16
N ARG B 269 15.02 1.86 -27.28
CA ARG B 269 14.80 2.99 -28.17
C ARG B 269 13.39 3.01 -28.77
N SER B 270 12.83 1.82 -29.02
CA SER B 270 11.48 1.69 -29.55
C SER B 270 10.40 1.93 -28.51
N LEU B 271 10.76 1.75 -27.22
CA LEU B 271 9.78 1.87 -26.15
C LEU B 271 9.16 3.27 -26.14
N LYS B 272 7.82 3.30 -26.09
CA LYS B 272 7.07 4.54 -25.97
C LYS B 272 5.90 4.39 -25.00
N SER B 273 5.90 3.33 -24.18
CA SER B 273 5.08 3.26 -22.99
C SER B 273 5.52 2.08 -22.11
N ILE B 274 4.93 1.98 -20.92
CA ILE B 274 5.27 0.90 -20.00
C ILE B 274 4.90 -0.44 -20.64
N THR B 275 5.69 -1.47 -20.33
CA THR B 275 5.49 -2.81 -20.86
C THR B 275 5.95 -3.86 -19.86
N HIS B 276 5.47 -5.10 -20.04
CA HIS B 276 5.96 -6.24 -19.28
C HIS B 276 6.22 -7.41 -20.23
N SER B 277 7.15 -8.28 -19.85
CA SER B 277 7.40 -9.49 -20.61
C SER B 277 6.34 -10.54 -20.28
N ASP B 278 6.24 -11.57 -21.13
CA ASP B 278 5.48 -12.75 -20.80
C ASP B 278 6.18 -13.40 -19.61
N PRO B 279 5.45 -14.04 -18.67
CA PRO B 279 6.11 -14.71 -17.55
C PRO B 279 7.09 -15.78 -18.02
N TYR B 280 8.20 -15.91 -17.28
CA TYR B 280 9.19 -16.94 -17.55
C TYR B 280 9.93 -17.29 -16.26
N TYR B 281 10.80 -18.30 -16.34
CA TYR B 281 11.65 -18.69 -15.22
C TYR B 281 13.04 -18.10 -15.41
N LYS B 282 13.55 -17.46 -14.35
CA LYS B 282 14.88 -16.87 -14.36
C LYS B 282 15.79 -17.71 -13.46
N GLU B 283 16.99 -18.02 -13.96
CA GLU B 283 17.96 -18.79 -13.21
C GLU B 283 18.82 -17.88 -12.35
N VAL B 284 18.60 -17.95 -11.03
CA VAL B 284 19.42 -17.25 -10.05
C VAL B 284 19.96 -18.30 -9.08
N ASN B 285 21.29 -18.46 -9.07
CA ASN B 285 21.95 -19.52 -8.33
C ASN B 285 21.70 -20.85 -9.04
N GLY B 286 21.05 -21.80 -8.35
CA GLY B 286 20.59 -23.03 -8.97
C GLY B 286 19.06 -23.15 -8.96
N ASP B 287 18.39 -22.03 -8.64
CA ASP B 287 16.93 -22.02 -8.53
C ASP B 287 16.32 -21.30 -9.74
N LYS B 288 15.20 -21.85 -10.23
CA LYS B 288 14.38 -21.17 -11.22
C LYS B 288 13.34 -20.35 -10.45
N ILE B 289 13.36 -19.03 -10.65
CA ILE B 289 12.38 -18.14 -10.06
C ILE B 289 11.42 -17.64 -11.15
N TYR B 290 10.14 -17.99 -10.99
CA TYR B 290 9.09 -17.57 -11.91
C TYR B 290 8.79 -16.10 -11.67
N GLY B 291 8.74 -15.33 -12.76
CA GLY B 291 8.44 -13.91 -12.68
C GLY B 291 8.19 -13.28 -14.04
N MET B 292 8.25 -11.94 -14.09
CA MET B 292 8.19 -11.21 -15.34
C MET B 292 9.01 -9.93 -15.22
N ASP B 293 9.55 -9.48 -16.36
CA ASP B 293 10.20 -8.18 -16.45
C ASP B 293 9.13 -7.12 -16.72
N ILE B 294 9.16 -6.05 -15.92
CA ILE B 294 8.38 -4.85 -16.18
C ILE B 294 9.39 -3.75 -16.53
N THR B 295 9.24 -3.20 -17.74
CA THR B 295 10.18 -2.22 -18.28
C THR B 295 9.46 -0.89 -18.52
N LEU B 296 10.01 0.16 -17.92
CA LEU B 296 9.43 1.49 -17.93
C LEU B 296 10.45 2.41 -18.61
N PRO B 297 10.05 3.18 -19.66
CA PRO B 297 11.00 4.06 -20.34
C PRO B 297 11.34 5.29 -19.52
N LEU B 298 12.61 5.73 -19.63
CA LEU B 298 13.09 6.91 -18.93
C LEU B 298 12.96 8.16 -19.80
N GLN B 303 11.70 14.15 -24.80
CA GLN B 303 10.46 13.67 -25.43
C GLN B 303 10.64 12.38 -26.24
N ASN B 304 11.66 11.59 -25.87
CA ASN B 304 12.08 10.43 -26.67
C ASN B 304 12.40 9.20 -25.81
N ALA B 305 13.69 9.00 -25.49
CA ALA B 305 14.15 7.77 -24.87
C ALA B 305 15.61 7.86 -24.38
N ILE B 306 15.79 8.39 -23.16
CA ILE B 306 17.10 8.53 -22.56
C ILE B 306 17.63 7.18 -22.11
N GLY B 307 16.71 6.26 -21.82
CA GLY B 307 17.02 4.93 -21.35
C GLY B 307 15.75 4.24 -20.87
N ALA B 308 15.90 3.16 -20.09
CA ALA B 308 14.75 2.52 -19.47
C ALA B 308 15.09 2.02 -18.07
N LEU B 309 14.06 1.98 -17.21
CA LEU B 309 14.14 1.33 -15.92
C LEU B 309 13.43 -0.02 -16.08
N ASN B 310 14.11 -1.09 -15.66
CA ASN B 310 13.53 -2.43 -15.71
C ASN B 310 13.63 -3.05 -14.32
N PHE B 311 12.61 -3.82 -13.95
CA PHE B 311 12.70 -4.68 -12.77
C PHE B 311 12.08 -6.04 -13.05
N PHE B 312 12.52 -7.07 -12.31
CA PHE B 312 11.98 -8.40 -12.40
C PHE B 312 11.04 -8.66 -11.22
N LEU B 313 9.74 -8.75 -11.51
CA LEU B 313 8.73 -9.05 -10.52
C LEU B 313 8.76 -10.55 -10.19
N ASN B 314 9.08 -10.88 -8.94
CA ASN B 314 9.07 -12.27 -8.51
C ASN B 314 7.65 -12.73 -8.21
N ILE B 315 7.04 -13.45 -9.16
CA ILE B 315 5.68 -13.94 -9.00
C ILE B 315 5.63 -14.97 -7.87
N ASP B 316 6.65 -15.83 -7.80
CA ASP B 316 6.73 -16.84 -6.76
C ASP B 316 6.72 -16.23 -5.36
N ALA B 317 7.12 -14.96 -5.26
CA ALA B 317 7.07 -14.22 -4.00
C ALA B 317 5.63 -13.92 -3.58
N PHE B 318 4.66 -14.16 -4.46
CA PHE B 318 3.25 -13.99 -4.13
C PHE B 318 2.57 -15.28 -3.66
N TYR B 319 3.32 -16.38 -3.58
CA TYR B 319 2.73 -17.66 -3.21
C TYR B 319 1.90 -17.55 -1.95
N THR B 320 2.53 -17.08 -0.86
CA THR B 320 1.85 -16.93 0.42
C THR B 320 0.71 -15.91 0.38
N ASP B 321 0.84 -14.89 -0.46
CA ASP B 321 -0.18 -13.86 -0.56
C ASP B 321 -1.45 -14.40 -1.23
N VAL B 322 -1.28 -15.37 -2.13
CA VAL B 322 -2.37 -15.97 -2.86
C VAL B 322 -2.88 -17.21 -2.13
N VAL B 323 -1.97 -18.15 -1.84
CA VAL B 323 -2.34 -19.46 -1.30
C VAL B 323 -2.46 -19.47 0.22
N GLY B 324 -1.63 -18.68 0.91
CA GLY B 324 -1.59 -18.64 2.37
C GLY B 324 -0.52 -19.55 2.95
N LYS B 325 -0.41 -19.55 4.29
CA LYS B 325 0.55 -20.37 5.01
C LYS B 325 0.23 -21.87 4.91
N LYS B 326 -1.07 -22.20 4.96
CA LYS B 326 -1.56 -23.54 4.68
C LYS B 326 -2.05 -23.58 3.24
N LYS B 327 -1.92 -24.74 2.58
CA LYS B 327 -2.47 -24.94 1.26
C LYS B 327 -3.94 -24.55 1.30
N SER B 328 -4.43 -23.97 0.20
CA SER B 328 -5.83 -23.58 0.09
C SER B 328 -6.22 -23.62 -1.39
N ASN B 329 -7.54 -23.58 -1.63
CA ASN B 329 -8.07 -23.62 -2.98
C ASN B 329 -8.08 -22.23 -3.60
N THR B 330 -6.89 -21.66 -3.81
CA THR B 330 -6.73 -20.37 -4.43
C THR B 330 -5.71 -20.42 -5.55
N PHE B 331 -6.00 -19.76 -6.68
CA PHE B 331 -4.98 -19.59 -7.69
C PHE B 331 -4.95 -18.16 -8.23
N LEU B 332 -3.79 -17.80 -8.80
CA LEU B 332 -3.62 -16.55 -9.51
C LEU B 332 -3.43 -16.86 -11.00
N MET B 333 -4.19 -16.15 -11.84
CA MET B 333 -4.34 -16.50 -13.24
C MET B 333 -4.06 -15.27 -14.11
N GLY B 334 -3.40 -15.51 -15.26
CA GLY B 334 -3.06 -14.45 -16.20
C GLY B 334 -3.75 -14.61 -17.56
N LYS B 335 -3.16 -13.99 -18.59
CA LYS B 335 -3.66 -14.06 -19.96
C LYS B 335 -3.85 -15.52 -20.37
N ASP B 336 -4.98 -15.80 -21.05
CA ASP B 336 -5.29 -17.13 -21.57
C ASP B 336 -5.51 -18.20 -20.51
N GLY B 337 -5.75 -17.79 -19.26
CA GLY B 337 -5.96 -18.73 -18.18
C GLY B 337 -4.70 -19.41 -17.68
N ARG B 338 -3.56 -18.71 -17.79
CA ARG B 338 -2.28 -19.27 -17.38
C ARG B 338 -2.14 -19.20 -15.86
N LEU B 339 -1.77 -20.33 -15.25
CA LEU B 339 -1.62 -20.43 -13.81
C LEU B 339 -0.30 -19.79 -13.37
N LEU B 340 -0.40 -18.59 -12.79
CA LEU B 340 0.77 -17.90 -12.26
C LEU B 340 1.13 -18.42 -10.88
N ILE B 341 0.11 -18.58 -10.01
CA ILE B 341 0.31 -19.18 -8.70
C ILE B 341 -0.74 -20.27 -8.50
N ASN B 342 -0.31 -21.38 -7.87
CA ASN B 342 -1.19 -22.51 -7.62
C ASN B 342 -0.62 -23.37 -6.50
N PRO B 343 -1.46 -23.91 -5.59
CA PRO B 343 -0.97 -24.81 -4.55
C PRO B 343 -0.07 -25.91 -5.10
N ASN B 344 -0.56 -26.58 -6.15
CA ASN B 344 0.25 -27.54 -6.89
C ASN B 344 1.19 -26.79 -7.83
N ARG B 345 2.50 -26.91 -7.57
CA ARG B 345 3.51 -26.16 -8.30
C ARG B 345 3.69 -26.72 -9.71
N GLU B 346 3.28 -27.99 -9.90
CA GLU B 346 3.47 -28.67 -11.16
C GLU B 346 2.66 -28.06 -12.30
N ILE B 347 1.56 -27.35 -11.97
CA ILE B 347 0.73 -26.76 -13.01
C ILE B 347 1.02 -25.27 -13.24
N GLN B 348 2.04 -24.74 -12.55
CA GLN B 348 2.43 -23.35 -12.75
C GLN B 348 2.89 -23.16 -14.19
N ASP B 349 2.46 -22.03 -14.79
CA ASP B 349 2.81 -21.65 -16.15
C ASP B 349 1.98 -22.40 -17.20
N LYS B 350 1.16 -23.35 -16.75
CA LYS B 350 0.30 -24.12 -17.64
C LYS B 350 -1.07 -23.45 -17.71
N ILE B 351 -1.71 -23.55 -18.87
CA ILE B 351 -3.05 -22.99 -19.06
C ILE B 351 -4.11 -23.92 -18.46
N LEU B 352 -5.18 -23.32 -17.94
CA LEU B 352 -6.25 -24.06 -17.29
C LEU B 352 -6.91 -25.03 -18.26
N SER B 353 -7.27 -24.54 -19.45
CA SER B 353 -7.93 -25.35 -20.46
C SER B 353 -7.07 -26.48 -21.02
N ALA B 354 -5.73 -26.32 -20.95
CA ALA B 354 -4.81 -27.35 -21.38
C ALA B 354 -4.48 -28.35 -20.27
N ILE B 355 -4.77 -27.98 -19.02
CA ILE B 355 -4.58 -28.87 -17.90
C ILE B 355 -5.86 -29.69 -17.68
N ASN B 356 -7.00 -29.00 -17.52
CA ASN B 356 -8.28 -29.64 -17.29
C ASN B 356 -9.00 -29.89 -18.61
N PRO B 357 -9.39 -31.15 -18.91
CA PRO B 357 -10.22 -31.43 -20.08
C PRO B 357 -11.59 -30.74 -20.08
N ASP B 358 -12.17 -30.51 -18.90
CA ASP B 358 -13.52 -29.99 -18.82
C ASP B 358 -13.59 -28.61 -19.45
N ARG B 359 -14.34 -28.50 -20.56
CA ARG B 359 -14.40 -27.28 -21.34
C ARG B 359 -15.10 -26.14 -20.62
N ARG B 360 -15.86 -26.46 -19.56
CA ARG B 360 -16.53 -25.45 -18.76
C ARG B 360 -15.55 -24.49 -18.06
N VAL B 361 -14.27 -24.87 -17.93
CA VAL B 361 -13.28 -24.00 -17.33
C VAL B 361 -13.08 -22.72 -18.14
N ALA B 362 -13.38 -22.78 -19.45
CA ALA B 362 -13.26 -21.61 -20.31
C ALA B 362 -14.11 -20.43 -19.84
N LYS B 363 -15.13 -20.68 -19.01
CA LYS B 363 -15.94 -19.59 -18.47
C LYS B 363 -15.07 -18.68 -17.60
N ALA B 364 -14.14 -19.28 -16.84
CA ALA B 364 -13.00 -18.53 -16.30
C ALA B 364 -12.22 -18.36 -17.59
N VAL B 365 -11.59 -17.21 -17.74
CA VAL B 365 -10.91 -16.81 -18.96
C VAL B 365 -11.91 -15.88 -19.64
N GLU B 366 -13.17 -16.28 -19.80
CA GLU B 366 -14.20 -15.39 -20.32
C GLU B 366 -14.54 -14.30 -19.32
N TYR B 367 -14.73 -14.68 -18.05
CA TYR B 367 -14.89 -13.72 -16.98
C TYR B 367 -13.71 -12.76 -16.96
N TYR B 368 -12.50 -13.34 -17.03
CA TYR B 368 -11.26 -12.60 -17.02
C TYR B 368 -11.18 -11.58 -18.15
N ASN B 369 -11.50 -12.01 -19.37
CA ASN B 369 -11.41 -11.14 -20.53
C ASN B 369 -12.47 -10.05 -20.56
N GLN B 370 -13.59 -10.27 -19.86
CA GLN B 370 -14.65 -9.27 -19.76
C GLN B 370 -14.52 -8.43 -18.49
N ASN B 371 -13.47 -8.70 -17.70
CA ASN B 371 -13.22 -7.98 -16.47
C ASN B 371 -14.48 -7.96 -15.60
N GLU B 372 -15.18 -9.09 -15.57
CA GLU B 372 -16.38 -9.27 -14.75
C GLU B 372 -16.15 -10.45 -13.80
N ALA B 373 -16.44 -10.24 -12.52
CA ALA B 373 -16.41 -11.32 -11.54
C ALA B 373 -17.60 -12.24 -11.77
N GLY B 374 -17.46 -13.50 -11.33
CA GLY B 374 -18.55 -14.47 -11.43
C GLY B 374 -18.12 -15.88 -11.03
N THR B 375 -19.12 -16.76 -10.88
CA THR B 375 -18.92 -18.14 -10.53
C THR B 375 -19.11 -19.06 -11.73
N LEU B 376 -18.64 -20.31 -11.59
CA LEU B 376 -18.83 -21.34 -12.60
C LEU B 376 -18.61 -22.71 -11.95
N SER B 377 -19.03 -23.76 -12.65
CA SER B 377 -18.84 -25.13 -12.20
C SER B 377 -18.01 -25.91 -13.22
N TYR B 378 -17.15 -26.81 -12.72
CA TYR B 378 -16.35 -27.67 -13.57
C TYR B 378 -15.91 -28.90 -12.81
N HIS B 379 -15.45 -29.93 -13.55
CA HIS B 379 -14.94 -31.16 -12.98
C HIS B 379 -13.45 -30.99 -12.68
N SER B 380 -13.04 -31.37 -11.47
CA SER B 380 -11.68 -31.15 -11.01
C SER B 380 -10.84 -32.37 -11.35
N LEU B 381 -9.62 -32.13 -11.84
CA LEU B 381 -8.61 -33.19 -11.98
C LEU B 381 -8.33 -33.90 -10.66
N SER B 382 -8.19 -33.10 -9.58
CA SER B 382 -8.18 -33.60 -8.21
C SER B 382 -8.64 -35.05 -8.10
N GLY B 383 -9.95 -35.23 -7.85
CA GLY B 383 -10.57 -36.54 -7.85
C GLY B 383 -11.73 -36.54 -8.85
N ASN B 384 -12.75 -37.37 -8.58
CA ASN B 384 -14.02 -37.23 -9.28
C ASN B 384 -14.89 -36.28 -8.46
N THR B 385 -14.53 -34.99 -8.48
CA THR B 385 -15.34 -33.98 -7.81
C THR B 385 -15.79 -32.87 -8.75
N GLU B 386 -17.06 -32.50 -8.59
CA GLU B 386 -17.61 -31.30 -9.18
C GLU B 386 -17.09 -30.13 -8.35
N THR B 387 -16.48 -29.15 -9.03
CA THR B 387 -15.89 -28.00 -8.39
C THR B 387 -16.67 -26.73 -8.70
N PHE B 388 -16.87 -25.91 -7.67
CA PHE B 388 -17.50 -24.61 -7.81
C PHE B 388 -16.41 -23.57 -7.66
N LEU B 389 -16.29 -22.68 -8.66
CA LEU B 389 -15.19 -21.73 -8.75
C LEU B 389 -15.67 -20.29 -8.91
N ALA B 390 -15.14 -19.40 -8.08
CA ALA B 390 -15.37 -17.97 -8.19
C ALA B 390 -14.14 -17.33 -8.81
N ILE B 391 -14.33 -16.58 -9.90
CA ILE B 391 -13.26 -15.84 -10.54
C ILE B 391 -13.41 -14.35 -10.24
N GLN B 392 -12.30 -13.73 -9.82
CA GLN B 392 -12.28 -12.31 -9.54
C GLN B 392 -11.20 -11.65 -10.38
N PRO B 393 -11.53 -11.09 -11.55
CA PRO B 393 -10.55 -10.33 -12.33
C PRO B 393 -10.16 -9.03 -11.64
N PHE B 394 -8.94 -8.56 -11.90
CA PHE B 394 -8.48 -7.28 -11.39
C PHE B 394 -7.28 -6.78 -12.18
N ASP B 395 -7.20 -5.46 -12.34
CA ASP B 395 -6.05 -4.85 -12.99
C ASP B 395 -4.98 -4.60 -11.93
N PHE B 396 -3.77 -5.08 -12.19
CA PHE B 396 -2.65 -4.86 -11.29
C PHE B 396 -1.85 -3.64 -11.72
N PHE B 397 -2.37 -2.92 -12.72
CA PHE B 397 -1.84 -1.64 -13.16
C PHE B 397 -2.90 -0.91 -13.99
N GLU B 398 -2.99 0.42 -13.82
CA GLU B 398 -4.02 1.22 -14.49
C GLU B 398 -3.55 1.72 -15.86
N ASN B 402 -5.90 1.60 -19.95
CA ASN B 402 -5.37 0.63 -20.91
C ASN B 402 -6.37 0.27 -22.01
N ASN B 403 -7.58 -0.15 -21.63
CA ASN B 403 -8.62 -0.60 -22.55
C ASN B 403 -8.36 -1.98 -23.16
N GLY B 404 -7.20 -2.57 -22.84
CA GLY B 404 -6.87 -3.94 -23.22
C GLY B 404 -6.65 -4.79 -21.97
N ASN B 405 -6.23 -6.04 -22.15
CA ASN B 405 -5.84 -6.87 -21.03
C ASN B 405 -4.48 -6.39 -20.56
N HIS B 406 -3.41 -6.95 -21.11
CA HIS B 406 -2.05 -6.71 -20.64
C HIS B 406 -1.87 -6.63 -19.12
N TRP B 407 -2.61 -5.74 -18.45
CA TRP B 407 -2.39 -5.47 -17.03
C TRP B 407 -3.49 -6.01 -16.12
N ARG B 408 -3.95 -7.24 -16.42
CA ARG B 408 -5.03 -7.86 -15.68
C ARG B 408 -4.68 -9.28 -15.23
N TRP B 409 -4.96 -9.55 -13.95
CA TRP B 409 -4.85 -10.86 -13.36
C TRP B 409 -6.23 -11.25 -12.84
N ALA B 410 -6.35 -12.45 -12.27
CA ALA B 410 -7.59 -12.89 -11.67
C ALA B 410 -7.28 -13.85 -10.53
N ILE B 411 -8.07 -13.75 -9.46
CA ILE B 411 -8.00 -14.71 -8.37
C ILE B 411 -9.06 -15.77 -8.64
N GLY B 412 -8.73 -17.01 -8.28
CA GLY B 412 -9.67 -18.10 -8.29
C GLY B 412 -9.77 -18.74 -6.91
N LYS B 413 -10.99 -18.72 -6.33
CA LYS B 413 -11.31 -19.47 -5.12
C LYS B 413 -12.30 -20.56 -5.52
N TYR B 414 -12.01 -21.81 -5.13
CA TYR B 414 -12.87 -22.92 -5.48
C TYR B 414 -13.12 -23.86 -4.30
N VAL B 415 -14.16 -24.68 -4.44
CA VAL B 415 -14.57 -25.62 -3.41
C VAL B 415 -15.30 -26.80 -4.04
N ASN B 416 -15.36 -27.92 -3.30
CA ASN B 416 -16.17 -29.08 -3.67
C ASN B 416 -17.65 -28.69 -3.71
N LYS B 417 -18.21 -28.64 -4.92
CA LYS B 417 -19.60 -28.22 -5.12
C LYS B 417 -20.59 -29.19 -4.48
N SER B 418 -20.30 -30.48 -4.60
CA SER B 418 -21.19 -31.50 -4.09
C SER B 418 -21.25 -31.49 -2.56
N LEU B 419 -20.16 -31.05 -1.93
CA LEU B 419 -20.15 -30.90 -0.48
C LEU B 419 -20.84 -29.62 -0.06
N VAL B 420 -20.41 -28.45 -0.57
CA VAL B 420 -20.93 -27.18 -0.11
C VAL B 420 -22.44 -26.99 -0.30
N PHE B 421 -23.01 -27.57 -1.36
CA PHE B 421 -24.44 -27.44 -1.58
C PHE B 421 -25.22 -28.71 -1.22
N SER B 422 -24.61 -29.61 -0.43
CA SER B 422 -25.35 -30.70 0.17
C SER B 422 -26.09 -30.25 1.43
N SER B 423 -27.12 -31.00 1.81
CA SER B 423 -27.97 -30.66 2.94
C SER B 423 -27.20 -30.63 4.27
N HIS B 424 -27.65 -29.80 5.21
CA HIS B 424 -27.06 -29.74 6.53
C HIS B 424 -27.85 -30.54 7.56
N SER B 425 -27.14 -31.38 8.33
CA SER B 425 -27.70 -32.06 9.48
C SER B 425 -27.21 -31.36 10.74
N ASN B 426 -28.07 -31.32 11.76
CA ASN B 426 -27.84 -30.49 12.93
C ASN B 426 -27.93 -31.29 14.24
N VAL B 427 -27.21 -30.80 15.25
CA VAL B 427 -27.25 -31.37 16.59
C VAL B 427 -27.35 -30.21 17.56
N TYR B 428 -28.31 -30.28 18.49
CA TYR B 428 -28.50 -29.25 19.49
C TYR B 428 -27.65 -29.57 20.73
N ILE B 429 -26.49 -28.91 20.82
CA ILE B 429 -25.57 -29.15 21.92
C ILE B 429 -26.02 -28.44 23.20
N THR B 430 -26.16 -29.21 24.27
CA THR B 430 -26.60 -28.68 25.55
C THR B 430 -25.65 -29.16 26.65
N ALA B 431 -25.50 -28.34 27.69
CA ALA B 431 -24.59 -28.65 28.78
C ALA B 431 -25.21 -29.65 29.75
N ASP B 432 -24.38 -30.60 30.21
CA ASP B 432 -24.72 -31.49 31.30
C ASP B 432 -23.84 -31.11 32.49
N LYS B 433 -24.43 -30.37 33.44
CA LYS B 433 -23.69 -29.82 34.57
C LYS B 433 -23.14 -30.91 35.48
N GLN B 434 -23.97 -31.93 35.76
CA GLN B 434 -23.59 -33.03 36.63
C GLN B 434 -22.26 -33.66 36.22
N LYS B 435 -22.15 -34.00 34.93
CA LYS B 435 -20.99 -34.71 34.42
C LYS B 435 -19.90 -33.79 33.85
N ASN B 436 -19.96 -32.50 34.18
CA ASN B 436 -19.00 -31.53 33.68
C ASN B 436 -18.78 -31.66 32.17
N GLY B 437 -19.86 -31.88 31.45
CA GLY B 437 -19.74 -32.05 30.00
C GLY B 437 -20.95 -31.57 29.23
N ILE B 438 -21.24 -32.22 28.10
CA ILE B 438 -22.33 -31.78 27.20
C ILE B 438 -23.22 -32.97 26.86
N LYS B 439 -24.37 -32.69 26.25
CA LYS B 439 -25.31 -33.77 25.87
C LYS B 439 -26.04 -33.31 24.61
N ALA B 440 -26.70 -34.24 23.92
CA ALA B 440 -27.34 -33.91 22.64
C ALA B 440 -28.23 -35.05 22.16
N ASN B 441 -29.32 -34.72 21.49
CA ASN B 441 -30.16 -35.78 20.87
C ASN B 441 -30.39 -35.36 19.42
N PHE B 442 -30.31 -36.31 18.48
CA PHE B 442 -30.44 -35.95 17.04
C PHE B 442 -30.99 -37.12 16.25
N LYS B 443 -31.48 -36.86 15.06
CA LYS B 443 -32.10 -37.95 14.27
C LYS B 443 -31.50 -37.98 12.86
N ILE B 444 -30.85 -39.08 12.50
CA ILE B 444 -30.32 -39.22 11.12
C ILE B 444 -31.29 -40.07 10.31
N ARG B 445 -31.54 -39.67 9.07
CA ARG B 445 -32.46 -40.40 8.18
C ARG B 445 -31.68 -41.03 7.02
N HIS B 446 -31.41 -42.32 7.11
CA HIS B 446 -30.76 -43.04 6.03
C HIS B 446 -31.74 -43.44 4.94
N ASN B 447 -31.35 -43.20 3.67
CA ASN B 447 -32.19 -43.57 2.54
C ASN B 447 -32.16 -45.08 2.31
N ILE B 448 -33.35 -45.68 2.21
CA ILE B 448 -33.49 -47.10 1.95
C ILE B 448 -33.59 -47.34 0.44
N GLU B 449 -32.96 -48.42 -0.04
CA GLU B 449 -32.80 -48.67 -1.47
C GLU B 449 -34.10 -48.52 -2.28
N ASP B 450 -34.95 -49.55 -2.29
CA ASP B 450 -36.18 -49.49 -3.08
C ASP B 450 -37.28 -48.67 -2.39
N GLY B 451 -36.96 -47.96 -1.30
CA GLY B 451 -37.95 -47.59 -0.30
C GLY B 451 -37.82 -46.17 0.22
N GLY B 452 -38.15 -45.99 1.50
CA GLY B 452 -38.25 -44.67 2.10
C GLY B 452 -37.04 -44.34 2.96
N VAL B 453 -37.28 -44.03 4.24
CA VAL B 453 -36.25 -43.57 5.15
C VAL B 453 -36.14 -44.47 6.37
N GLN B 454 -34.90 -44.84 6.71
CA GLN B 454 -34.58 -45.56 7.93
C GLN B 454 -34.06 -44.57 8.98
N LEU B 455 -34.86 -44.36 10.03
CA LEU B 455 -34.51 -43.44 11.10
C LEU B 455 -33.43 -44.05 11.99
N ALA B 456 -32.54 -43.18 12.47
CA ALA B 456 -31.49 -43.55 13.41
C ALA B 456 -31.44 -42.48 14.50
N ASP B 457 -32.09 -42.77 15.63
CA ASP B 457 -32.27 -41.80 16.70
C ASP B 457 -31.05 -41.80 17.61
N HIS B 458 -30.27 -40.71 17.55
CA HIS B 458 -29.00 -40.61 18.26
C HIS B 458 -29.18 -39.97 19.64
N TYR B 459 -28.54 -40.56 20.64
CA TYR B 459 -28.45 -39.99 21.97
C TYR B 459 -26.97 -39.94 22.35
N GLN B 460 -26.51 -38.75 22.74
CA GLN B 460 -25.10 -38.48 22.93
C GLN B 460 -24.81 -37.81 24.28
N GLN B 461 -23.69 -38.21 24.88
CA GLN B 461 -23.21 -37.65 26.12
C GLN B 461 -21.69 -37.66 26.09
N ASN B 462 -21.08 -36.47 26.15
CA ASN B 462 -19.63 -36.32 26.19
C ASN B 462 -19.14 -35.88 27.57
N THR B 463 -18.10 -36.54 28.07
CA THR B 463 -17.48 -36.22 29.34
C THR B 463 -15.98 -36.06 29.16
N PRO B 464 -15.34 -35.03 29.78
CA PRO B 464 -13.89 -34.87 29.66
C PRO B 464 -13.11 -36.00 30.33
N ILE B 465 -11.91 -36.27 29.80
CA ILE B 465 -11.03 -37.31 30.34
C ILE B 465 -10.30 -36.81 31.58
N GLY B 466 -9.63 -35.65 31.47
CA GLY B 466 -8.87 -35.08 32.57
C GLY B 466 -9.74 -34.35 33.60
N ASP B 467 -9.14 -34.04 34.75
CA ASP B 467 -9.85 -33.34 35.82
C ASP B 467 -9.59 -31.83 35.76
N GLY B 468 -9.42 -31.30 34.55
CA GLY B 468 -9.07 -29.91 34.36
C GLY B 468 -10.26 -29.06 33.98
N PRO B 469 -10.12 -27.72 33.92
CA PRO B 469 -11.24 -26.84 33.60
C PRO B 469 -11.70 -26.97 32.15
N VAL B 470 -13.01 -27.09 31.96
CA VAL B 470 -13.60 -27.17 30.62
C VAL B 470 -14.73 -26.15 30.48
N LEU B 471 -15.03 -25.80 29.23
CA LEU B 471 -16.08 -24.85 28.91
C LEU B 471 -17.43 -25.57 28.73
N LEU B 472 -18.32 -25.43 29.71
CA LEU B 472 -19.69 -25.90 29.57
C LEU B 472 -20.50 -24.84 28.82
N PRO B 473 -20.97 -25.15 27.60
CA PRO B 473 -21.54 -24.14 26.71
C PRO B 473 -23.00 -23.81 26.98
N ASP B 474 -23.42 -22.63 26.50
CA ASP B 474 -24.83 -22.34 26.28
C ASP B 474 -25.31 -23.22 25.14
N ASN B 475 -26.63 -23.43 25.10
CA ASN B 475 -27.22 -24.21 24.03
C ASN B 475 -26.83 -23.60 22.70
N HIS B 476 -26.52 -24.48 21.73
CA HIS B 476 -26.17 -24.07 20.38
C HIS B 476 -26.24 -25.27 19.44
N TYR B 477 -26.03 -25.01 18.14
CA TYR B 477 -26.15 -26.02 17.11
C TYR B 477 -24.77 -26.32 16.51
N LEU B 478 -24.58 -27.56 16.06
CA LEU B 478 -23.50 -27.93 15.16
C LEU B 478 -24.17 -28.38 13.87
N SER B 479 -23.61 -27.98 12.73
CA SER B 479 -24.23 -28.25 11.44
C SER B 479 -23.23 -28.96 10.54
N THR B 480 -23.58 -30.15 10.07
CA THR B 480 -22.67 -30.95 9.27
C THR B 480 -23.16 -31.23 7.85
N GLN B 481 -22.25 -31.06 6.89
CA GLN B 481 -22.41 -31.55 5.53
C GLN B 481 -21.42 -32.70 5.32
N SER B 482 -21.93 -33.85 4.87
CA SER B 482 -21.08 -35.00 4.60
C SER B 482 -21.29 -35.48 3.17
N LYS B 483 -20.21 -35.96 2.54
CA LYS B 483 -20.29 -36.62 1.24
C LYS B 483 -19.47 -37.89 1.26
N LEU B 484 -20.11 -39.01 0.92
CA LEU B 484 -19.44 -40.29 0.88
C LEU B 484 -18.99 -40.57 -0.55
N SER B 485 -17.82 -41.19 -0.69
CA SER B 485 -17.27 -41.54 -1.99
C SER B 485 -16.36 -42.75 -1.85
N LYS B 486 -15.77 -43.17 -2.98
CA LYS B 486 -14.90 -44.34 -3.02
C LYS B 486 -13.56 -43.97 -3.63
N ASP B 487 -12.49 -44.62 -3.16
CA ASP B 487 -11.18 -44.52 -3.77
C ASP B 487 -11.10 -45.59 -4.86
N PRO B 488 -11.02 -45.21 -6.16
CA PRO B 488 -11.03 -46.20 -7.23
C PRO B 488 -9.90 -47.23 -7.14
N ASN B 489 -8.80 -46.85 -6.46
CA ASN B 489 -7.65 -47.73 -6.30
C ASN B 489 -7.63 -48.53 -5.00
N GLU B 490 -8.64 -48.34 -4.14
CA GLU B 490 -8.75 -49.11 -2.91
C GLU B 490 -9.53 -50.40 -3.16
N LYS B 491 -8.83 -51.53 -3.05
CA LYS B 491 -9.42 -52.84 -3.28
C LYS B 491 -10.26 -53.31 -2.09
N ARG B 492 -9.95 -52.75 -0.91
CA ARG B 492 -10.65 -53.19 0.31
C ARG B 492 -11.96 -52.42 0.53
N ASP B 493 -12.78 -52.92 1.43
CA ASP B 493 -14.02 -52.25 1.79
C ASP B 493 -13.66 -50.96 2.53
N HIS B 494 -14.15 -49.82 2.04
CA HIS B 494 -13.70 -48.53 2.49
C HIS B 494 -14.72 -47.42 2.25
N MET B 495 -14.54 -46.30 2.95
CA MET B 495 -15.36 -45.12 2.77
C MET B 495 -14.45 -43.90 2.78
N VAL B 496 -14.66 -42.99 1.82
CA VAL B 496 -14.00 -41.69 1.79
C VAL B 496 -15.05 -40.69 2.25
N LEU B 497 -14.72 -39.93 3.29
CA LEU B 497 -15.66 -39.00 3.91
C LEU B 497 -15.08 -37.59 3.90
N LEU B 498 -15.81 -36.67 3.26
CA LEU B 498 -15.51 -35.25 3.26
C LEU B 498 -16.65 -34.54 3.98
N GLU B 499 -16.30 -33.64 4.92
CA GLU B 499 -17.32 -32.94 5.71
C GLU B 499 -16.96 -31.49 5.98
N PHE B 500 -18.01 -30.64 6.08
CA PHE B 500 -17.91 -29.35 6.73
C PHE B 500 -18.71 -29.37 8.02
N VAL B 501 -18.13 -28.85 9.10
CA VAL B 501 -18.76 -28.82 10.40
C VAL B 501 -18.64 -27.41 10.95
N THR B 502 -19.78 -26.78 11.22
CA THR B 502 -19.79 -25.40 11.71
C THR B 502 -20.67 -25.29 12.92
N ALA B 503 -20.46 -24.24 13.72
CA ALA B 503 -21.26 -24.00 14.93
C ALA B 503 -22.08 -22.73 14.74
N ALA B 504 -23.29 -22.74 15.27
CA ALA B 504 -24.20 -21.59 15.11
C ALA B 504 -25.05 -21.46 16.36
N GLY B 505 -25.47 -20.25 16.69
CA GLY B 505 -26.22 -20.08 17.94
C GLY B 505 -26.95 -18.77 18.06
N ILE B 506 -28.00 -18.75 18.88
CA ILE B 506 -28.71 -17.48 19.17
C ILE B 506 -28.22 -17.10 20.57
N THR B 507 -26.99 -16.61 20.69
CA THR B 507 -26.38 -16.40 22.03
C THR B 507 -26.41 -14.95 22.44
N LEU B 508 -25.97 -14.03 21.59
CA LEU B 508 -25.87 -12.62 22.04
C LEU B 508 -27.08 -11.83 21.52
N GLY B 509 -28.21 -12.50 21.33
CA GLY B 509 -29.40 -11.82 20.75
C GLY B 509 -30.67 -12.61 20.94
N MET B 510 -30.79 -13.35 22.05
CA MET B 510 -32.06 -14.07 22.32
C MET B 510 -33.12 -13.06 22.77
N ASP B 511 -32.76 -12.11 23.63
CA ASP B 511 -33.80 -11.18 24.12
C ASP B 511 -34.36 -10.46 22.90
N GLU B 512 -33.55 -9.66 22.23
CA GLU B 512 -34.00 -9.05 20.97
C GLU B 512 -34.17 -10.21 20.03
N LEU B 513 -35.37 -10.81 19.90
CA LEU B 513 -35.66 -11.96 19.01
C LEU B 513 -36.94 -12.60 19.53
N TYR B 514 -36.88 -13.09 20.76
CA TYR B 514 -38.06 -13.73 21.38
C TYR B 514 -38.80 -12.69 22.20
N SER C 11 6.17 24.47 -27.35
CA SER C 11 7.61 24.20 -27.27
C SER C 11 7.97 23.00 -26.39
N LYS C 12 6.94 22.38 -25.77
CA LYS C 12 7.12 21.43 -24.68
C LYS C 12 7.41 22.15 -23.36
N GLY C 13 8.37 23.09 -23.40
CA GLY C 13 8.80 23.83 -22.24
C GLY C 13 7.73 24.75 -21.64
N GLU C 14 7.02 25.49 -22.50
CA GLU C 14 5.99 26.41 -22.04
C GLU C 14 5.01 25.74 -21.07
N GLU C 15 4.73 24.45 -21.32
CA GLU C 15 3.79 23.69 -20.51
C GLU C 15 4.19 23.61 -19.04
N LEU C 16 5.50 23.69 -18.77
CA LEU C 16 6.03 23.69 -17.41
C LEU C 16 5.79 25.01 -16.68
N PHE C 17 5.42 26.07 -17.42
CA PHE C 17 5.22 27.39 -16.83
C PHE C 17 3.76 27.84 -16.82
N THR C 18 2.84 26.88 -16.73
CA THR C 18 1.41 27.16 -16.82
C THR C 18 0.81 27.57 -15.48
N GLY C 19 1.33 26.97 -14.41
CA GLY C 19 0.94 27.36 -13.06
C GLY C 19 2.04 28.14 -12.35
N VAL C 20 1.86 28.37 -11.05
CA VAL C 20 2.89 28.95 -10.21
C VAL C 20 4.02 27.95 -10.10
N VAL C 21 5.27 28.42 -10.30
CA VAL C 21 6.44 27.55 -10.24
C VAL C 21 7.34 27.97 -9.08
N PRO C 22 7.77 27.04 -8.21
CA PRO C 22 8.74 27.35 -7.17
C PRO C 22 10.12 27.69 -7.72
N ILE C 23 10.72 28.78 -7.20
CA ILE C 23 12.03 29.25 -7.61
C ILE C 23 13.05 29.07 -6.49
N LEU C 24 14.27 28.69 -6.88
CA LEU C 24 15.41 28.63 -5.99
C LEU C 24 16.59 29.25 -6.74
N VAL C 25 17.39 30.06 -6.04
CA VAL C 25 18.55 30.69 -6.63
C VAL C 25 19.72 30.67 -5.67
N GLU C 26 20.85 30.13 -6.13
CA GLU C 26 22.09 30.06 -5.36
C GLU C 26 23.18 30.82 -6.10
N LEU C 27 23.75 31.83 -5.43
CA LEU C 27 24.83 32.63 -5.98
C LEU C 27 26.10 32.46 -5.17
N ASP C 28 27.21 32.16 -5.87
CA ASP C 28 28.53 32.08 -5.28
C ASP C 28 29.36 33.22 -5.86
N GLY C 29 29.76 34.16 -5.00
CA GLY C 29 30.36 35.39 -5.46
C GLY C 29 31.78 35.64 -4.92
N ASP C 30 32.58 36.36 -5.70
CA ASP C 30 33.94 36.77 -5.29
C ASP C 30 34.22 38.11 -5.96
N VAL C 31 34.13 39.20 -5.20
CA VAL C 31 34.42 40.56 -5.76
C VAL C 31 35.70 41.07 -5.10
N ASN C 32 36.69 41.50 -5.90
CA ASN C 32 37.97 41.91 -5.35
C ASN C 32 38.49 41.10 -4.16
N GLY C 33 38.35 39.77 -4.18
CA GLY C 33 38.83 38.97 -3.07
C GLY C 33 37.85 38.81 -1.92
N HIS C 34 36.74 39.56 -1.94
CA HIS C 34 35.68 39.42 -0.95
C HIS C 34 34.69 38.35 -1.40
N LYS C 35 34.82 37.15 -0.84
CA LYS C 35 33.97 36.03 -1.19
C LYS C 35 32.65 36.15 -0.42
N PHE C 36 31.55 35.75 -1.07
CA PHE C 36 30.24 35.81 -0.45
C PHE C 36 29.27 34.85 -1.14
N SER C 37 28.17 34.53 -0.45
CA SER C 37 27.14 33.65 -0.97
C SER C 37 25.74 34.18 -0.74
N VAL C 38 24.89 34.10 -1.76
CA VAL C 38 23.51 34.55 -1.68
C VAL C 38 22.56 33.40 -2.02
N SER C 39 21.56 33.22 -1.16
CA SER C 39 20.56 32.18 -1.37
C SER C 39 19.20 32.83 -1.52
N GLY C 40 18.43 32.38 -2.52
CA GLY C 40 17.12 32.96 -2.80
C GLY C 40 16.03 31.91 -2.95
N GLU C 41 14.80 32.30 -2.60
CA GLU C 41 13.64 31.42 -2.66
C GLU C 41 12.47 32.28 -3.14
N GLY C 42 11.47 31.65 -3.76
CA GLY C 42 10.29 32.37 -4.19
C GLY C 42 9.47 31.59 -5.21
N GLU C 43 8.67 32.32 -6.00
CA GLU C 43 7.79 31.69 -6.97
C GLU C 43 7.56 32.60 -8.17
N GLY C 44 7.30 31.97 -9.33
CA GLY C 44 7.03 32.68 -10.57
C GLY C 44 5.71 32.24 -11.20
N ASP C 45 5.06 33.17 -11.90
CA ASP C 45 3.92 32.85 -12.74
C ASP C 45 4.04 33.55 -14.09
N ALA C 46 4.48 32.79 -15.10
CA ALA C 46 4.72 33.32 -16.42
C ALA C 46 3.43 33.83 -17.09
N THR C 47 2.29 33.25 -16.71
CA THR C 47 0.99 33.73 -17.14
C THR C 47 0.83 35.24 -16.99
N TYR C 48 1.34 35.78 -15.89
CA TYR C 48 1.23 37.20 -15.60
C TYR C 48 2.58 37.91 -15.65
N GLY C 49 3.66 37.14 -15.80
CA GLY C 49 5.01 37.67 -15.74
C GLY C 49 5.41 38.09 -14.32
N LYS C 50 4.79 37.47 -13.31
CA LYS C 50 5.00 37.86 -11.92
C LYS C 50 6.14 37.05 -11.29
N LEU C 51 7.03 37.74 -10.58
CA LEU C 51 8.06 37.11 -9.79
C LEU C 51 8.02 37.67 -8.36
N THR C 52 8.06 36.76 -7.38
CA THR C 52 8.08 37.13 -5.98
C THR C 52 9.22 36.36 -5.35
N LEU C 53 10.27 37.10 -4.95
CA LEU C 53 11.53 36.49 -4.52
C LEU C 53 12.07 37.15 -3.25
N LYS C 54 12.68 36.34 -2.39
CA LYS C 54 13.43 36.84 -1.26
C LYS C 54 14.84 36.25 -1.32
N PHE C 55 15.85 37.11 -1.19
CA PHE C 55 17.24 36.71 -1.22
C PHE C 55 17.91 36.99 0.12
N ILE C 56 18.73 36.04 0.57
CA ILE C 56 19.53 36.19 1.78
C ILE C 56 21.01 36.02 1.44
N CYS C 57 21.86 36.88 2.02
CA CYS C 57 23.29 36.68 2.00
C CYS C 57 23.66 35.80 3.20
N THR C 58 24.21 34.61 2.93
CA THR C 58 24.49 33.64 3.98
C THR C 58 25.86 33.82 4.64
N THR C 59 26.73 34.63 4.03
CA THR C 59 28.08 34.81 4.52
C THR C 59 28.26 35.98 5.49
N GLY C 60 27.18 36.73 5.73
CA GLY C 60 27.24 37.92 6.57
C GLY C 60 26.74 39.15 5.81
N LYS C 61 27.54 40.22 5.86
CA LYS C 61 27.24 41.42 5.09
C LYS C 61 27.62 41.18 3.62
N LEU C 62 26.77 41.67 2.72
CA LEU C 62 27.06 41.59 1.30
C LEU C 62 28.07 42.69 0.96
N PRO C 63 29.18 42.37 0.25
CA PRO C 63 30.20 43.38 -0.05
C PRO C 63 29.87 44.31 -1.22
N VAL C 64 28.70 44.11 -1.85
CA VAL C 64 28.27 44.91 -2.98
C VAL C 64 26.83 45.32 -2.75
N PRO C 65 26.33 46.42 -3.34
CA PRO C 65 24.92 46.80 -3.19
C PRO C 65 23.98 45.82 -3.87
N TRP C 66 22.87 45.51 -3.19
CA TRP C 66 21.88 44.55 -3.68
C TRP C 66 21.40 44.86 -5.10
N PRO C 67 21.07 46.13 -5.46
CA PRO C 67 20.68 46.42 -6.83
C PRO C 67 21.66 45.99 -7.89
N THR C 68 22.93 45.83 -7.51
CA THR C 68 23.99 45.49 -8.46
C THR C 68 23.88 44.04 -8.81
N LEU C 69 23.05 43.30 -8.09
CA LEU C 69 22.97 41.83 -8.26
C LEU C 69 21.57 41.39 -8.73
N VAL C 70 20.67 42.32 -9.05
CA VAL C 70 19.27 41.94 -9.40
C VAL C 70 19.23 41.22 -10.76
N THR C 71 19.88 41.78 -11.77
CA THR C 71 19.90 41.17 -13.12
C THR C 71 20.60 39.83 -13.10
N THR C 72 21.45 39.61 -12.10
CA THR C 72 22.21 38.35 -12.02
C THR C 72 21.32 37.34 -11.38
N LEU C 73 20.61 37.73 -10.32
CA LEU C 73 19.74 36.79 -9.58
C LEU C 73 18.44 36.60 -10.36
CD2 SWG C 74 16.66 42.62 -16.60
CE3 SWG C 74 16.98 42.71 -17.95
CZ3 SWG C 74 16.81 43.91 -18.63
CH2 SWG C 74 16.33 44.98 -17.93
CZ2 SWG C 74 16.01 44.93 -16.57
CE2 SWG C 74 16.18 43.73 -15.92
NE1 SWG C 74 15.94 43.41 -14.59
CD1 SWG C 74 16.28 42.08 -14.45
CG SWG C 74 16.72 41.54 -15.61
CB2 SWG C 74 17.19 40.17 -15.94
CA2 SWG C 74 17.26 39.17 -15.01
N2 SWG C 74 16.78 39.18 -13.73
C2 SWG C 74 17.86 37.87 -15.22
O2 SWG C 74 18.42 37.39 -16.22
N3 SWG C 74 17.70 37.23 -14.05
CA3 SWG C 74 18.09 35.94 -13.71
C3 SWG C 74 17.19 34.78 -14.10
O3 SWG C 74 18.08 33.95 -14.15
C1 SWG C 74 17.08 37.99 -13.20
CA1 SWG C 74 16.71 37.57 -11.82
N1 SWG C 74 17.91 37.67 -10.98
CB1 SWG C 74 15.67 38.51 -11.25
OG1 SWG C 74 14.61 37.74 -10.70
N VAL C 75 16.12 34.63 -14.94
CA VAL C 75 14.86 33.87 -14.70
C VAL C 75 13.90 34.37 -15.80
N GLN C 76 14.46 34.74 -16.94
CA GLN C 76 13.66 35.28 -18.06
C GLN C 76 12.71 34.20 -18.57
N CYS C 77 12.72 33.03 -17.94
CA CYS C 77 11.83 31.92 -18.31
C CYS C 77 10.43 32.18 -17.74
N PHE C 78 10.29 33.20 -16.90
CA PHE C 78 8.99 33.50 -16.26
C PHE C 78 8.45 34.77 -16.88
N ALA C 79 8.82 35.04 -18.11
CA ALA C 79 8.36 36.25 -18.82
C ALA C 79 7.03 35.95 -19.51
N ARG C 80 6.20 36.99 -19.61
CA ARG C 80 4.87 36.79 -20.23
C ARG C 80 5.00 37.05 -21.73
N TYR C 81 4.99 35.99 -22.52
CA TYR C 81 5.01 36.14 -23.99
C TYR C 81 3.58 36.12 -24.43
N PRO C 82 3.11 37.16 -25.14
CA PRO C 82 1.77 37.13 -25.68
C PRO C 82 1.68 35.92 -26.61
N ASP C 83 0.52 35.25 -26.67
CA ASP C 83 0.36 34.00 -27.46
C ASP C 83 0.85 34.13 -28.91
N HIS C 84 0.71 35.30 -29.51
CA HIS C 84 1.16 35.53 -30.91
C HIS C 84 2.68 35.63 -30.99
N MET C 85 3.38 35.62 -29.86
CA MET C 85 4.86 35.76 -29.84
C MET C 85 5.44 34.54 -29.13
N LYS C 86 4.61 33.56 -28.85
CA LYS C 86 5.07 32.39 -28.07
C LYS C 86 6.18 31.64 -28.83
N GLN C 87 6.20 31.72 -30.15
CA GLN C 87 7.21 31.02 -30.97
C GLN C 87 8.57 31.70 -30.80
N HIS C 88 8.65 32.72 -29.95
CA HIS C 88 9.91 33.50 -29.80
C HIS C 88 10.48 33.33 -28.39
N ASP C 89 10.03 32.31 -27.68
CA ASP C 89 10.51 32.06 -26.30
C ASP C 89 11.59 30.99 -26.31
N PHE C 90 12.85 31.42 -26.33
CA PHE C 90 13.97 30.46 -26.25
C PHE C 90 14.06 29.97 -24.84
N PHE C 91 13.78 30.85 -23.89
CA PHE C 91 13.97 30.51 -22.45
C PHE C 91 13.17 29.29 -22.06
N LYS C 92 11.87 29.34 -22.29
CA LYS C 92 11.01 28.23 -21.90
C LYS C 92 11.26 27.02 -22.79
N SER C 93 11.54 27.25 -24.08
CA SER C 93 11.80 26.17 -25.02
C SER C 93 12.99 25.30 -24.60
N ALA C 94 13.95 25.90 -23.89
CA ALA C 94 15.12 25.19 -23.42
C ALA C 94 14.86 24.31 -22.21
N MET C 95 13.68 24.45 -21.60
CA MET C 95 13.32 23.72 -20.40
C MET C 95 12.77 22.35 -20.75
N PRO C 96 12.91 21.31 -19.90
CA PRO C 96 13.44 21.45 -18.54
C PRO C 96 14.96 21.34 -18.44
N GLU C 97 15.64 21.01 -19.55
CA GLU C 97 17.08 20.74 -19.51
C GLU C 97 17.83 22.00 -19.10
N GLY C 98 17.36 23.16 -19.57
CA GLY C 98 17.85 24.45 -19.10
C GLY C 98 18.77 25.18 -20.10
N TYR C 99 19.21 26.37 -19.71
CA TYR C 99 20.15 27.15 -20.50
C TYR C 99 21.26 27.71 -19.62
N VAL C 100 22.44 27.93 -20.21
CA VAL C 100 23.52 28.63 -19.55
C VAL C 100 23.37 30.12 -19.88
N GLN C 101 23.49 30.97 -18.85
CA GLN C 101 23.37 32.41 -19.01
C GLN C 101 24.62 33.09 -18.46
N GLU C 102 25.49 33.53 -19.38
CA GLU C 102 26.69 34.25 -19.05
C GLU C 102 26.50 35.73 -19.31
N ARG C 103 27.03 36.57 -18.41
CA ARG C 103 27.04 38.00 -18.62
C ARG C 103 28.37 38.63 -18.26
N THR C 104 28.61 39.82 -18.82
CA THR C 104 29.68 40.71 -18.38
C THR C 104 29.01 42.05 -18.12
N ILE C 105 29.17 42.56 -16.90
CA ILE C 105 28.57 43.82 -16.50
C ILE C 105 29.69 44.81 -16.22
N PHE C 106 29.79 45.85 -17.05
CA PHE C 106 30.81 46.87 -16.89
C PHE C 106 30.24 48.07 -16.13
N PHE C 107 30.75 48.30 -14.91
CA PHE C 107 30.40 49.49 -14.17
C PHE C 107 31.35 50.60 -14.62
N LYS C 108 30.80 51.66 -15.22
CA LYS C 108 31.60 52.76 -15.73
C LYS C 108 32.47 53.29 -14.60
N ASP C 109 33.74 53.59 -14.91
CA ASP C 109 34.70 54.08 -13.92
C ASP C 109 34.78 53.19 -12.69
N ASP C 110 34.69 51.87 -12.87
CA ASP C 110 34.83 50.94 -11.76
C ASP C 110 35.02 49.52 -12.30
N GLY C 111 34.91 48.52 -11.42
CA GLY C 111 35.14 47.14 -11.79
C GLY C 111 34.03 46.53 -12.64
N ASN C 112 34.14 45.22 -12.92
CA ASN C 112 33.17 44.52 -13.72
C ASN C 112 32.81 43.15 -13.11
N TYR C 113 31.54 42.76 -13.28
CA TYR C 113 31.08 41.42 -12.94
C TYR C 113 31.17 40.50 -14.15
N LYS C 114 31.62 39.27 -13.90
CA LYS C 114 31.53 38.18 -14.87
C LYS C 114 30.73 37.06 -14.22
N THR C 115 29.53 36.80 -14.77
CA THR C 115 28.63 35.80 -14.24
C THR C 115 28.44 34.68 -15.26
N ARG C 116 28.39 33.44 -14.75
CA ARG C 116 27.94 32.28 -15.50
C ARG C 116 26.90 31.59 -14.63
N ALA C 117 25.70 31.37 -15.19
CA ALA C 117 24.62 30.74 -14.46
C ALA C 117 23.98 29.59 -15.24
N GLU C 118 23.32 28.68 -14.51
CA GLU C 118 22.58 27.59 -15.11
C GLU C 118 21.13 27.66 -14.61
N VAL C 119 20.21 27.95 -15.51
CA VAL C 119 18.78 28.03 -15.21
C VAL C 119 18.12 26.78 -15.75
N LYS C 120 17.74 25.89 -14.83
CA LYS C 120 17.24 24.57 -15.19
C LYS C 120 16.22 24.11 -14.14
N PHE C 121 15.46 23.07 -14.49
CA PHE C 121 14.50 22.44 -13.59
C PHE C 121 15.14 21.30 -12.81
N GLU C 122 14.88 21.28 -11.50
CA GLU C 122 15.23 20.15 -10.66
C GLU C 122 13.94 19.73 -9.95
N GLY C 123 13.26 18.74 -10.53
CA GLY C 123 11.88 18.44 -10.15
C GLY C 123 10.97 19.59 -10.56
N ASP C 124 10.02 19.94 -9.70
CA ASP C 124 9.10 21.04 -9.96
C ASP C 124 9.75 22.41 -9.75
N THR C 125 10.97 22.45 -9.22
CA THR C 125 11.65 23.71 -8.92
C THR C 125 12.55 24.17 -10.05
N LEU C 126 12.32 25.41 -10.50
CA LEU C 126 13.20 26.10 -11.42
C LEU C 126 14.35 26.68 -10.60
N VAL C 127 15.58 26.30 -10.99
CA VAL C 127 16.76 26.77 -10.21
C VAL C 127 17.67 27.68 -11.04
N ASN C 128 18.33 28.62 -10.38
CA ASN C 128 19.32 29.52 -11.05
C ASN C 128 20.60 29.46 -10.23
N ARG C 129 21.54 28.60 -10.64
CA ARG C 129 22.83 28.48 -9.92
C ARG C 129 23.84 29.43 -10.56
N ILE C 130 24.28 30.45 -9.83
CA ILE C 130 25.14 31.48 -10.47
C ILE C 130 26.55 31.53 -9.88
N GLU C 131 27.56 31.62 -10.74
CA GLU C 131 28.95 31.81 -10.28
C GLU C 131 29.33 33.23 -10.73
N LEU C 132 29.81 34.06 -9.82
CA LEU C 132 30.08 35.45 -10.15
C LEU C 132 31.50 35.80 -9.72
N LYS C 133 32.24 36.49 -10.60
CA LYS C 133 33.59 36.92 -10.30
C LYS C 133 33.70 38.41 -10.65
N GLY C 134 34.09 39.22 -9.65
CA GLY C 134 34.24 40.66 -9.83
C GLY C 134 35.67 41.10 -9.61
N ILE C 135 36.17 41.96 -10.50
CA ILE C 135 37.53 42.45 -10.44
C ILE C 135 37.60 43.96 -10.72
N ASP C 136 38.74 44.56 -10.38
CA ASP C 136 39.08 45.95 -10.71
C ASP C 136 38.15 47.00 -10.10
N PHE C 137 37.59 46.70 -8.93
CA PHE C 137 36.70 47.63 -8.26
C PHE C 137 37.48 48.57 -7.33
N LYS C 138 36.98 49.80 -7.21
CA LYS C 138 37.53 50.78 -6.30
C LYS C 138 36.91 50.55 -4.92
N GLU C 139 37.76 50.42 -3.89
CA GLU C 139 37.31 50.18 -2.53
C GLU C 139 36.46 51.33 -2.00
N ASP C 140 36.69 52.54 -2.53
CA ASP C 140 35.95 53.73 -2.15
C ASP C 140 34.89 54.12 -3.17
N GLY C 141 34.72 53.28 -4.21
CA GLY C 141 33.78 53.55 -5.28
C GLY C 141 32.38 53.01 -5.00
N ASN C 142 31.41 53.51 -5.78
CA ASN C 142 30.00 53.30 -5.54
C ASN C 142 29.55 51.89 -5.19
N ILE C 143 30.27 50.88 -5.68
CA ILE C 143 29.92 49.49 -5.44
C ILE C 143 30.46 49.06 -4.07
N LEU C 144 31.78 48.87 -3.97
CA LEU C 144 32.38 48.39 -2.74
C LEU C 144 32.22 49.38 -1.58
N GLY C 145 31.96 50.65 -1.89
CA GLY C 145 31.70 51.67 -0.89
C GLY C 145 30.23 51.83 -0.49
N HIS C 146 29.37 50.98 -1.06
CA HIS C 146 27.92 51.04 -0.86
C HIS C 146 27.39 52.47 -0.92
N LYS C 147 27.42 53.06 -2.13
CA LYS C 147 26.93 54.41 -2.36
C LYS C 147 25.80 54.44 -3.39
N LEU C 148 25.30 53.26 -3.78
CA LEU C 148 24.18 53.16 -4.68
C LEU C 148 22.90 53.03 -3.84
N GLU C 149 21.80 53.57 -4.36
CA GLU C 149 20.53 53.56 -3.66
C GLU C 149 19.83 52.22 -3.85
N TYR C 150 18.75 51.99 -3.08
CA TYR C 150 18.05 50.72 -3.07
C TYR C 150 17.10 50.53 -4.25
N ASN C 151 16.43 51.62 -4.66
CA ASN C 151 15.55 51.60 -5.82
C ASN C 151 15.85 52.75 -6.77
N SER C 152 15.33 52.64 -8.00
CA SER C 152 15.52 53.67 -9.02
C SER C 152 14.68 54.92 -8.75
N SER C 153 15.20 56.08 -9.15
CA SER C 153 14.51 57.36 -9.02
C SER C 153 15.01 58.32 -10.10
N GLY C 154 14.17 59.32 -10.44
CA GLY C 154 14.53 60.33 -11.42
C GLY C 154 14.31 59.91 -12.87
N ARG C 155 14.26 60.91 -13.76
CA ARG C 155 14.02 60.70 -15.19
C ARG C 155 15.32 60.61 -15.98
N THR C 156 15.94 59.42 -15.96
CA THR C 156 17.10 59.18 -16.82
C THR C 156 16.65 58.61 -18.17
N GLY C 157 16.18 57.37 -18.17
CA GLY C 157 16.02 56.60 -19.40
C GLY C 157 14.67 55.89 -19.43
N ILE C 158 13.60 56.69 -19.48
CA ILE C 158 12.25 56.14 -19.40
C ILE C 158 11.34 56.28 -20.62
N ASP C 159 11.39 57.43 -21.29
CA ASP C 159 10.39 57.87 -22.25
C ASP C 159 8.98 58.08 -21.68
N PRO C 160 8.56 59.36 -21.47
CA PRO C 160 7.23 59.65 -20.96
C PRO C 160 6.10 59.03 -21.76
N PHE C 161 6.19 59.08 -23.10
CA PHE C 161 5.16 58.52 -23.96
C PHE C 161 5.02 57.01 -23.77
N THR C 162 6.17 56.33 -23.74
CA THR C 162 6.17 54.89 -23.59
C THR C 162 5.54 54.49 -22.27
N GLU C 163 5.90 55.23 -21.21
CA GLU C 163 5.37 54.94 -19.88
C GLU C 163 3.90 55.31 -19.81
N SER C 164 3.49 56.38 -20.50
CA SER C 164 2.08 56.71 -20.63
C SER C 164 1.28 55.54 -21.19
N VAL C 165 1.76 54.95 -22.28
CA VAL C 165 1.09 53.81 -22.90
C VAL C 165 0.96 52.66 -21.90
N LEU C 166 2.09 52.29 -21.30
CA LEU C 166 2.13 51.10 -20.45
C LEU C 166 1.28 51.28 -19.19
N GLN C 167 1.40 52.44 -18.53
CA GLN C 167 0.60 52.75 -17.35
C GLN C 167 -0.90 52.74 -17.64
N SER C 168 -1.28 53.38 -18.75
CA SER C 168 -2.68 53.43 -19.14
C SER C 168 -3.19 52.03 -19.40
N GLN C 169 -2.37 51.20 -20.05
CA GLN C 169 -2.67 49.80 -20.30
C GLN C 169 -2.91 49.05 -19.01
N ALA C 170 -2.01 49.23 -18.04
CA ALA C 170 -2.12 48.53 -16.76
C ALA C 170 -3.42 48.89 -16.05
N THR C 171 -3.76 50.18 -16.03
CA THR C 171 -4.94 50.66 -15.33
C THR C 171 -6.20 50.12 -16.01
N GLU C 172 -6.24 50.18 -17.34
CA GLU C 172 -7.37 49.69 -18.11
C GLU C 172 -7.53 48.18 -17.91
N LEU C 173 -6.42 47.45 -17.93
CA LEU C 173 -6.42 46.01 -17.73
C LEU C 173 -7.01 45.64 -16.37
N LEU C 174 -6.55 46.29 -15.31
CA LEU C 174 -7.07 46.05 -13.96
C LEU C 174 -8.58 46.32 -13.90
N GLN C 175 -9.01 47.45 -14.47
CA GLN C 175 -10.42 47.76 -14.53
C GLN C 175 -11.21 46.73 -15.34
N LYS C 176 -10.64 46.25 -16.45
CA LYS C 176 -11.30 45.29 -17.33
C LYS C 176 -11.49 43.95 -16.66
N LYS C 177 -10.45 43.45 -15.97
CA LYS C 177 -10.52 42.19 -15.25
C LYS C 177 -11.60 42.18 -14.19
N ALA C 178 -11.81 43.32 -13.52
CA ALA C 178 -12.87 43.46 -12.54
C ALA C 178 -14.23 43.34 -13.22
N GLN C 179 -14.39 44.03 -14.34
CA GLN C 179 -15.58 43.95 -15.17
C GLN C 179 -15.89 42.52 -15.63
N LEU C 180 -14.85 41.76 -15.99
CA LEU C 180 -15.04 40.41 -16.50
C LEU C 180 -15.47 39.44 -15.40
N VAL C 181 -14.97 39.66 -14.17
CA VAL C 181 -15.40 38.84 -13.05
C VAL C 181 -16.87 39.13 -12.75
N SER C 182 -17.22 40.42 -12.72
CA SER C 182 -18.60 40.83 -12.47
C SER C 182 -19.56 40.14 -13.44
N PHE C 183 -19.25 40.19 -14.74
CA PHE C 183 -20.07 39.57 -15.77
C PHE C 183 -20.30 38.10 -15.46
N LYS C 184 -19.23 37.39 -15.09
CA LYS C 184 -19.32 35.97 -14.77
C LYS C 184 -20.24 35.73 -13.56
N ILE C 185 -20.13 36.59 -12.54
CA ILE C 185 -20.99 36.48 -11.37
C ILE C 185 -22.43 36.70 -11.82
N GLN C 186 -22.66 37.78 -12.59
CA GLN C 186 -23.98 38.10 -13.10
C GLN C 186 -24.60 36.97 -13.92
N GLY C 187 -23.77 36.32 -14.75
CA GLY C 187 -24.21 35.15 -15.50
C GLY C 187 -24.78 34.09 -14.57
N ILE C 188 -24.01 33.73 -13.56
CA ILE C 188 -24.41 32.71 -12.60
C ILE C 188 -25.71 33.11 -11.89
N MET C 189 -25.81 34.38 -11.48
CA MET C 189 -26.98 34.86 -10.75
C MET C 189 -28.21 35.00 -11.63
N LYS C 190 -28.00 35.35 -12.91
CA LYS C 190 -29.10 35.49 -13.87
C LYS C 190 -29.85 34.17 -14.02
N ARG C 191 -29.09 33.07 -14.10
CA ARG C 191 -29.64 31.74 -14.26
C ARG C 191 -30.44 31.31 -13.02
N ILE C 192 -29.90 31.62 -11.84
CA ILE C 192 -30.59 31.35 -10.58
C ILE C 192 -31.96 32.01 -10.53
N PHE C 193 -32.00 33.32 -10.86
CA PHE C 193 -33.24 34.07 -10.80
C PHE C 193 -34.19 33.71 -11.92
N MET C 194 -33.65 33.26 -13.06
CA MET C 194 -34.48 32.86 -14.17
C MET C 194 -35.22 31.57 -13.78
N GLY C 195 -34.46 30.62 -13.23
CA GLY C 195 -35.02 29.37 -12.73
C GLY C 195 -35.97 29.56 -11.55
N ALA C 196 -35.64 30.52 -10.67
CA ALA C 196 -36.46 30.82 -9.52
C ALA C 196 -37.84 31.35 -9.93
N ASN C 197 -37.85 32.18 -10.98
CA ASN C 197 -39.08 32.69 -11.55
C ASN C 197 -39.95 31.57 -12.10
N THR C 198 -39.33 30.60 -12.77
CA THR C 198 -40.04 29.48 -13.37
C THR C 198 -40.66 28.61 -12.27
N LEU C 199 -39.86 28.31 -11.24
CA LEU C 199 -40.34 27.63 -10.05
C LEU C 199 -41.56 28.35 -9.48
N GLU C 200 -41.46 29.68 -9.36
CA GLU C 200 -42.53 30.50 -8.82
C GLU C 200 -43.82 30.33 -9.62
N LYS C 201 -43.69 30.24 -10.95
CA LYS C 201 -44.84 30.10 -11.84
C LYS C 201 -45.57 28.78 -11.64
N PHE C 202 -44.81 27.69 -11.47
CA PHE C 202 -45.40 26.38 -11.28
C PHE C 202 -45.88 26.14 -9.85
N LEU C 203 -45.06 26.57 -8.88
CA LEU C 203 -45.38 26.37 -7.48
C LEU C 203 -46.43 27.35 -6.97
N SER C 204 -46.82 28.33 -7.80
CA SER C 204 -47.82 29.32 -7.41
C SER C 204 -49.26 28.82 -7.48
N ASP C 205 -49.52 27.80 -8.30
CA ASP C 205 -50.88 27.40 -8.63
C ASP C 205 -51.64 26.83 -7.42
N GLU C 206 -52.64 27.58 -6.93
CA GLU C 206 -53.36 27.21 -5.72
C GLU C 206 -54.18 25.96 -5.99
N ASN C 207 -53.88 24.88 -5.27
CA ASN C 207 -54.55 23.58 -5.36
C ASN C 207 -54.28 22.82 -6.65
N SER C 208 -54.51 23.48 -7.79
CA SER C 208 -54.40 22.87 -9.12
C SER C 208 -53.33 21.81 -9.37
N ALA C 209 -53.80 20.62 -9.80
CA ALA C 209 -52.98 19.60 -10.43
C ALA C 209 -51.62 19.30 -9.79
N ILE C 210 -50.70 20.27 -9.82
CA ILE C 210 -49.32 20.08 -9.43
C ILE C 210 -49.17 19.51 -8.02
N ASN C 211 -49.07 18.19 -7.92
CA ASN C 211 -48.89 17.53 -6.64
C ASN C 211 -47.47 17.75 -6.12
N ASP C 212 -47.31 17.53 -4.80
CA ASP C 212 -46.08 17.84 -4.10
C ASP C 212 -44.88 17.07 -4.64
N THR C 213 -45.12 15.86 -5.18
CA THR C 213 -44.05 15.04 -5.71
C THR C 213 -43.43 15.72 -6.93
N LEU C 214 -44.28 16.24 -7.81
CA LEU C 214 -43.80 17.01 -8.96
C LEU C 214 -43.10 18.29 -8.52
N LYS C 215 -43.64 18.95 -7.51
CA LYS C 215 -43.00 20.18 -6.97
C LYS C 215 -41.58 19.85 -6.54
N ARG C 216 -41.39 18.75 -5.81
CA ARG C 216 -40.05 18.37 -5.29
C ARG C 216 -39.10 18.07 -6.44
N ARG C 217 -39.63 17.65 -7.58
CA ARG C 217 -38.77 17.30 -8.73
C ARG C 217 -38.30 18.61 -9.35
N MET C 218 -39.19 19.60 -9.41
CA MET C 218 -38.85 20.92 -9.94
C MET C 218 -37.82 21.61 -9.06
N LEU C 219 -37.97 21.45 -7.74
CA LEU C 219 -37.02 22.01 -6.78
C LEU C 219 -35.63 21.39 -6.94
N SER C 220 -35.58 20.06 -7.09
CA SER C 220 -34.30 19.37 -7.23
C SER C 220 -33.57 19.79 -8.50
N GLU C 221 -34.32 19.89 -9.61
CA GLU C 221 -33.76 20.37 -10.86
C GLU C 221 -33.14 21.76 -10.71
N PHE C 222 -33.88 22.66 -10.06
CA PHE C 222 -33.37 23.98 -9.75
C PHE C 222 -32.00 23.92 -9.11
N LEU C 223 -31.85 23.06 -8.09
CA LEU C 223 -30.56 22.87 -7.43
C LEU C 223 -29.53 22.27 -8.38
N LEU C 224 -29.93 21.27 -9.16
CA LEU C 224 -29.04 20.64 -10.11
C LEU C 224 -28.54 21.62 -11.16
N ALA C 225 -29.41 22.50 -11.65
CA ALA C 225 -29.04 23.49 -12.66
C ALA C 225 -28.20 24.63 -12.11
N ASN C 226 -28.25 24.82 -10.78
CA ASN C 226 -27.63 25.96 -10.14
C ASN C 226 -26.87 25.51 -8.90
N PRO C 227 -25.67 24.91 -9.06
CA PRO C 227 -24.92 24.36 -7.93
C PRO C 227 -24.47 25.38 -6.89
N HIS C 228 -24.57 26.69 -7.21
CA HIS C 228 -24.27 27.72 -6.23
C HIS C 228 -25.38 27.86 -5.18
N VAL C 229 -26.48 27.13 -5.36
CA VAL C 229 -27.55 27.08 -4.38
C VAL C 229 -27.44 25.81 -3.53
N LEU C 230 -27.47 25.98 -2.21
CA LEU C 230 -27.35 24.86 -1.29
C LEU C 230 -28.67 24.11 -1.10
N LEU C 231 -29.76 24.87 -0.90
CA LEU C 231 -31.08 24.31 -0.65
C LEU C 231 -32.16 25.24 -1.18
N VAL C 232 -33.35 24.68 -1.39
CA VAL C 232 -34.51 25.45 -1.81
C VAL C 232 -35.74 24.86 -1.12
N SER C 233 -36.62 25.75 -0.65
CA SER C 233 -37.85 25.36 0.04
C SER C 233 -39.06 26.11 -0.50
N ALA C 234 -40.16 25.39 -0.71
CA ALA C 234 -41.44 25.99 -1.01
C ALA C 234 -42.25 26.02 0.28
N ILE C 235 -42.45 27.21 0.85
CA ILE C 235 -43.22 27.37 2.08
C ILE C 235 -44.66 27.78 1.74
N TYR C 236 -45.59 26.83 1.89
CA TYR C 236 -47.00 27.07 1.65
C TYR C 236 -47.73 27.51 2.91
N THR C 237 -48.47 28.62 2.80
CA THR C 237 -49.16 29.23 3.91
C THR C 237 -50.66 29.26 3.65
N ASN C 238 -51.09 28.59 2.59
CA ASN C 238 -52.44 28.76 2.03
C ASN C 238 -53.55 28.26 2.96
N ASN C 239 -53.41 27.03 3.46
CA ASN C 239 -54.41 26.36 4.26
C ASN C 239 -54.02 24.92 4.58
N ASN C 240 -53.15 24.34 3.75
CA ASN C 240 -52.53 23.05 4.03
C ASN C 240 -51.20 23.18 4.76
N GLU C 241 -50.78 24.41 5.07
CA GLU C 241 -49.54 24.72 5.75
C GLU C 241 -48.48 23.60 5.69
N ARG C 242 -47.43 23.81 4.89
CA ARG C 242 -46.37 22.83 4.73
C ARG C 242 -45.14 23.43 4.04
N VAL C 243 -44.02 22.71 4.09
CA VAL C 243 -42.78 23.13 3.46
C VAL C 243 -42.08 21.95 2.77
N ILE C 244 -41.93 22.04 1.44
CA ILE C 244 -41.20 21.05 0.66
C ILE C 244 -39.78 21.57 0.46
N THR C 245 -38.79 20.87 1.00
CA THR C 245 -37.40 21.29 0.90
C THR C 245 -36.52 20.27 0.16
N ALA C 246 -35.58 20.78 -0.64
CA ALA C 246 -34.54 19.97 -1.25
C ALA C 246 -33.19 20.62 -0.91
N MET C 247 -32.16 19.80 -0.74
CA MET C 247 -30.85 20.27 -0.35
C MET C 247 -29.78 19.40 -0.99
N SER C 248 -28.64 20.02 -1.34
CA SER C 248 -27.58 19.36 -2.09
C SER C 248 -26.45 18.95 -1.15
N MET C 249 -26.45 17.67 -0.75
CA MET C 249 -25.41 17.11 0.10
C MET C 249 -24.41 16.37 -0.79
N ASP C 250 -23.23 16.97 -0.98
CA ASP C 250 -22.08 16.29 -1.59
C ASP C 250 -22.38 15.66 -2.96
N SER C 251 -23.05 16.41 -3.83
CA SER C 251 -23.49 15.93 -5.15
C SER C 251 -24.71 15.03 -5.14
N LYS C 252 -25.28 14.76 -3.95
CA LYS C 252 -26.51 14.00 -3.81
C LYS C 252 -27.64 14.87 -3.26
N ILE C 253 -28.78 14.89 -3.95
CA ILE C 253 -29.93 15.69 -3.56
C ILE C 253 -30.75 14.94 -2.52
N ALA C 254 -30.86 15.52 -1.31
CA ALA C 254 -31.69 14.97 -0.26
C ALA C 254 -32.85 15.91 0.03
N TYR C 255 -33.89 15.36 0.68
CA TYR C 255 -35.12 16.08 0.91
C TYR C 255 -35.41 16.20 2.41
N PRO C 256 -34.82 17.19 3.11
CA PRO C 256 -35.01 17.32 4.55
C PRO C 256 -36.39 17.88 4.92
N ASN C 257 -36.56 18.16 6.21
CA ASN C 257 -37.75 18.80 6.74
C ASN C 257 -37.53 20.32 7.02
N ILE C 274 -39.76 40.05 -3.50
CA ILE C 274 -38.38 39.49 -3.53
C ILE C 274 -37.57 40.14 -2.39
N THR C 275 -36.94 39.31 -1.57
CA THR C 275 -36.15 39.83 -0.46
C THR C 275 -34.94 38.97 -0.30
N HIS C 276 -33.93 39.47 0.39
CA HIS C 276 -32.74 38.65 0.70
C HIS C 276 -32.34 38.94 2.14
N SER C 277 -31.89 37.93 2.86
CA SER C 277 -31.37 38.15 4.19
C SER C 277 -29.99 38.80 4.10
N ASP C 278 -29.52 39.36 5.22
CA ASP C 278 -28.12 39.74 5.37
C ASP C 278 -27.32 38.45 5.29
N PRO C 279 -26.09 38.48 4.73
CA PRO C 279 -25.24 37.29 4.76
C PRO C 279 -24.98 36.77 6.16
N TYR C 280 -24.92 35.43 6.29
CA TYR C 280 -24.61 34.79 7.55
C TYR C 280 -23.99 33.42 7.28
N TYR C 281 -23.55 32.75 8.36
CA TYR C 281 -23.02 31.41 8.26
C TYR C 281 -24.08 30.40 8.67
N LYS C 282 -24.30 29.40 7.82
CA LYS C 282 -25.27 28.33 8.12
C LYS C 282 -24.48 27.08 8.49
N GLU C 283 -24.84 26.43 9.60
CA GLU C 283 -24.06 25.25 10.06
C GLU C 283 -24.65 23.96 9.49
N VAL C 284 -24.30 23.62 8.25
CA VAL C 284 -24.75 22.32 7.68
C VAL C 284 -23.69 21.29 8.09
N ASN C 285 -24.07 20.03 8.29
CA ASN C 285 -23.10 19.04 8.83
C ASN C 285 -22.40 19.70 10.01
N GLY C 286 -21.07 19.78 9.97
CA GLY C 286 -20.35 20.50 11.02
C GLY C 286 -19.61 21.67 10.42
N ASP C 287 -19.97 22.05 9.20
CA ASP C 287 -19.24 23.13 8.49
C ASP C 287 -20.07 24.41 8.48
N LYS C 288 -19.40 25.55 8.60
CA LYS C 288 -20.10 26.80 8.46
C LYS C 288 -20.01 27.23 6.99
N ILE C 289 -21.17 27.34 6.33
CA ILE C 289 -21.23 27.77 4.93
C ILE C 289 -21.80 29.18 4.88
N TYR C 290 -20.98 30.12 4.38
CA TYR C 290 -21.37 31.51 4.24
C TYR C 290 -22.32 31.64 3.06
N GLY C 291 -23.44 32.34 3.28
CA GLY C 291 -24.42 32.54 2.23
C GLY C 291 -25.49 33.55 2.61
N MET C 292 -26.59 33.55 1.86
CA MET C 292 -27.76 34.36 2.21
C MET C 292 -29.02 33.65 1.73
N ASP C 293 -30.12 33.90 2.44
CA ASP C 293 -31.44 33.46 2.02
C ASP C 293 -32.03 34.49 1.05
N ILE C 294 -32.49 34.02 -0.11
CA ILE C 294 -33.30 34.81 -1.02
C ILE C 294 -34.71 34.22 -1.00
N THR C 295 -35.69 35.05 -0.62
CA THR C 295 -37.07 34.63 -0.46
C THR C 295 -37.97 35.36 -1.46
N LEU C 296 -38.69 34.57 -2.25
CA LEU C 296 -39.50 35.06 -3.35
C LEU C 296 -40.94 34.65 -3.05
N PRO C 297 -41.92 35.59 -3.03
CA PRO C 297 -43.29 35.24 -2.71
C PRO C 297 -43.99 34.50 -3.85
N LEU C 298 -44.87 33.56 -3.50
CA LEU C 298 -45.59 32.76 -4.48
C LEU C 298 -46.92 33.43 -4.85
N MET C 299 -46.95 34.01 -6.06
CA MET C 299 -47.98 34.96 -6.48
C MET C 299 -48.81 34.41 -7.63
N GLY C 300 -48.17 34.20 -8.80
CA GLY C 300 -48.84 33.66 -9.96
C GLY C 300 -49.93 34.58 -10.52
N LYS C 301 -51.18 34.13 -10.43
CA LYS C 301 -52.34 34.95 -10.81
C LYS C 301 -53.20 35.33 -9.60
N ASN C 302 -52.82 34.84 -8.41
CA ASN C 302 -53.46 35.24 -7.16
C ASN C 302 -53.03 36.64 -6.75
N GLN C 303 -53.80 37.27 -5.86
CA GLN C 303 -53.57 38.66 -5.47
C GLN C 303 -52.61 38.82 -4.27
N ASN C 304 -52.44 37.74 -3.48
CA ASN C 304 -51.74 37.83 -2.21
C ASN C 304 -50.79 36.66 -1.94
N ALA C 305 -50.79 36.14 -0.69
CA ALA C 305 -49.73 35.27 -0.20
C ALA C 305 -50.18 33.81 -0.10
N ILE C 306 -50.04 33.07 -1.21
CA ILE C 306 -50.27 31.63 -1.25
C ILE C 306 -49.13 30.90 -0.53
N GLY C 307 -47.95 31.53 -0.55
CA GLY C 307 -46.78 30.98 0.11
C GLY C 307 -45.54 31.72 -0.35
N ALA C 308 -44.36 31.16 -0.07
CA ALA C 308 -43.12 31.74 -0.56
C ALA C 308 -42.11 30.64 -0.88
N LEU C 309 -41.28 30.93 -1.88
CA LEU C 309 -40.17 30.07 -2.26
C LEU C 309 -38.92 30.73 -1.71
N ASN C 310 -38.10 29.93 -1.01
CA ASN C 310 -36.87 30.41 -0.43
C ASN C 310 -35.74 29.50 -0.89
N PHE C 311 -34.57 30.10 -1.14
CA PHE C 311 -33.36 29.32 -1.34
C PHE C 311 -32.18 29.97 -0.62
N PHE C 312 -31.19 29.14 -0.28
CA PHE C 312 -29.97 29.62 0.35
C PHE C 312 -28.85 29.66 -0.70
N LEU C 313 -28.45 30.89 -1.04
CA LEU C 313 -27.37 31.11 -2.00
C LEU C 313 -26.03 30.89 -1.30
N ASN C 314 -25.28 29.88 -1.76
CA ASN C 314 -23.97 29.59 -1.17
C ASN C 314 -22.93 30.54 -1.75
N ILE C 315 -22.59 31.58 -0.98
CA ILE C 315 -21.62 32.57 -1.43
C ILE C 315 -20.24 31.93 -1.55
N ASP C 316 -19.90 31.05 -0.60
CA ASP C 316 -18.63 30.34 -0.63
C ASP C 316 -18.44 29.53 -1.91
N ALA C 317 -19.56 29.16 -2.55
CA ALA C 317 -19.51 28.50 -3.84
C ALA C 317 -19.01 29.40 -4.97
N PHE C 318 -18.88 30.70 -4.70
CA PHE C 318 -18.34 31.65 -5.65
C PHE C 318 -16.84 31.89 -5.50
N TYR C 319 -16.19 31.23 -4.53
CA TYR C 319 -14.79 31.45 -4.26
C TYR C 319 -13.96 31.38 -5.54
N THR C 320 -14.04 30.24 -6.24
CA THR C 320 -13.28 30.02 -7.46
C THR C 320 -13.71 30.96 -8.58
N ASP C 321 -14.97 31.37 -8.60
CA ASP C 321 -15.45 32.29 -9.63
C ASP C 321 -14.86 33.69 -9.47
N VAL C 322 -14.60 34.06 -8.22
CA VAL C 322 -14.07 35.37 -7.88
C VAL C 322 -12.55 35.33 -7.83
N VAL C 323 -11.99 34.41 -7.03
CA VAL C 323 -10.56 34.36 -6.78
C VAL C 323 -9.78 33.57 -7.82
N GLY C 324 -10.39 32.50 -8.36
CA GLY C 324 -9.75 31.65 -9.34
C GLY C 324 -9.11 30.41 -8.72
N LYS C 325 -8.54 29.55 -9.57
CA LYS C 325 -7.87 28.33 -9.14
C LYS C 325 -6.59 28.62 -8.36
N LYS C 326 -5.84 29.66 -8.77
CA LYS C 326 -4.71 30.17 -8.03
C LYS C 326 -5.18 31.39 -7.23
N LYS C 327 -4.62 31.59 -6.04
CA LYS C 327 -4.91 32.79 -5.27
C LYS C 327 -4.65 34.00 -6.17
N SER C 328 -5.45 35.05 -5.99
CA SER C 328 -5.31 36.28 -6.76
C SER C 328 -5.83 37.44 -5.93
N ASN C 329 -5.52 38.66 -6.36
CA ASN C 329 -5.96 39.86 -5.67
C ASN C 329 -7.36 40.27 -6.13
N THR C 330 -8.35 39.44 -5.81
CA THR C 330 -9.74 39.71 -6.16
C THR C 330 -10.64 39.54 -4.94
N PHE C 331 -11.59 40.45 -4.76
CA PHE C 331 -12.59 40.26 -3.74
C PHE C 331 -13.99 40.58 -4.26
N LEU C 332 -14.98 39.99 -3.58
CA LEU C 332 -16.39 40.30 -3.78
C LEU C 332 -16.90 41.03 -2.54
N MET C 333 -17.58 42.15 -2.77
CA MET C 333 -17.93 43.09 -1.72
C MET C 333 -19.42 43.41 -1.77
N GLY C 334 -20.03 43.54 -0.58
CA GLY C 334 -21.46 43.83 -0.44
C GLY C 334 -21.74 45.19 0.19
N LYS C 335 -22.95 45.33 0.75
CA LYS C 335 -23.38 46.53 1.45
C LYS C 335 -22.36 46.92 2.51
N ASP C 336 -22.06 48.22 2.61
CA ASP C 336 -21.16 48.77 3.62
C ASP C 336 -19.70 48.31 3.49
N GLY C 337 -19.33 47.79 2.32
CA GLY C 337 -17.97 47.32 2.09
C GLY C 337 -17.64 45.98 2.77
N ARG C 338 -18.66 45.14 2.95
CA ARG C 338 -18.48 43.85 3.59
C ARG C 338 -17.84 42.85 2.63
N LEU C 339 -16.78 42.18 3.08
CA LEU C 339 -16.07 41.22 2.27
C LEU C 339 -16.82 39.89 2.19
N LEU C 340 -17.47 39.64 1.05
CA LEU C 340 -18.21 38.40 0.84
C LEU C 340 -17.26 37.27 0.43
N ILE C 341 -16.35 37.57 -0.49
CA ILE C 341 -15.32 36.62 -0.90
C ILE C 341 -13.97 37.31 -0.87
N ASN C 342 -12.94 36.58 -0.41
CA ASN C 342 -11.59 37.12 -0.29
C ASN C 342 -10.58 35.98 -0.23
N PRO C 343 -9.40 36.12 -0.88
CA PRO C 343 -8.37 35.09 -0.78
C PRO C 343 -8.08 34.68 0.66
N ASN C 344 -7.87 35.69 1.52
CA ASN C 344 -7.78 35.45 2.96
C ASN C 344 -9.16 35.26 3.55
N ARG C 345 -9.43 34.04 4.04
CA ARG C 345 -10.74 33.67 4.52
C ARG C 345 -11.05 34.35 5.85
N GLU C 346 -9.98 34.77 6.56
CA GLU C 346 -10.13 35.36 7.89
C GLU C 346 -10.86 36.70 7.87
N ILE C 347 -10.85 37.40 6.73
CA ILE C 347 -11.51 38.70 6.66
C ILE C 347 -12.89 38.63 6.00
N GLN C 348 -13.35 37.42 5.70
CA GLN C 348 -14.71 37.24 5.19
C GLN C 348 -15.72 37.73 6.22
N ASP C 349 -16.74 38.46 5.74
CA ASP C 349 -17.81 38.99 6.56
C ASP C 349 -17.42 40.27 7.28
N LYS C 350 -16.14 40.65 7.20
CA LYS C 350 -15.62 41.84 7.85
C LYS C 350 -15.68 43.02 6.88
N ILE C 351 -15.91 44.23 7.42
CA ILE C 351 -15.99 45.44 6.61
C ILE C 351 -14.59 45.92 6.25
N LEU C 352 -14.45 46.58 5.09
CA LEU C 352 -13.11 47.04 4.61
C LEU C 352 -12.54 48.10 5.56
N SER C 353 -13.22 49.23 5.72
CA SER C 353 -12.67 50.35 6.54
C SER C 353 -12.48 49.94 8.01
N ALA C 354 -13.14 48.87 8.45
CA ALA C 354 -12.93 48.39 9.83
C ALA C 354 -11.82 47.35 9.83
N ILE C 355 -11.38 46.94 8.64
CA ILE C 355 -10.23 45.99 8.55
C ILE C 355 -8.98 46.80 8.20
N ASN C 356 -9.14 47.76 7.29
CA ASN C 356 -7.99 48.61 6.90
C ASN C 356 -8.10 49.96 7.59
N PRO C 357 -7.14 50.32 8.45
CA PRO C 357 -7.14 51.62 9.08
C PRO C 357 -7.21 52.70 8.03
N ASP C 358 -6.66 52.46 6.84
CA ASP C 358 -6.62 53.54 5.82
C ASP C 358 -8.03 54.09 5.65
N ARG C 359 -8.13 55.40 5.48
CA ARG C 359 -9.45 56.05 5.32
C ARG C 359 -9.70 56.23 3.83
N ARG C 360 -8.66 56.05 3.04
CA ARG C 360 -8.86 56.12 1.60
C ARG C 360 -9.70 54.98 1.04
N VAL C 361 -9.83 53.88 1.80
CA VAL C 361 -10.63 52.75 1.37
C VAL C 361 -12.10 53.11 1.23
N ALA C 362 -12.54 54.17 1.93
CA ALA C 362 -13.91 54.64 1.82
C ALA C 362 -14.33 54.99 0.39
N LYS C 363 -13.35 55.25 -0.50
CA LYS C 363 -13.66 55.55 -1.88
C LYS C 363 -14.31 54.35 -2.56
N ALA C 364 -13.91 53.13 -2.17
CA ALA C 364 -14.48 51.92 -2.73
C ALA C 364 -15.95 51.69 -2.41
N VAL C 365 -16.37 52.01 -1.16
CA VAL C 365 -17.78 51.93 -0.77
C VAL C 365 -18.60 53.03 -1.46
N GLU C 366 -17.93 54.16 -1.70
CA GLU C 366 -18.54 55.28 -2.40
C GLU C 366 -18.80 54.95 -3.87
N TYR C 367 -17.81 54.35 -4.54
CA TYR C 367 -18.00 53.83 -5.88
C TYR C 367 -19.19 52.89 -5.90
N TYR C 368 -19.19 51.95 -4.94
CA TYR C 368 -20.25 50.95 -4.81
C TYR C 368 -21.63 51.58 -4.67
N ASN C 369 -21.74 52.55 -3.75
CA ASN C 369 -23.03 53.17 -3.48
C ASN C 369 -23.53 54.05 -4.62
N GLN C 370 -22.61 54.54 -5.46
CA GLN C 370 -22.99 55.35 -6.61
C GLN C 370 -23.09 54.52 -7.89
N ASN C 371 -22.89 53.20 -7.75
CA ASN C 371 -22.96 52.29 -8.89
C ASN C 371 -22.10 52.80 -10.05
N GLU C 372 -20.92 53.33 -9.71
CA GLU C 372 -19.94 53.79 -10.70
C GLU C 372 -18.64 53.02 -10.49
N ALA C 373 -18.09 52.49 -11.59
CA ALA C 373 -16.79 51.85 -11.56
C ALA C 373 -15.71 52.91 -11.40
N GLY C 374 -14.55 52.52 -10.87
CA GLY C 374 -13.42 53.42 -10.72
C GLY C 374 -12.26 52.84 -9.91
N THR C 375 -11.13 53.54 -9.95
CA THR C 375 -9.92 53.13 -9.25
C THR C 375 -9.69 54.00 -8.02
N LEU C 376 -8.78 53.52 -7.14
CA LEU C 376 -8.36 54.25 -5.96
C LEU C 376 -7.07 53.65 -5.43
N SER C 377 -6.38 54.38 -4.55
CA SER C 377 -5.16 53.92 -3.92
C SER C 377 -5.32 53.85 -2.41
N TYR C 378 -4.70 52.83 -1.80
CA TYR C 378 -4.73 52.69 -0.35
C TYR C 378 -3.56 51.81 0.12
N HIS C 379 -3.35 51.75 1.44
CA HIS C 379 -2.30 50.88 2.02
C HIS C 379 -2.91 49.52 2.35
N SER C 380 -2.23 48.44 1.99
CA SER C 380 -2.81 47.09 2.18
C SER C 380 -2.60 46.59 3.61
N LEU C 381 -1.79 47.30 4.39
CA LEU C 381 -1.54 46.91 5.80
C LEU C 381 -1.37 45.39 5.89
N GLY C 383 -0.12 42.90 2.63
CA GLY C 383 0.88 43.42 3.54
C GLY C 383 1.17 44.89 3.29
N ASN C 384 2.21 45.42 3.95
CA ASN C 384 2.47 46.85 4.04
C ASN C 384 3.03 47.45 2.74
N THR C 385 2.16 47.51 1.72
CA THR C 385 2.49 48.08 0.42
C THR C 385 1.40 49.06 0.02
N GLU C 386 1.72 50.01 -0.88
CA GLU C 386 0.72 50.86 -1.49
C GLU C 386 -0.01 50.03 -2.55
N THR C 387 -1.35 50.01 -2.44
CA THR C 387 -2.18 49.18 -3.28
C THR C 387 -3.04 50.04 -4.21
N PHE C 388 -3.14 49.61 -5.47
CA PHE C 388 -4.00 50.25 -6.45
C PHE C 388 -5.18 49.30 -6.65
N LEU C 389 -6.41 49.82 -6.47
CA LEU C 389 -7.62 49.02 -6.49
C LEU C 389 -8.66 49.54 -7.48
N ALA C 390 -9.17 48.63 -8.31
CA ALA C 390 -10.28 48.90 -9.20
C ALA C 390 -11.55 48.30 -8.60
N ILE C 391 -12.59 49.12 -8.44
CA ILE C 391 -13.89 48.65 -7.99
C ILE C 391 -14.86 48.61 -9.17
N GLN C 392 -15.57 47.49 -9.32
CA GLN C 392 -16.58 47.34 -10.36
C GLN C 392 -17.91 46.97 -9.70
N PRO C 393 -18.79 47.96 -9.43
CA PRO C 393 -20.12 47.64 -8.91
C PRO C 393 -20.97 46.94 -9.96
N PHE C 394 -21.93 46.12 -9.51
CA PHE C 394 -22.87 45.46 -10.40
C PHE C 394 -24.09 44.97 -9.64
N ASP C 395 -25.25 45.03 -10.30
CA ASP C 395 -26.48 44.49 -9.73
C ASP C 395 -26.56 43.01 -10.06
N PHE C 396 -26.75 42.18 -9.04
CA PHE C 396 -26.89 40.75 -9.22
C PHE C 396 -28.36 40.36 -9.33
N PHE C 397 -29.24 41.37 -9.38
CA PHE C 397 -30.64 41.20 -9.69
C PHE C 397 -31.23 42.49 -10.25
N GLU C 398 -32.10 42.35 -11.25
CA GLU C 398 -32.74 43.49 -11.92
C GLU C 398 -34.11 43.77 -11.32
N GLU C 399 -34.16 44.74 -10.38
CA GLU C 399 -35.39 45.30 -9.86
C GLU C 399 -35.14 46.76 -9.47
N LYS C 400 -36.12 47.39 -8.80
CA LYS C 400 -35.99 48.75 -8.28
C LYS C 400 -35.44 49.73 -9.34
N ASN C 405 -29.83 50.06 -3.80
CA ASN C 405 -28.58 49.29 -3.77
C ASN C 405 -28.74 47.88 -3.21
N HIS C 406 -29.96 47.52 -2.77
CA HIS C 406 -30.23 46.25 -2.13
C HIS C 406 -29.69 45.04 -2.90
N TRP C 407 -29.78 45.11 -4.23
CA TRP C 407 -29.34 44.02 -5.09
C TRP C 407 -28.03 44.33 -5.82
N ARG C 408 -27.04 44.84 -5.09
CA ARG C 408 -25.76 45.23 -5.68
C ARG C 408 -24.55 44.65 -4.96
N TRP C 409 -23.60 44.13 -5.76
CA TRP C 409 -22.30 43.67 -5.28
C TRP C 409 -21.24 44.46 -6.02
N ALA C 410 -19.96 44.20 -5.72
CA ALA C 410 -18.87 44.83 -6.42
C ALA C 410 -17.66 43.90 -6.45
N ILE C 411 -16.94 43.88 -7.57
CA ILE C 411 -15.70 43.16 -7.67
C ILE C 411 -14.58 44.15 -7.36
N GLY C 412 -13.54 43.64 -6.67
CA GLY C 412 -12.32 44.39 -6.43
C GLY C 412 -11.12 43.64 -6.98
N LYS C 413 -10.41 44.27 -7.92
CA LYS C 413 -9.12 43.78 -8.39
C LYS C 413 -8.08 44.79 -7.93
N TYR C 414 -7.01 44.31 -7.30
CA TYR C 414 -5.96 45.19 -6.80
C TYR C 414 -4.57 44.66 -7.09
N VAL C 415 -3.59 45.56 -7.02
CA VAL C 415 -2.21 45.26 -7.35
C VAL C 415 -1.29 46.19 -6.58
N ASN C 416 -0.02 45.77 -6.44
CA ASN C 416 1.03 46.61 -5.88
C ASN C 416 1.23 47.85 -6.75
N LYS C 417 0.83 49.01 -6.23
CA LYS C 417 0.88 50.27 -6.98
C LYS C 417 2.32 50.66 -7.31
N SER C 418 3.21 50.46 -6.34
CA SER C 418 4.60 50.85 -6.49
C SER C 418 5.30 50.01 -7.55
N LEU C 419 4.85 48.77 -7.74
CA LEU C 419 5.40 47.93 -8.80
C LEU C 419 4.80 48.30 -10.16
N VAL C 420 3.47 48.28 -10.28
CA VAL C 420 2.84 48.48 -11.59
C VAL C 420 3.13 49.82 -12.24
N PHE C 421 3.30 50.88 -11.45
CA PHE C 421 3.63 52.18 -12.02
C PHE C 421 5.09 52.59 -11.85
N SER C 422 5.96 51.60 -11.60
CA SER C 422 7.39 51.83 -11.68
C SER C 422 7.87 51.75 -13.13
N SER C 423 9.01 52.38 -13.40
CA SER C 423 9.57 52.46 -14.74
C SER C 423 9.91 51.07 -15.29
N HIS C 424 9.86 50.95 -16.62
CA HIS C 424 10.24 49.71 -17.29
C HIS C 424 11.66 49.77 -17.83
N SER C 425 12.46 48.72 -17.54
CA SER C 425 13.75 48.52 -18.17
C SER C 425 13.63 47.44 -19.23
N ASN C 426 14.38 47.61 -20.32
CA ASN C 426 14.20 46.80 -21.51
C ASN C 426 15.49 46.14 -21.99
N VAL C 427 15.34 44.99 -22.63
CA VAL C 427 16.46 44.27 -23.22
C VAL C 427 16.02 43.82 -24.60
N TYR C 428 16.86 44.10 -25.60
CA TYR C 428 16.58 43.72 -26.97
C TYR C 428 17.15 42.33 -27.24
N ILE C 429 16.28 41.32 -27.19
CA ILE C 429 16.69 39.94 -27.37
C ILE C 429 16.90 39.62 -28.86
N THR C 430 18.10 39.13 -29.17
CA THR C 430 18.46 38.79 -30.55
C THR C 430 19.03 37.38 -30.59
N ALA C 431 18.81 36.70 -31.72
CA ALA C 431 19.23 35.32 -31.88
C ALA C 431 20.73 35.24 -32.20
N ASP C 432 21.40 34.27 -31.58
CA ASP C 432 22.76 33.91 -31.95
C ASP C 432 22.68 32.52 -32.59
N LYS C 433 22.75 32.48 -33.93
CA LYS C 433 22.55 31.24 -34.67
C LYS C 433 23.68 30.25 -34.40
N GLN C 434 24.93 30.74 -34.38
CA GLN C 434 26.10 29.91 -34.13
C GLN C 434 25.95 29.04 -32.89
N LYS C 435 25.56 29.66 -31.77
CA LYS C 435 25.46 28.99 -30.48
C LYS C 435 24.09 28.40 -30.19
N ASN C 436 23.21 28.31 -31.20
CA ASN C 436 21.85 27.83 -31.01
C ASN C 436 21.18 28.51 -29.82
N GLY C 437 21.46 29.82 -29.63
CA GLY C 437 20.94 30.56 -28.49
C GLY C 437 20.55 32.00 -28.83
N ILE C 438 20.68 32.88 -27.82
CA ILE C 438 20.32 34.28 -27.94
C ILE C 438 21.40 35.15 -27.32
N LYS C 439 21.31 36.45 -27.60
CA LYS C 439 22.26 37.44 -27.12
C LYS C 439 21.54 38.76 -26.89
N ALA C 440 22.12 39.62 -26.04
CA ALA C 440 21.52 40.90 -25.70
C ALA C 440 22.54 41.80 -25.03
N ASN C 441 22.42 43.10 -25.31
CA ASN C 441 23.20 44.13 -24.63
C ASN C 441 22.19 45.15 -24.09
N PHE C 442 22.39 45.60 -22.85
CA PHE C 442 21.52 46.62 -22.27
C PHE C 442 22.21 47.38 -21.15
N LYS C 443 21.66 48.55 -20.83
CA LYS C 443 22.26 49.45 -19.86
C LYS C 443 21.36 49.65 -18.63
N ILE C 444 21.84 49.21 -17.47
CA ILE C 444 21.20 49.49 -16.21
C ILE C 444 21.80 50.76 -15.61
N ARG C 445 20.94 51.61 -15.08
CA ARG C 445 21.37 52.89 -14.48
C ARG C 445 21.03 52.88 -12.99
N HIS C 446 22.04 52.75 -12.14
CA HIS C 446 21.86 52.75 -10.68
C HIS C 446 21.98 54.16 -10.12
N ASN C 447 21.04 54.54 -9.25
CA ASN C 447 21.07 55.84 -8.60
C ASN C 447 22.15 55.92 -7.54
N ILE C 448 22.99 56.96 -7.62
CA ILE C 448 24.05 57.18 -6.65
C ILE C 448 23.54 58.10 -5.54
N GLU C 449 23.93 57.79 -4.30
CA GLU C 449 23.48 58.54 -3.14
C GLU C 449 24.11 59.93 -3.21
N ASP C 450 23.27 60.96 -3.08
CA ASP C 450 23.68 62.37 -3.12
C ASP C 450 24.23 62.82 -4.48
N GLY C 451 24.11 61.96 -5.49
CA GLY C 451 24.74 62.19 -6.78
C GLY C 451 23.85 61.78 -7.95
N GLY C 452 24.50 61.35 -9.04
CA GLY C 452 23.82 61.11 -10.30
C GLY C 452 23.59 59.62 -10.53
N VAL C 453 24.08 59.14 -11.69
CA VAL C 453 23.79 57.79 -12.15
C VAL C 453 25.07 57.00 -12.36
N GLN C 454 25.07 55.76 -11.85
CA GLN C 454 26.13 54.79 -12.08
C GLN C 454 25.68 53.82 -13.16
N LEU C 455 26.34 53.90 -14.33
CA LEU C 455 26.01 53.03 -15.46
C LEU C 455 26.53 51.63 -15.20
N ALA C 456 25.77 50.63 -15.66
CA ALA C 456 26.17 49.24 -15.61
C ALA C 456 25.83 48.61 -16.96
N ASP C 457 26.85 48.50 -17.82
CA ASP C 457 26.67 48.08 -19.21
C ASP C 457 26.68 46.55 -19.29
N HIS C 458 25.50 45.98 -19.57
CA HIS C 458 25.32 44.54 -19.57
C HIS C 458 25.53 43.93 -20.96
N TYR C 459 26.27 42.81 -20.97
CA TYR C 459 26.45 42.01 -22.16
C TYR C 459 26.06 40.58 -21.80
N GLN C 460 25.16 39.98 -22.62
CA GLN C 460 24.55 38.71 -22.29
C GLN C 460 24.58 37.75 -23.46
N GLN C 461 24.79 36.47 -23.14
CA GLN C 461 24.76 35.39 -24.11
C GLN C 461 24.20 34.15 -23.43
N ASN C 462 23.06 33.65 -23.92
CA ASN C 462 22.45 32.44 -23.39
C ASN C 462 22.59 31.28 -24.38
N THR C 463 23.01 30.12 -23.86
CA THR C 463 23.14 28.90 -24.65
C THR C 463 22.40 27.76 -23.96
N PRO C 464 21.63 26.93 -24.71
CA PRO C 464 20.95 25.79 -24.11
C PRO C 464 21.91 24.73 -23.55
N ILE C 465 21.46 24.03 -22.51
CA ILE C 465 22.26 23.01 -21.86
C ILE C 465 22.29 21.71 -22.67
N GLY C 466 21.11 21.19 -23.02
CA GLY C 466 21.00 19.89 -23.66
C GLY C 466 21.19 19.92 -25.17
N GLY C 468 18.91 19.43 -27.41
CA GLY C 468 17.54 19.33 -27.86
C GLY C 468 17.12 20.50 -28.75
N PRO C 469 16.01 20.39 -29.51
CA PRO C 469 15.56 21.48 -30.37
C PRO C 469 15.03 22.67 -29.57
N VAL C 470 15.47 23.87 -29.96
CA VAL C 470 15.09 25.11 -29.27
C VAL C 470 14.58 26.14 -30.26
N LEU C 471 13.81 27.11 -29.75
CA LEU C 471 13.27 28.19 -30.55
C LEU C 471 14.23 29.37 -30.59
N LEU C 472 14.89 29.58 -31.74
CA LEU C 472 15.65 30.78 -32.00
C LEU C 472 14.69 31.90 -32.40
N PRO C 473 14.56 32.98 -31.59
CA PRO C 473 13.54 33.99 -31.82
C PRO C 473 13.91 35.06 -32.83
N ASP C 474 12.90 35.72 -33.39
CA ASP C 474 13.06 36.99 -34.04
C ASP C 474 13.40 38.01 -32.97
N ASN C 475 14.01 39.12 -33.39
CA ASN C 475 14.34 40.20 -32.48
C ASN C 475 13.07 40.64 -31.77
N HIS C 476 13.18 40.91 -30.47
CA HIS C 476 12.08 41.38 -29.66
C HIS C 476 12.59 41.94 -28.33
N TYR C 477 11.67 42.49 -27.53
CA TYR C 477 12.01 43.16 -26.29
C TYR C 477 11.47 42.36 -25.11
N LEU C 478 12.20 42.41 -23.99
CA LEU C 478 11.69 42.00 -22.69
C LEU C 478 11.68 43.26 -21.84
N SER C 479 10.59 43.45 -21.07
CA SER C 479 10.41 44.67 -20.31
C SER C 479 10.20 44.31 -18.85
N THR C 480 11.05 44.84 -17.96
CA THR C 480 10.97 44.50 -16.55
C THR C 480 10.66 45.70 -15.65
N GLN C 481 9.74 45.49 -14.70
CA GLN C 481 9.54 46.36 -13.55
C GLN C 481 10.02 45.64 -12.31
N SER C 482 10.91 46.27 -11.55
CA SER C 482 11.40 45.69 -10.31
C SER C 482 11.19 46.64 -9.14
N LYS C 483 10.90 46.09 -7.96
CA LYS C 483 10.81 46.88 -6.75
C LYS C 483 11.54 46.14 -5.62
N LEU C 484 12.49 46.83 -4.98
CA LEU C 484 13.24 46.26 -3.88
C LEU C 484 12.60 46.69 -2.57
N SER C 485 12.60 45.77 -1.60
CA SER C 485 12.05 46.03 -0.29
C SER C 485 12.77 45.18 0.77
N LYS C 486 12.34 45.31 2.02
CA LYS C 486 12.92 44.59 3.13
C LYS C 486 11.85 43.80 3.89
N ASP C 487 12.23 42.63 4.39
CA ASP C 487 11.38 41.87 5.29
C ASP C 487 11.63 42.38 6.71
N PRO C 488 10.63 43.00 7.38
CA PRO C 488 10.83 43.56 8.70
C PRO C 488 11.31 42.55 9.74
N ASN C 489 11.01 41.27 9.51
CA ASN C 489 11.41 40.21 10.43
C ASN C 489 12.72 39.49 10.06
N GLU C 490 13.34 39.89 8.95
CA GLU C 490 14.62 39.33 8.58
C GLU C 490 15.77 40.11 9.20
N LYS C 491 16.48 39.49 10.13
CA LYS C 491 17.61 40.12 10.82
C LYS C 491 18.87 40.16 9.95
N ARG C 492 18.97 39.23 8.98
CA ARG C 492 20.15 39.12 8.14
C ARG C 492 20.07 40.06 6.95
N ASP C 493 21.21 40.21 6.25
CA ASP C 493 21.30 41.03 5.06
C ASP C 493 20.50 40.33 3.95
N HIS C 494 19.53 41.04 3.38
CA HIS C 494 18.55 40.43 2.49
C HIS C 494 17.91 41.43 1.54
N MET C 495 17.30 40.90 0.47
CA MET C 495 16.55 41.71 -0.47
C MET C 495 15.26 40.97 -0.81
N VAL C 496 14.14 41.71 -0.82
CA VAL C 496 12.87 41.21 -1.31
C VAL C 496 12.68 41.85 -2.67
N LEU C 497 12.48 41.02 -3.70
CA LEU C 497 12.38 41.49 -5.07
C LEU C 497 11.04 41.06 -5.66
N LEU C 498 10.26 42.06 -6.10
CA LEU C 498 9.01 41.85 -6.81
C LEU C 498 9.19 42.40 -8.22
N GLU C 499 8.79 41.63 -9.23
CA GLU C 499 8.96 42.03 -10.63
C GLU C 499 7.80 41.62 -11.52
N PHE C 500 7.53 42.44 -12.55
CA PHE C 500 6.76 42.04 -13.71
C PHE C 500 7.68 41.98 -14.92
N VAL C 501 7.57 40.92 -15.71
CA VAL C 501 8.41 40.71 -16.89
C VAL C 501 7.51 40.33 -18.05
N THR C 502 7.57 41.13 -19.14
CA THR C 502 6.71 40.91 -20.29
C THR C 502 7.49 41.05 -21.59
N ALA C 503 7.07 40.30 -22.61
CA ALA C 503 7.69 40.33 -23.92
C ALA C 503 6.82 41.09 -24.92
N ALA C 504 7.48 41.86 -25.80
CA ALA C 504 6.81 42.64 -26.82
C ALA C 504 7.69 42.70 -28.05
N GLY C 505 7.06 42.74 -29.24
CA GLY C 505 7.79 42.74 -30.48
C GLY C 505 6.98 43.32 -31.63
N ILE C 506 7.68 43.77 -32.68
CA ILE C 506 7.07 44.15 -33.94
C ILE C 506 7.28 42.99 -34.90
N THR C 507 6.59 41.88 -34.63
CA THR C 507 6.76 40.64 -35.39
C THR C 507 5.74 40.46 -36.51
N LEU C 508 4.45 40.69 -36.23
CA LEU C 508 3.41 40.52 -37.23
C LEU C 508 3.12 41.79 -38.02
N GLY C 509 3.88 42.87 -37.77
CA GLY C 509 3.53 44.19 -38.31
C GLY C 509 4.69 44.96 -38.93
N MET C 510 5.09 44.52 -40.13
CA MET C 510 6.03 45.26 -40.96
C MET C 510 5.34 46.41 -41.68
N ASP C 511 4.06 46.64 -41.36
CA ASP C 511 3.25 47.64 -42.04
C ASP C 511 3.61 49.06 -41.58
N GLU C 512 4.27 49.15 -40.42
CA GLU C 512 4.79 50.40 -39.91
C GLU C 512 6.18 50.71 -40.46
N LEU C 513 6.87 49.68 -40.95
CA LEU C 513 8.23 49.80 -41.48
C LEU C 513 9.24 50.17 -40.36
N LYS D 12 29.47 3.13 14.73
CA LYS D 12 29.63 1.68 14.50
C LYS D 12 31.03 1.34 13.98
N GLY D 13 31.43 1.96 12.87
CA GLY D 13 32.70 1.69 12.22
C GLY D 13 32.93 0.24 11.76
N GLU D 14 33.60 -0.53 12.62
CA GLU D 14 33.85 -1.95 12.37
C GLU D 14 32.62 -2.68 11.86
N GLU D 15 31.46 -2.32 12.44
CA GLU D 15 30.19 -2.95 12.15
C GLU D 15 29.81 -2.86 10.68
N LEU D 16 30.26 -1.80 10.01
CA LEU D 16 30.02 -1.62 8.59
C LEU D 16 30.85 -2.54 7.70
N PHE D 17 31.89 -3.17 8.28
CA PHE D 17 32.80 -4.02 7.52
C PHE D 17 32.69 -5.50 7.87
N THR D 18 31.48 -5.92 8.26
CA THR D 18 31.23 -7.28 8.71
C THR D 18 31.01 -8.26 7.57
N GLY D 19 30.35 -7.78 6.51
CA GLY D 19 30.14 -8.57 5.31
C GLY D 19 30.99 -8.06 4.16
N VAL D 20 30.73 -8.60 2.97
CA VAL D 20 31.33 -8.10 1.74
C VAL D 20 30.79 -6.69 1.50
N VAL D 21 31.67 -5.74 1.19
CA VAL D 21 31.28 -4.36 0.95
C VAL D 21 31.59 -3.97 -0.49
N PRO D 22 30.62 -3.38 -1.22
CA PRO D 22 30.87 -2.86 -2.57
C PRO D 22 31.81 -1.66 -2.57
N ILE D 23 32.80 -1.69 -3.48
CA ILE D 23 33.79 -0.63 -3.61
C ILE D 23 33.60 0.12 -4.93
N LEU D 24 33.79 1.44 -4.87
CA LEU D 24 33.83 2.29 -6.04
C LEU D 24 34.99 3.26 -5.86
N VAL D 25 35.75 3.49 -6.94
CA VAL D 25 36.90 4.37 -6.89
C VAL D 25 36.99 5.22 -8.15
N GLU D 26 37.06 6.54 -7.96
CA GLU D 26 37.16 7.49 -9.05
C GLU D 26 38.44 8.31 -8.88
N LEU D 27 39.31 8.27 -9.90
CA LEU D 27 40.57 9.01 -9.89
C LEU D 27 40.59 10.04 -11.01
N ASP D 28 40.93 11.28 -10.65
CA ASP D 28 41.08 12.37 -11.59
C ASP D 28 42.55 12.79 -11.56
N GLY D 29 43.25 12.57 -12.68
CA GLY D 29 44.70 12.66 -12.71
C GLY D 29 45.25 13.68 -13.70
N ASP D 30 46.41 14.26 -13.36
CA ASP D 30 47.16 15.15 -14.22
C ASP D 30 48.64 14.95 -13.91
N VAL D 31 49.35 14.37 -14.87
CA VAL D 31 50.80 14.11 -14.68
C VAL D 31 51.54 14.81 -15.82
N ASN D 32 52.21 15.91 -15.51
CA ASN D 32 53.02 16.64 -16.53
C ASN D 32 52.11 17.15 -17.64
N GLY D 33 50.90 17.58 -17.30
CA GLY D 33 50.02 18.16 -18.33
C GLY D 33 49.14 17.10 -18.98
N HIS D 34 49.50 15.83 -18.84
CA HIS D 34 48.70 14.76 -19.39
C HIS D 34 47.56 14.41 -18.44
N LYS D 35 46.35 14.92 -18.75
CA LYS D 35 45.18 14.67 -17.92
C LYS D 35 44.61 13.30 -18.25
N PHE D 36 44.08 12.62 -17.22
CA PHE D 36 43.48 11.32 -17.39
C PHE D 36 42.51 11.01 -16.25
N SER D 37 41.63 10.01 -16.48
CA SER D 37 40.67 9.59 -15.48
C SER D 37 40.59 8.07 -15.36
N VAL D 38 40.56 7.57 -14.12
CA VAL D 38 40.47 6.15 -13.84
C VAL D 38 39.24 5.85 -13.00
N SER D 39 38.44 4.86 -13.43
CA SER D 39 37.26 4.45 -12.70
C SER D 39 37.44 3.00 -12.26
N GLY D 40 37.09 2.71 -11.00
CA GLY D 40 37.25 1.37 -10.45
C GLY D 40 35.99 0.87 -9.74
N GLU D 41 35.84 -0.46 -9.76
CA GLU D 41 34.69 -1.13 -9.17
C GLU D 41 35.22 -2.42 -8.54
N GLY D 42 34.52 -2.92 -7.52
CA GLY D 42 34.90 -4.16 -6.89
C GLY D 42 34.27 -4.36 -5.52
N GLU D 43 34.89 -5.20 -4.70
CA GLU D 43 34.35 -5.52 -3.38
C GLU D 43 35.47 -5.84 -2.39
N GLY D 44 35.20 -5.57 -1.10
CA GLY D 44 36.14 -5.86 -0.03
C GLY D 44 35.50 -6.70 1.07
N ASP D 45 36.34 -7.53 1.73
CA ASP D 45 35.93 -8.23 2.93
C ASP D 45 37.02 -8.13 3.99
N ALA D 46 36.81 -7.21 4.95
CA ALA D 46 37.78 -6.93 5.98
C ALA D 46 38.02 -8.12 6.90
N THR D 47 36.99 -8.98 7.04
CA THR D 47 37.10 -10.23 7.76
C THR D 47 38.33 -11.04 7.36
N TYR D 48 38.62 -11.06 6.06
CA TYR D 48 39.74 -11.81 5.52
C TYR D 48 40.86 -10.92 4.97
N GLY D 49 40.59 -9.61 4.92
CA GLY D 49 41.53 -8.65 4.33
C GLY D 49 41.59 -8.75 2.81
N LYS D 50 40.51 -9.24 2.21
CA LYS D 50 40.47 -9.51 0.77
C LYS D 50 39.96 -8.28 0.01
N LEU D 51 40.64 -7.94 -1.08
CA LEU D 51 40.18 -6.93 -2.02
C LEU D 51 40.17 -7.52 -3.43
N THR D 52 39.07 -7.30 -4.15
CA THR D 52 38.96 -7.72 -5.53
C THR D 52 38.47 -6.50 -6.31
N LEU D 53 39.34 -5.95 -7.16
CA LEU D 53 39.09 -4.69 -7.83
C LEU D 53 39.46 -4.73 -9.31
N LYS D 54 38.67 -4.02 -10.12
CA LYS D 54 39.00 -3.81 -11.51
C LYS D 54 38.99 -2.30 -11.76
N PHE D 55 40.04 -1.80 -12.40
CA PHE D 55 40.17 -0.38 -12.73
C PHE D 55 40.21 -0.19 -14.23
N ILE D 56 39.50 0.85 -14.71
CA ILE D 56 39.49 1.23 -16.10
C ILE D 56 39.93 2.68 -16.24
N CYS D 57 40.79 2.95 -17.23
CA CYS D 57 41.09 4.31 -17.65
C CYS D 57 40.05 4.74 -18.68
N THR D 58 39.27 5.77 -18.35
CA THR D 58 38.17 6.20 -19.21
C THR D 58 38.57 7.21 -20.28
N THR D 59 39.79 7.77 -20.17
CA THR D 59 40.23 8.80 -21.09
C THR D 59 41.00 8.27 -22.29
N GLY D 60 41.24 6.96 -22.33
CA GLY D 60 42.04 6.34 -23.38
C GLY D 60 43.21 5.57 -22.79
N LYS D 61 44.43 5.84 -23.30
CA LYS D 61 45.63 5.23 -22.76
C LYS D 61 46.02 5.96 -21.48
N LEU D 62 46.45 5.18 -20.48
CA LEU D 62 46.95 5.75 -19.24
C LEU D 62 48.37 6.28 -19.48
N PRO D 63 48.69 7.53 -19.10
CA PRO D 63 50.01 8.10 -19.35
C PRO D 63 51.10 7.66 -18.37
N VAL D 64 50.75 6.83 -17.40
CA VAL D 64 51.68 6.38 -16.37
C VAL D 64 51.49 4.87 -16.23
N PRO D 65 52.49 4.11 -15.74
CA PRO D 65 52.29 2.68 -15.52
C PRO D 65 51.31 2.38 -14.39
N TRP D 66 50.45 1.37 -14.62
CA TRP D 66 49.43 0.99 -13.65
C TRP D 66 49.99 0.73 -12.25
N PRO D 67 51.14 0.03 -12.11
CA PRO D 67 51.73 -0.20 -10.79
C PRO D 67 51.99 1.06 -9.98
N THR D 68 52.24 2.19 -10.66
CA THR D 68 52.49 3.45 -9.96
C THR D 68 51.24 3.97 -9.25
N LEU D 69 50.07 3.56 -9.74
CA LEU D 69 48.80 4.04 -9.22
C LEU D 69 48.11 3.11 -8.23
N VAL D 70 48.68 1.92 -8.00
CA VAL D 70 48.07 0.93 -7.13
C VAL D 70 47.82 1.43 -5.71
N THR D 71 48.84 1.95 -5.04
CA THR D 71 48.71 2.49 -3.68
C THR D 71 47.71 3.61 -3.68
N THR D 72 47.62 4.38 -4.76
CA THR D 72 46.73 5.54 -4.76
C THR D 72 45.30 5.07 -4.84
N LEU D 73 45.02 4.10 -5.70
CA LEU D 73 43.66 3.55 -5.87
C LEU D 73 43.36 2.57 -4.74
CD2 SWG D 74 50.19 -0.19 0.35
CE3 SWG D 74 50.70 0.34 1.54
CZ3 SWG D 74 51.90 -0.12 2.03
CH2 SWG D 74 52.56 -1.10 1.33
CZ2 SWG D 74 52.08 -1.66 0.14
CE2 SWG D 74 50.87 -1.18 -0.33
NE1 SWG D 74 50.17 -1.54 -1.47
CD1 SWG D 74 49.03 -0.77 -1.50
CG SWG D 74 48.98 0.06 -0.43
CB2 SWG D 74 47.98 1.07 -0.02
CA2 SWG D 74 46.80 1.30 -0.66
N2 SWG D 74 46.30 0.67 -1.78
C2 SWG D 74 45.82 2.29 -0.26
O2 SWG D 74 45.86 3.08 0.68
N3 SWG D 74 44.84 2.17 -1.15
CA3 SWG D 74 43.66 2.91 -1.18
C3 SWG D 74 42.69 2.93 -0.01
O3 SWG D 74 43.28 3.75 0.69
C1 SWG D 74 45.11 1.24 -2.04
CA1 SWG D 74 44.18 0.87 -3.15
N1 SWG D 74 44.36 1.80 -4.29
CB1 SWG D 74 44.22 -0.58 -3.62
OG1 SWG D 74 45.59 -0.95 -3.58
N VAL D 75 41.40 2.66 0.30
CA VAL D 75 40.79 1.43 0.90
C VAL D 75 41.70 0.64 1.90
N GLN D 76 42.17 1.26 2.99
CA GLN D 76 42.93 0.53 4.04
C GLN D 76 41.89 0.13 5.07
N CYS D 77 40.68 0.66 4.94
CA CYS D 77 39.49 0.34 5.77
C CYS D 77 39.18 -1.15 5.66
N PHE D 78 39.76 -1.82 4.66
CA PHE D 78 39.54 -3.26 4.48
C PHE D 78 40.68 -4.11 5.01
N ALA D 79 41.56 -3.54 5.80
CA ALA D 79 42.64 -4.31 6.39
C ALA D 79 42.05 -5.23 7.45
N ARG D 80 42.54 -6.47 7.52
CA ARG D 80 42.10 -7.41 8.52
C ARG D 80 42.87 -7.16 9.82
N TYR D 81 42.16 -6.64 10.83
CA TYR D 81 42.72 -6.43 12.16
C TYR D 81 42.39 -7.60 13.08
N PRO D 82 43.40 -8.30 13.64
CA PRO D 82 43.14 -9.27 14.70
C PRO D 82 42.33 -8.68 15.85
N ASP D 83 41.41 -9.47 16.40
CA ASP D 83 40.57 -9.04 17.51
C ASP D 83 41.34 -8.25 18.58
N HIS D 84 42.46 -8.82 19.02
CA HIS D 84 43.25 -8.23 20.10
C HIS D 84 43.83 -6.87 19.73
N MET D 85 43.78 -6.48 18.44
CA MET D 85 44.20 -5.13 18.07
C MET D 85 43.14 -4.27 17.40
N LYS D 86 41.86 -4.64 17.54
CA LYS D 86 40.77 -3.89 16.93
C LYS D 86 40.69 -2.44 17.40
N GLN D 87 41.16 -2.17 18.63
CA GLN D 87 41.19 -0.83 19.18
C GLN D 87 42.15 0.12 18.46
N HIS D 88 42.96 -0.41 17.53
CA HIS D 88 43.94 0.38 16.81
C HIS D 88 43.59 0.55 15.32
N ASP D 89 42.32 0.33 14.99
CA ASP D 89 41.85 0.48 13.62
C ASP D 89 41.21 1.86 13.45
N PHE D 90 42.04 2.84 13.09
CA PHE D 90 41.60 4.19 12.78
C PHE D 90 40.68 4.25 11.56
N PHE D 91 41.05 3.55 10.51
CA PHE D 91 40.31 3.66 9.23
C PHE D 91 38.85 3.36 9.42
N LYS D 92 38.56 2.22 10.02
CA LYS D 92 37.14 1.82 10.18
C LYS D 92 36.46 2.80 11.14
N SER D 93 37.17 3.21 12.20
CA SER D 93 36.62 4.15 13.21
C SER D 93 36.14 5.44 12.54
N ALA D 94 36.77 5.83 11.45
CA ALA D 94 36.41 7.10 10.78
C ALA D 94 35.17 6.91 9.92
N MET D 95 34.68 5.67 9.83
CA MET D 95 33.50 5.40 8.95
C MET D 95 32.24 5.47 9.80
N PRO D 96 31.10 5.98 9.27
CA PRO D 96 30.93 6.11 7.83
C PRO D 96 31.26 7.48 7.26
N GLU D 97 31.56 8.45 8.12
CA GLU D 97 31.80 9.84 7.63
C GLU D 97 33.02 9.83 6.72
N GLY D 98 34.06 9.12 7.10
CA GLY D 98 35.19 8.99 6.16
C GLY D 98 36.47 9.59 6.64
N TYR D 99 37.51 9.50 5.80
CA TYR D 99 38.82 10.07 6.16
C TYR D 99 39.46 10.61 4.92
N VAL D 100 40.13 11.75 5.04
CA VAL D 100 40.92 12.29 3.95
C VAL D 100 42.28 11.61 3.97
N GLN D 101 42.73 11.16 2.79
CA GLN D 101 44.01 10.48 2.66
C GLN D 101 44.86 11.18 1.62
N GLU D 102 45.85 11.94 2.09
CA GLU D 102 46.80 12.65 1.26
C GLU D 102 48.12 11.90 1.25
N ARG D 103 48.76 11.85 0.07
CA ARG D 103 50.11 11.33 -0.04
C ARG D 103 51.00 12.21 -0.91
N THR D 104 52.31 12.06 -0.70
CA THR D 104 53.31 12.57 -1.62
C THR D 104 54.20 11.38 -1.94
N ILE D 105 54.32 11.07 -3.23
CA ILE D 105 55.10 9.93 -3.69
C ILE D 105 56.26 10.47 -4.52
N PHE D 106 57.48 10.30 -4.00
CA PHE D 106 58.68 10.75 -4.70
C PHE D 106 59.30 9.60 -5.47
N PHE D 107 59.29 9.71 -6.81
CA PHE D 107 60.00 8.75 -7.65
C PHE D 107 61.44 9.23 -7.76
N LYS D 108 62.38 8.43 -7.26
CA LYS D 108 63.78 8.80 -7.25
C LYS D 108 64.21 9.12 -8.67
N ASP D 109 64.99 10.20 -8.82
CA ASP D 109 65.44 10.67 -10.13
C ASP D 109 64.29 10.86 -11.12
N ASP D 110 63.15 11.36 -10.64
CA ASP D 110 62.02 11.64 -11.52
C ASP D 110 60.99 12.49 -10.78
N GLY D 111 59.79 12.62 -11.35
CA GLY D 111 58.74 13.45 -10.78
C GLY D 111 58.10 12.88 -9.51
N ASN D 112 57.06 13.57 -9.03
CA ASN D 112 56.35 13.15 -7.83
C ASN D 112 54.84 13.26 -8.01
N TYR D 113 54.13 12.32 -7.37
CA TYR D 113 52.68 12.38 -7.25
C TYR D 113 52.28 13.10 -5.96
N LYS D 114 51.24 13.95 -6.08
CA LYS D 114 50.55 14.51 -4.94
C LYS D 114 49.08 14.11 -5.05
N THR D 115 48.64 13.26 -4.11
CA THR D 115 47.27 12.76 -4.12
C THR D 115 46.54 13.24 -2.88
N ARG D 116 45.28 13.60 -3.07
CA ARG D 116 44.34 13.86 -1.99
C ARG D 116 43.08 13.06 -2.31
N ALA D 117 42.66 12.20 -1.37
CA ALA D 117 41.49 11.36 -1.58
C ALA D 117 40.52 11.43 -0.40
N GLU D 118 39.25 11.07 -0.67
CA GLU D 118 38.25 10.94 0.38
C GLU D 118 37.68 9.53 0.33
N VAL D 119 37.93 8.77 1.40
CA VAL D 119 37.41 7.43 1.56
C VAL D 119 36.24 7.47 2.55
N LYS D 120 35.03 7.33 2.02
CA LYS D 120 33.81 7.46 2.79
C LYS D 120 32.74 6.52 2.26
N PHE D 121 31.68 6.34 3.06
CA PHE D 121 30.51 5.57 2.67
C PHE D 121 29.47 6.45 2.00
N GLU D 122 28.92 5.97 0.87
CA GLU D 122 27.77 6.57 0.22
C GLU D 122 26.74 5.46 0.06
N GLY D 123 25.83 5.36 1.02
CA GLY D 123 24.99 4.19 1.16
C GLY D 123 25.82 2.98 1.57
N ASP D 124 25.52 1.83 0.97
CA ASP D 124 26.26 0.60 1.19
C ASP D 124 27.65 0.59 0.56
N THR D 125 27.92 1.57 -0.31
CA THR D 125 29.16 1.58 -1.08
C THR D 125 30.25 2.42 -0.41
N LEU D 126 31.41 1.80 -0.20
CA LEU D 126 32.61 2.47 0.24
C LEU D 126 33.25 3.10 -1.00
N VAL D 127 33.35 4.44 -1.01
CA VAL D 127 33.84 5.15 -2.18
C VAL D 127 35.22 5.74 -1.89
N ASN D 128 36.05 5.83 -2.95
CA ASN D 128 37.36 6.44 -2.87
C ASN D 128 37.51 7.43 -4.02
N ARG D 129 37.30 8.72 -3.74
CA ARG D 129 37.45 9.75 -4.75
C ARG D 129 38.83 10.37 -4.60
N ILE D 130 39.60 10.37 -5.70
CA ILE D 130 41.00 10.76 -5.67
C ILE D 130 41.29 11.86 -6.68
N GLU D 131 42.02 12.89 -6.24
CA GLU D 131 42.56 13.92 -7.12
C GLU D 131 44.08 13.79 -7.05
N LEU D 132 44.71 13.64 -8.21
CA LEU D 132 46.13 13.36 -8.30
C LEU D 132 46.80 14.39 -9.21
N LYS D 133 47.93 14.94 -8.77
CA LYS D 133 48.69 15.90 -9.54
C LYS D 133 50.15 15.44 -9.57
N GLY D 134 50.68 15.25 -10.78
CA GLY D 134 52.06 14.83 -10.97
C GLY D 134 52.87 15.90 -11.71
N ILE D 135 54.07 16.19 -11.20
CA ILE D 135 54.94 17.20 -11.80
C ILE D 135 56.37 16.71 -11.85
N ASP D 136 57.19 17.43 -12.65
CA ASP D 136 58.63 17.25 -12.71
C ASP D 136 59.08 15.87 -13.22
N PHE D 137 58.27 15.26 -14.09
CA PHE D 137 58.58 13.95 -14.63
C PHE D 137 59.39 14.09 -15.92
N LYS D 138 60.27 13.11 -16.15
CA LYS D 138 61.01 13.02 -17.39
C LYS D 138 60.13 12.28 -18.40
N GLU D 139 59.94 12.89 -19.58
CA GLU D 139 59.14 12.27 -20.63
C GLU D 139 59.75 10.95 -21.12
N ASP D 140 61.05 10.80 -20.90
CA ASP D 140 61.75 9.56 -21.31
C ASP D 140 62.07 8.79 -20.04
N GLY D 141 61.37 9.10 -18.95
CA GLY D 141 61.58 8.41 -17.67
C GLY D 141 60.86 7.07 -17.65
N ASN D 142 61.05 6.29 -16.60
CA ASN D 142 60.45 4.94 -16.54
C ASN D 142 58.95 5.04 -16.31
N ILE D 143 58.47 6.19 -15.85
CA ILE D 143 57.02 6.42 -15.62
C ILE D 143 56.38 6.87 -16.95
N LEU D 144 56.61 8.11 -17.35
CA LEU D 144 56.01 8.60 -18.59
C LEU D 144 56.49 7.84 -19.82
N GLY D 145 57.64 7.16 -19.72
CA GLY D 145 58.15 6.32 -20.78
C GLY D 145 57.68 4.86 -20.74
N HIS D 146 56.82 4.54 -19.77
CA HIS D 146 56.34 3.19 -19.54
C HIS D 146 57.45 2.15 -19.63
N LYS D 147 58.35 2.16 -18.64
CA LYS D 147 59.45 1.21 -18.56
C LYS D 147 59.42 0.40 -17.26
N LEU D 148 58.33 0.51 -16.50
CA LEU D 148 58.14 -0.28 -15.30
C LEU D 148 57.37 -1.55 -15.66
N GLU D 149 57.65 -2.64 -14.93
CA GLU D 149 56.97 -3.91 -15.14
C GLU D 149 55.61 -3.93 -14.46
N TYR D 150 54.80 -4.96 -14.77
CA TYR D 150 53.43 -5.05 -14.30
C TYR D 150 53.33 -5.55 -12.86
N ASN D 151 54.20 -6.51 -12.49
CA ASN D 151 54.25 -7.06 -11.14
C ASN D 151 55.66 -7.05 -10.56
N SER D 152 55.75 -7.29 -9.25
CA SER D 152 57.03 -7.33 -8.54
C SER D 152 57.83 -8.60 -8.87
N SER D 153 59.16 -8.46 -8.85
CA SER D 153 60.09 -9.57 -8.94
C SER D 153 61.39 -9.21 -8.23
N GLY D 154 62.17 -10.23 -7.84
CA GLY D 154 63.49 -10.01 -7.27
C GLY D 154 63.49 -9.76 -5.76
N ARG D 155 64.67 -9.94 -5.14
CA ARG D 155 64.78 -10.05 -3.69
C ARG D 155 65.07 -8.73 -2.96
N THR D 156 64.82 -7.59 -3.63
CA THR D 156 65.29 -6.29 -3.16
C THR D 156 65.02 -6.08 -1.67
N GLY D 157 63.74 -6.07 -1.29
CA GLY D 157 63.35 -5.83 0.10
C GLY D 157 62.44 -6.90 0.69
N ILE D 158 62.84 -8.17 0.54
CA ILE D 158 62.08 -9.29 1.08
C ILE D 158 63.01 -10.01 2.07
N ASP D 159 62.60 -10.01 3.35
CA ASP D 159 63.31 -10.74 4.39
C ASP D 159 62.92 -12.21 4.25
N PRO D 160 63.86 -13.11 3.88
CA PRO D 160 63.55 -14.54 3.75
C PRO D 160 62.88 -15.14 4.98
N PHE D 161 63.38 -14.82 6.17
CA PHE D 161 62.84 -15.34 7.41
C PHE D 161 61.39 -14.90 7.60
N THR D 162 61.13 -13.61 7.39
CA THR D 162 59.80 -13.08 7.56
C THR D 162 58.82 -13.75 6.60
N GLU D 163 59.25 -13.94 5.35
CA GLU D 163 58.41 -14.56 4.34
C GLU D 163 58.24 -16.05 4.65
N SER D 164 59.28 -16.69 5.17
CA SER D 164 59.15 -18.06 5.66
C SER D 164 58.02 -18.20 6.68
N VAL D 165 58.01 -17.29 7.68
CA VAL D 165 56.98 -17.31 8.70
C VAL D 165 55.60 -17.16 8.06
N LEU D 166 55.43 -16.13 7.23
CA LEU D 166 54.14 -15.79 6.68
C LEU D 166 53.60 -16.88 5.77
N GLN D 167 54.45 -17.40 4.88
CA GLN D 167 54.07 -18.48 3.99
C GLN D 167 53.67 -19.75 4.75
N SER D 168 54.46 -20.12 5.76
CA SER D 168 54.16 -21.28 6.58
C SER D 168 52.82 -21.10 7.28
N GLN D 169 52.58 -19.88 7.76
CA GLN D 169 51.34 -19.50 8.40
C GLN D 169 50.16 -19.68 7.44
N ALA D 170 50.31 -19.17 6.22
CA ALA D 170 49.24 -19.25 5.23
C ALA D 170 48.88 -20.70 4.93
N THR D 171 49.90 -21.54 4.76
CA THR D 171 49.67 -22.94 4.42
C THR D 171 48.97 -23.66 5.57
N GLU D 172 49.45 -23.43 6.79
CA GLU D 172 48.85 -24.03 7.98
C GLU D 172 47.40 -23.58 8.15
N LEU D 173 47.16 -22.28 7.94
CA LEU D 173 45.82 -21.70 8.06
C LEU D 173 44.85 -22.37 7.09
N LEU D 174 45.25 -22.47 5.81
CA LEU D 174 44.42 -23.12 4.80
C LEU D 174 44.11 -24.56 5.19
N GLN D 175 45.14 -25.31 5.62
CA GLN D 175 44.94 -26.67 6.09
C GLN D 175 44.00 -26.74 7.29
N LYS D 176 44.14 -25.79 8.22
CA LYS D 176 43.35 -25.78 9.44
C LYS D 176 41.87 -25.54 9.15
N LYS D 177 41.58 -24.56 8.29
CA LYS D 177 40.21 -24.22 7.93
C LYS D 177 39.48 -25.40 7.28
N ALA D 178 40.21 -26.21 6.49
CA ALA D 178 39.63 -27.40 5.89
C ALA D 178 39.26 -28.42 6.97
N GLN D 179 40.18 -28.61 7.92
CA GLN D 179 39.95 -29.45 9.08
C GLN D 179 38.73 -29.03 9.90
N LEU D 180 38.55 -27.72 10.07
CA LEU D 180 37.46 -27.21 10.89
C LEU D 180 36.11 -27.40 10.20
N VAL D 181 36.07 -27.30 8.87
CA VAL D 181 34.85 -27.57 8.14
C VAL D 181 34.50 -29.06 8.27
N SER D 182 35.50 -29.92 8.09
CA SER D 182 35.30 -31.35 8.21
C SER D 182 34.66 -31.72 9.56
N PHE D 183 35.24 -31.19 10.65
CA PHE D 183 34.73 -31.46 11.98
C PHE D 183 33.23 -31.11 12.07
N LYS D 184 32.86 -29.94 11.53
CA LYS D 184 31.48 -29.49 11.57
C LYS D 184 30.58 -30.43 10.78
N ILE D 185 31.04 -30.91 9.61
CA ILE D 185 30.28 -31.85 8.82
C ILE D 185 30.12 -33.14 9.62
N GLN D 186 31.22 -33.63 10.19
CA GLN D 186 31.21 -34.84 11.01
C GLN D 186 30.23 -34.74 12.18
N GLY D 187 30.21 -33.57 12.83
CA GLY D 187 29.26 -33.32 13.90
C GLY D 187 27.83 -33.56 13.44
N ILE D 188 27.47 -32.92 12.32
CA ILE D 188 26.13 -33.02 11.76
C ILE D 188 25.80 -34.48 11.42
N MET D 189 26.74 -35.19 10.80
CA MET D 189 26.52 -36.57 10.38
C MET D 189 26.47 -37.54 11.57
N LYS D 190 27.27 -37.25 12.61
CA LYS D 190 27.30 -38.08 13.81
C LYS D 190 25.91 -38.16 14.45
N ARG D 191 25.25 -37.00 14.52
CA ARG D 191 23.92 -36.89 15.11
C ARG D 191 22.87 -37.66 14.31
N ILE D 192 22.96 -37.56 12.97
CA ILE D 192 22.08 -38.30 12.08
C ILE D 192 22.18 -39.80 12.33
N PHE D 193 23.41 -40.33 12.36
CA PHE D 193 23.62 -41.78 12.54
C PHE D 193 23.34 -42.19 13.97
N MET D 194 23.48 -41.25 14.90
CA MET D 194 23.18 -41.53 16.32
C MET D 194 21.68 -41.76 16.48
N GLY D 195 20.89 -40.96 15.79
CA GLY D 195 19.42 -41.08 15.91
C GLY D 195 18.93 -42.19 15.02
N ALA D 196 19.63 -42.42 13.92
CA ALA D 196 19.25 -43.51 13.04
C ALA D 196 19.37 -44.87 13.72
N ASN D 197 20.44 -45.02 14.52
CA ASN D 197 20.64 -46.22 15.31
C ASN D 197 19.53 -46.42 16.32
N THR D 198 19.11 -45.32 16.97
CA THR D 198 18.06 -45.38 17.97
C THR D 198 16.72 -45.78 17.35
N LEU D 199 16.41 -45.13 16.21
CA LEU D 199 15.26 -45.52 15.41
C LEU D 199 15.28 -47.02 15.10
N GLU D 200 16.45 -47.50 14.66
CA GLU D 200 16.63 -48.89 14.30
C GLU D 200 16.30 -49.81 15.48
N LYS D 201 16.70 -49.40 16.69
CA LYS D 201 16.47 -50.18 17.90
C LYS D 201 14.99 -50.30 18.24
N PHE D 202 14.23 -49.21 18.08
CA PHE D 202 12.81 -49.22 18.38
C PHE D 202 11.99 -49.86 17.26
N LEU D 203 12.32 -49.53 16.01
CA LEU D 203 11.59 -50.04 14.87
C LEU D 203 11.94 -51.49 14.53
N SER D 204 12.94 -52.05 15.20
CA SER D 204 13.37 -53.42 14.96
C SER D 204 12.48 -54.47 15.62
N ASP D 205 11.76 -54.10 16.68
CA ASP D 205 10.96 -55.05 17.45
C ASP D 205 9.83 -55.70 16.65
N GLU D 206 9.96 -57.01 16.43
CA GLU D 206 9.06 -57.76 15.58
C GLU D 206 7.59 -57.72 16.02
N ASN D 207 7.34 -57.57 17.33
CA ASN D 207 5.98 -57.54 17.86
C ASN D 207 5.89 -56.90 19.25
N SER D 208 6.38 -55.66 19.33
CA SER D 208 6.43 -54.91 20.58
C SER D 208 5.21 -54.02 20.75
N ALA D 209 5.09 -53.40 21.93
CA ALA D 209 4.12 -52.36 22.22
C ALA D 209 4.09 -51.24 21.17
N ILE D 210 5.27 -50.92 20.61
CA ILE D 210 5.40 -49.81 19.68
C ILE D 210 4.51 -49.97 18.47
N ASN D 211 3.29 -49.40 18.53
CA ASN D 211 2.37 -49.39 17.40
C ASN D 211 2.87 -48.39 16.36
N ASP D 212 2.36 -48.50 15.14
CA ASP D 212 2.88 -47.66 14.03
C ASP D 212 2.65 -46.16 14.25
N THR D 213 1.66 -45.78 15.06
CA THR D 213 1.51 -44.35 15.34
C THR D 213 2.77 -43.89 16.04
N LEU D 214 3.11 -44.52 17.16
CA LEU D 214 4.27 -44.07 17.96
C LEU D 214 5.53 -44.16 17.09
N LYS D 215 5.55 -45.13 16.20
CA LYS D 215 6.72 -45.33 15.31
C LYS D 215 6.97 -44.04 14.53
N ARG D 216 5.91 -43.41 14.03
CA ARG D 216 6.10 -42.21 13.18
C ARG D 216 6.44 -41.01 14.07
N ARG D 217 5.90 -40.97 15.29
CA ARG D 217 6.27 -39.88 16.22
C ARG D 217 7.79 -39.97 16.42
N MET D 218 8.37 -41.17 16.37
CA MET D 218 9.81 -41.31 16.47
C MET D 218 10.51 -40.89 15.18
N LEU D 219 9.91 -41.26 14.04
CA LEU D 219 10.42 -40.87 12.74
C LEU D 219 10.40 -39.35 12.53
N SER D 220 9.30 -38.71 12.93
CA SER D 220 9.16 -37.28 12.77
C SER D 220 10.19 -36.52 13.63
N GLU D 221 10.37 -36.98 14.88
CA GLU D 221 11.39 -36.41 15.75
C GLU D 221 12.77 -36.48 15.12
N PHE D 222 13.11 -37.63 14.54
CA PHE D 222 14.42 -37.79 13.88
C PHE D 222 14.64 -36.67 12.92
N LEU D 223 13.67 -36.43 12.03
CA LEU D 223 13.84 -35.40 10.97
C LEU D 223 13.70 -34.00 11.56
N LEU D 224 13.07 -33.88 12.72
CA LEU D 224 13.01 -32.56 13.37
C LEU D 224 14.38 -32.28 14.01
N ALA D 225 14.99 -33.30 14.61
CA ALA D 225 16.32 -33.17 15.21
C ALA D 225 17.44 -33.04 14.19
N ASN D 226 17.16 -33.45 12.95
CA ASN D 226 18.18 -33.52 11.91
C ASN D 226 17.62 -32.94 10.61
N PRO D 227 17.55 -31.59 10.49
CA PRO D 227 16.95 -30.95 9.33
C PRO D 227 17.68 -31.21 8.01
N HIS D 228 18.89 -31.77 8.07
CA HIS D 228 19.60 -32.18 6.87
C HIS D 228 19.01 -33.43 6.22
N VAL D 229 18.03 -34.04 6.89
CA VAL D 229 17.30 -35.18 6.34
C VAL D 229 15.96 -34.73 5.78
N LEU D 230 15.68 -35.10 4.53
CA LEU D 230 14.44 -34.72 3.87
C LEU D 230 13.26 -35.62 4.28
N LEU D 231 13.50 -36.93 4.28
CA LEU D 231 12.48 -37.91 4.61
C LEU D 231 13.10 -39.14 5.25
N VAL D 232 12.27 -39.92 5.95
CA VAL D 232 12.70 -41.17 6.55
C VAL D 232 11.54 -42.16 6.45
N SER D 233 11.87 -43.41 6.11
CA SER D 233 10.89 -44.48 5.97
C SER D 233 11.33 -45.74 6.70
N ALA D 234 10.38 -46.39 7.39
CA ALA D 234 10.56 -47.73 7.89
C ALA D 234 9.91 -48.70 6.90
N ILE D 235 10.75 -49.46 6.17
CA ILE D 235 10.27 -50.43 5.20
C ILE D 235 10.27 -51.82 5.82
N TYR D 236 9.09 -52.32 6.21
CA TYR D 236 8.95 -53.66 6.77
C TYR D 236 8.62 -54.66 5.67
N THR D 237 8.84 -55.94 5.96
CA THR D 237 8.66 -57.00 4.99
C THR D 237 7.51 -57.97 5.27
N ASN D 238 7.37 -58.41 6.53
CA ASN D 238 6.43 -59.46 6.89
C ASN D 238 4.96 -59.05 6.74
N ASN D 239 4.60 -57.89 7.29
CA ASN D 239 3.26 -57.33 7.20
C ASN D 239 3.18 -56.16 6.21
N ASN D 240 4.34 -55.61 5.84
CA ASN D 240 4.44 -54.51 4.88
C ASN D 240 4.50 -53.17 5.60
N GLU D 241 3.48 -52.87 6.41
CA GLU D 241 3.37 -51.65 7.19
C GLU D 241 4.15 -50.48 6.60
N ILE D 244 6.21 -47.12 7.26
CA ILE D 244 5.64 -45.78 7.60
C ILE D 244 6.65 -44.70 7.19
N THR D 245 6.20 -43.59 6.60
CA THR D 245 7.15 -42.58 6.08
C THR D 245 6.82 -41.19 6.55
N ALA D 246 7.84 -40.38 6.82
CA ALA D 246 7.59 -38.98 7.22
C ALA D 246 8.57 -38.08 6.48
N MET D 247 8.05 -37.04 5.83
CA MET D 247 8.90 -36.10 5.08
C MET D 247 8.62 -34.68 5.58
N SER D 248 9.59 -33.79 5.40
CA SER D 248 9.37 -32.37 5.78
C SER D 248 9.01 -31.62 4.50
N MET D 249 7.87 -30.94 4.50
CA MET D 249 7.43 -30.18 3.30
C MET D 249 7.59 -28.69 3.59
N ASP D 250 7.29 -28.30 4.83
CA ASP D 250 7.43 -26.88 5.23
C ASP D 250 7.50 -26.81 6.76
N SER D 251 6.79 -27.72 7.44
CA SER D 251 6.75 -27.70 8.91
C SER D 251 7.79 -28.67 9.48
N ALA D 254 4.86 -34.48 6.82
CA ALA D 254 3.38 -34.55 6.65
C ALA D 254 2.95 -36.00 6.46
N TYR D 255 3.86 -36.96 6.57
CA TYR D 255 3.50 -38.42 6.50
C TYR D 255 2.86 -38.81 5.16
N PRO D 256 3.67 -39.16 4.14
CA PRO D 256 3.12 -39.65 2.89
C PRO D 256 2.99 -41.15 2.79
N ASN D 257 2.57 -41.68 1.62
CA ASN D 257 2.52 -43.12 1.45
C ASN D 257 3.53 -43.56 0.39
N ILE D 274 24.18 -51.31 6.68
CA ILE D 274 24.28 -49.86 6.36
C ILE D 274 24.89 -49.73 4.96
N THR D 275 24.22 -49.02 4.05
CA THR D 275 24.77 -48.79 2.71
C THR D 275 24.27 -47.47 2.18
N HIS D 276 25.12 -46.74 1.43
CA HIS D 276 24.73 -45.39 0.92
C HIS D 276 24.33 -45.50 -0.54
N SER D 277 23.28 -44.77 -0.93
CA SER D 277 22.87 -44.75 -2.34
C SER D 277 23.84 -43.85 -3.12
N ASP D 278 24.21 -44.24 -4.33
CA ASP D 278 25.04 -43.33 -5.15
C ASP D 278 24.38 -41.95 -5.11
N PRO D 279 25.13 -40.85 -4.92
CA PRO D 279 24.53 -39.54 -4.81
C PRO D 279 23.75 -39.22 -6.07
N TYR D 280 22.55 -38.68 -5.90
CA TYR D 280 21.69 -38.38 -7.07
C TYR D 280 20.65 -37.34 -6.69
N TYR D 281 19.85 -36.92 -7.66
CA TYR D 281 18.84 -35.86 -7.40
C TYR D 281 17.48 -36.49 -7.15
N LYS D 282 16.60 -35.79 -6.43
CA LYS D 282 15.27 -36.26 -6.15
C LYS D 282 14.28 -35.12 -6.40
N GLU D 283 13.17 -35.41 -7.10
CA GLU D 283 12.14 -34.40 -7.31
C GLU D 283 11.12 -34.40 -6.18
N VAL D 284 11.16 -33.34 -5.37
CA VAL D 284 10.18 -33.10 -4.33
C VAL D 284 9.58 -31.73 -4.57
N ASN D 285 8.26 -31.69 -4.83
CA ASN D 285 7.51 -30.45 -4.91
C ASN D 285 7.71 -29.74 -6.24
N GLY D 286 8.59 -30.25 -7.11
CA GLY D 286 8.92 -29.57 -8.36
C GLY D 286 10.38 -29.11 -8.42
N ASP D 287 11.05 -29.15 -7.26
CA ASP D 287 12.46 -28.82 -7.11
C ASP D 287 13.32 -30.09 -7.04
N LYS D 288 14.51 -30.03 -7.65
CA LYS D 288 15.44 -31.15 -7.62
C LYS D 288 16.37 -30.95 -6.42
N ILE D 289 16.32 -31.89 -5.46
CA ILE D 289 17.17 -31.84 -4.28
C ILE D 289 18.25 -32.91 -4.40
N TYR D 290 19.51 -32.47 -4.42
CA TYR D 290 20.65 -33.36 -4.48
C TYR D 290 20.82 -34.02 -3.11
N GLY D 291 20.98 -35.35 -3.10
CA GLY D 291 21.16 -36.08 -1.86
C GLY D 291 21.57 -37.52 -2.10
N MET D 292 21.42 -38.35 -1.05
CA MET D 292 21.62 -39.78 -1.18
C MET D 292 20.70 -40.51 -0.20
N ASP D 293 20.30 -41.73 -0.58
CA ASP D 293 19.58 -42.62 0.32
C ASP D 293 20.59 -43.38 1.17
N ILE D 294 20.38 -43.36 2.48
CA ILE D 294 21.11 -44.19 3.42
C ILE D 294 20.11 -45.20 3.98
N THR D 295 20.39 -46.50 3.76
CA THR D 295 19.48 -47.57 4.13
C THR D 295 20.14 -48.50 5.12
N ALA D 308 14.01 -52.54 6.22
CA ALA D 308 14.98 -51.68 6.86
C ALA D 308 14.43 -50.27 7.07
N LEU D 309 15.29 -49.43 7.67
CA LEU D 309 15.06 -48.01 7.83
C LEU D 309 15.84 -47.31 6.74
N ASN D 310 15.17 -46.39 6.04
CA ASN D 310 15.84 -45.57 4.99
C ASN D 310 15.52 -44.10 5.25
N PHE D 311 16.51 -43.23 5.04
CA PHE D 311 16.29 -41.76 5.17
C PHE D 311 17.00 -41.08 4.02
N PHE D 312 16.47 -39.95 3.57
CA PHE D 312 17.11 -39.20 2.46
C PHE D 312 18.05 -38.14 3.03
N LEU D 313 19.36 -38.26 2.77
CA LEU D 313 20.23 -37.21 3.25
C LEU D 313 20.27 -36.07 2.23
N ASN D 314 19.78 -34.89 2.62
CA ASN D 314 19.81 -33.73 1.74
C ASN D 314 21.20 -33.10 1.75
N ILE D 315 21.99 -33.40 0.71
CA ILE D 315 23.34 -32.87 0.61
C ILE D 315 23.31 -31.36 0.42
N ASP D 316 22.34 -30.88 -0.38
CA ASP D 316 22.19 -29.45 -0.61
C ASP D 316 21.94 -28.67 0.69
N ALA D 317 21.43 -29.36 1.72
CA ALA D 317 21.26 -28.78 3.04
C ALA D 317 22.59 -28.50 3.73
N PHE D 318 23.70 -28.99 3.17
CA PHE D 318 25.03 -28.72 3.69
C PHE D 318 25.72 -27.53 3.03
N TYR D 319 25.05 -26.89 2.06
CA TYR D 319 25.66 -25.80 1.32
C TYR D 319 26.28 -24.76 2.25
N THR D 320 25.47 -24.21 3.16
CA THR D 320 25.93 -23.21 4.11
C THR D 320 26.98 -23.74 5.08
N ASP D 321 26.92 -25.03 5.40
CA ASP D 321 27.87 -25.62 6.32
C ASP D 321 29.26 -25.74 5.69
N VAL D 322 29.29 -25.92 4.36
CA VAL D 322 30.52 -26.07 3.61
C VAL D 322 30.99 -24.72 3.09
N VAL D 323 30.12 -24.01 2.36
CA VAL D 323 30.49 -22.78 1.68
C VAL D 323 30.38 -21.53 2.56
N GLY D 324 29.41 -21.52 3.49
CA GLY D 324 29.16 -20.37 4.35
C GLY D 324 28.08 -19.44 3.81
N LYS D 325 27.76 -18.39 4.59
CA LYS D 325 26.77 -17.40 4.21
C LYS D 325 27.23 -16.54 3.02
N LYS D 326 28.54 -16.24 2.97
CA LYS D 326 29.16 -15.61 1.81
C LYS D 326 29.84 -16.70 0.98
N LYS D 327 29.85 -16.54 -0.35
CA LYS D 327 30.57 -17.47 -1.22
C LYS D 327 32.00 -17.56 -0.70
N SER D 328 32.59 -18.75 -0.81
CA SER D 328 33.97 -18.98 -0.40
C SER D 328 34.56 -20.11 -1.23
N ASN D 329 35.89 -20.24 -1.19
CA ASN D 329 36.59 -21.27 -1.92
C ASN D 329 36.62 -22.58 -1.12
N THR D 330 35.44 -23.17 -0.93
CA THR D 330 35.31 -24.43 -0.24
C THR D 330 34.47 -25.41 -1.05
N PHE D 331 34.90 -26.68 -1.10
CA PHE D 331 34.05 -27.70 -1.69
C PHE D 331 34.01 -28.96 -0.84
N LEU D 332 32.92 -29.73 -1.02
CA LEU D 332 32.77 -31.04 -0.43
C LEU D 332 32.83 -32.08 -1.56
N MET D 333 33.67 -33.10 -1.36
CA MET D 333 34.03 -34.04 -2.41
C MET D 333 33.82 -35.46 -1.93
N GLY D 334 33.34 -36.34 -2.83
CA GLY D 334 33.06 -37.73 -2.53
C GLY D 334 33.93 -38.71 -3.32
N LYS D 335 33.44 -39.95 -3.43
CA LYS D 335 34.11 -41.01 -4.19
C LYS D 335 34.45 -40.51 -5.59
N ASP D 336 35.66 -40.85 -6.05
CA ASP D 336 36.15 -40.51 -7.38
C ASP D 336 36.30 -39.02 -7.67
N GLY D 337 36.34 -38.20 -6.61
CA GLY D 337 36.49 -36.77 -6.75
C GLY D 337 35.22 -36.05 -7.21
N ARG D 338 34.06 -36.61 -6.86
CA ARG D 338 32.78 -36.04 -7.27
C ARG D 338 32.44 -34.85 -6.38
N LEU D 339 32.09 -33.72 -6.99
CA LEU D 339 31.74 -32.51 -6.28
C LEU D 339 30.32 -32.60 -5.71
N LEU D 340 30.23 -32.81 -4.38
CA LEU D 340 28.96 -32.87 -3.69
C LEU D 340 28.43 -31.46 -3.41
N ILE D 341 29.31 -30.58 -2.92
CA ILE D 341 28.97 -29.19 -2.70
C ILE D 341 30.05 -28.31 -3.33
N ASN D 342 29.61 -27.21 -3.95
CA ASN D 342 30.51 -26.26 -4.59
C ASN D 342 29.84 -24.90 -4.74
N PRO D 343 30.56 -23.79 -4.53
CA PRO D 343 29.99 -22.46 -4.73
C PRO D 343 29.27 -22.34 -6.08
N ASN D 344 29.97 -22.75 -7.14
CA ASN D 344 29.38 -22.86 -8.46
C ASN D 344 28.54 -24.14 -8.55
N ARG D 345 27.23 -23.96 -8.70
CA ARG D 345 26.29 -25.06 -8.71
C ARG D 345 26.41 -25.90 -9.97
N GLU D 346 26.92 -25.30 -11.04
CA GLU D 346 27.00 -26.01 -12.33
C GLU D 346 28.01 -27.16 -12.25
N ILE D 347 28.74 -27.26 -11.14
CA ILE D 347 29.81 -28.29 -11.06
C ILE D 347 29.42 -29.32 -9.99
N GLN D 348 28.12 -29.52 -9.73
CA GLN D 348 27.71 -30.45 -8.64
C GLN D 348 28.05 -31.88 -9.07
N ASP D 349 27.06 -32.73 -9.34
CA ASP D 349 27.37 -34.16 -9.65
C ASP D 349 28.37 -34.20 -10.80
N LYS D 350 29.63 -33.86 -10.54
CA LYS D 350 30.62 -33.77 -11.63
C LYS D 350 31.99 -34.02 -11.00
N ILE D 351 32.80 -34.80 -11.68
CA ILE D 351 34.10 -35.20 -11.16
C ILE D 351 35.13 -34.08 -11.40
N LEU D 352 36.08 -33.94 -10.46
CA LEU D 352 37.07 -32.87 -10.52
C LEU D 352 37.92 -32.97 -11.78
N SER D 353 38.44 -34.19 -12.05
CA SER D 353 39.32 -34.42 -13.18
C SER D 353 38.61 -34.28 -14.53
N ALA D 354 37.30 -34.50 -14.51
CA ALA D 354 36.50 -34.33 -15.75
C ALA D 354 36.32 -32.84 -15.97
N ILE D 355 35.76 -32.17 -14.96
CA ILE D 355 35.50 -30.70 -15.07
C ILE D 355 36.79 -29.98 -15.45
N ASN D 356 37.76 -29.95 -14.52
CA ASN D 356 38.99 -29.16 -14.79
C ASN D 356 39.99 -29.99 -15.58
N PRO D 357 40.55 -29.47 -16.68
CA PRO D 357 41.61 -30.18 -17.38
C PRO D 357 42.58 -30.42 -16.26
N ASP D 358 42.88 -29.40 -15.44
CA ASP D 358 43.73 -29.57 -14.24
C ASP D 358 45.02 -30.35 -14.52
N ARG D 359 44.93 -31.67 -14.62
CA ARG D 359 46.10 -32.55 -14.89
C ARG D 359 46.87 -32.80 -13.58
N ARG D 360 46.75 -31.90 -12.61
CA ARG D 360 47.42 -32.14 -11.30
C ARG D 360 46.35 -32.44 -10.26
N VAL D 361 45.09 -32.17 -10.60
CA VAL D 361 43.99 -32.35 -9.61
C VAL D 361 44.10 -33.74 -8.94
N ALA D 362 44.56 -34.75 -9.67
CA ALA D 362 44.61 -36.12 -9.13
C ALA D 362 45.08 -36.11 -7.68
N LYS D 363 46.14 -35.37 -7.39
CA LYS D 363 46.65 -35.43 -6.00
C LYS D 363 45.46 -35.36 -5.03
N ALA D 364 44.42 -34.58 -5.36
CA ALA D 364 43.33 -34.47 -4.41
C ALA D 364 42.53 -35.76 -4.17
N VAL D 365 42.28 -36.51 -5.25
CA VAL D 365 41.59 -37.80 -5.14
C VAL D 365 42.52 -38.84 -4.49
N GLU D 366 43.83 -38.68 -4.71
CA GLU D 366 44.84 -39.53 -4.12
C GLU D 366 44.92 -39.32 -2.61
N TYR D 367 44.94 -38.05 -2.18
CA TYR D 367 44.85 -37.71 -0.77
C TYR D 367 43.62 -38.36 -0.17
N TYR D 368 42.48 -38.17 -0.84
CA TYR D 368 41.20 -38.71 -0.42
C TYR D 368 41.22 -40.22 -0.24
N ASN D 369 41.74 -40.93 -1.26
CA ASN D 369 41.77 -42.38 -1.23
C ASN D 369 42.74 -42.95 -0.19
N GLN D 370 43.75 -42.17 0.19
CA GLN D 370 44.71 -42.60 1.20
C GLN D 370 44.35 -42.07 2.59
N ASN D 371 43.21 -41.36 2.69
CA ASN D 371 42.76 -40.79 3.95
C ASN D 371 43.90 -40.01 4.62
N GLU D 372 44.65 -39.26 3.81
CA GLU D 372 45.71 -38.39 4.31
C GLU D 372 45.40 -36.96 3.87
N ALA D 373 45.47 -36.02 4.82
CA ALA D 373 45.35 -34.61 4.51
C ALA D 373 46.61 -34.14 3.78
N GLY D 374 46.48 -33.06 3.01
CA GLY D 374 47.62 -32.48 2.32
C GLY D 374 47.25 -31.39 1.33
N THR D 375 48.27 -30.67 0.87
CA THR D 375 48.11 -29.58 -0.09
C THR D 375 48.55 -30.00 -1.49
N LEU D 376 48.16 -29.20 -2.48
CA LEU D 376 48.56 -29.40 -3.87
C LEU D 376 48.32 -28.11 -4.63
N SER D 377 48.91 -28.01 -5.84
CA SER D 377 48.74 -26.86 -6.70
C SER D 377 48.14 -27.29 -8.03
N TYR D 378 47.27 -26.44 -8.59
CA TYR D 378 46.67 -26.70 -9.89
C TYR D 378 46.16 -25.39 -10.52
N HIS D 379 45.91 -25.43 -11.84
CA HIS D 379 45.35 -24.30 -12.57
C HIS D 379 43.82 -24.32 -12.48
N SER D 380 43.22 -23.16 -12.20
CA SER D 380 41.76 -23.03 -12.17
C SER D 380 41.08 -23.11 -13.56
N THR D 385 44.00 -18.77 -12.98
CA THR D 385 44.93 -18.50 -11.89
C THR D 385 45.54 -19.81 -11.42
N GLU D 386 46.76 -19.75 -10.88
CA GLU D 386 47.36 -20.88 -10.17
C GLU D 386 46.68 -20.96 -8.80
N THR D 387 46.16 -22.15 -8.48
CA THR D 387 45.39 -22.37 -7.28
C THR D 387 46.14 -23.29 -6.32
N PHE D 388 46.13 -22.93 -5.03
CA PHE D 388 46.70 -23.74 -3.98
C PHE D 388 45.53 -24.34 -3.21
N LEU D 389 45.51 -25.68 -3.09
CA LEU D 389 44.39 -26.42 -2.52
C LEU D 389 44.81 -27.33 -1.38
N ALA D 390 44.08 -27.23 -0.26
CA ALA D 390 44.24 -28.13 0.86
C ALA D 390 43.07 -29.12 0.85
N ILE D 391 43.39 -30.41 0.85
CA ILE D 391 42.38 -31.47 0.95
C ILE D 391 42.38 -32.06 2.35
N GLN D 392 41.19 -32.19 2.94
CA GLN D 392 41.04 -32.77 4.25
C GLN D 392 40.05 -33.93 4.15
N PRO D 393 40.52 -35.18 3.99
CA PRO D 393 39.62 -36.33 4.01
C PRO D 393 39.03 -36.55 5.40
N PHE D 394 37.82 -37.09 5.45
CA PHE D 394 37.15 -37.40 6.75
C PHE D 394 36.10 -38.47 6.52
N ASP D 395 35.85 -39.28 7.54
CA ASP D 395 34.82 -40.34 7.42
C ASP D 395 33.49 -39.83 7.99
N PHE D 396 32.43 -39.84 7.18
CA PHE D 396 31.10 -39.34 7.62
C PHE D 396 30.38 -40.48 8.32
N PHE D 397 31.01 -41.66 8.34
CA PHE D 397 30.44 -42.83 9.06
C PHE D 397 31.60 -43.73 9.43
N GLU D 398 32.20 -43.50 10.60
CA GLU D 398 33.40 -44.27 11.00
C GLU D 398 33.03 -45.73 11.30
N GLU D 399 33.01 -46.59 10.27
CA GLU D 399 32.75 -48.03 10.49
C GLU D 399 34.09 -48.75 10.69
N ASN D 405 36.76 -47.44 3.88
CA ASN D 405 36.90 -46.33 2.93
C ASN D 405 35.60 -45.96 2.20
N HIS D 406 34.59 -46.84 2.26
CA HIS D 406 33.29 -46.57 1.66
C HIS D 406 32.70 -45.23 2.12
N TRP D 407 32.87 -44.90 3.40
CA TRP D 407 32.16 -43.83 4.08
C TRP D 407 33.05 -42.61 4.34
N ARG D 408 33.67 -42.09 3.27
CA ARG D 408 34.53 -40.92 3.39
C ARG D 408 34.21 -39.80 2.40
N TRP D 409 34.32 -38.58 2.93
CA TRP D 409 34.21 -37.35 2.17
C TRP D 409 35.52 -36.59 2.36
N ALA D 410 35.63 -35.42 1.71
CA ALA D 410 36.78 -34.57 1.88
C ALA D 410 36.37 -33.11 1.71
N ILE D 411 36.97 -32.24 2.52
CA ILE D 411 36.80 -30.80 2.35
C ILE D 411 37.95 -30.29 1.50
N GLY D 412 37.64 -29.32 0.65
CA GLY D 412 38.64 -28.62 -0.13
C GLY D 412 38.58 -27.13 0.15
N LYS D 413 39.68 -26.57 0.68
CA LYS D 413 39.85 -25.13 0.82
C LYS D 413 40.96 -24.73 -0.16
N TYR D 414 40.69 -23.71 -0.99
CA TYR D 414 41.67 -23.28 -1.97
C TYR D 414 41.78 -21.76 -2.02
N VAL D 415 42.88 -21.30 -2.60
CA VAL D 415 43.19 -19.87 -2.68
C VAL D 415 44.08 -19.62 -3.89
N ASN D 416 44.09 -18.37 -4.34
CA ASN D 416 45.02 -17.91 -5.35
C ASN D 416 46.46 -18.05 -4.87
N LYS D 417 47.20 -19.00 -5.46
CA LYS D 417 48.56 -19.31 -5.04
C LYS D 417 49.51 -18.13 -5.29
N SER D 418 49.30 -17.46 -6.43
CA SER D 418 50.16 -16.36 -6.83
C SER D 418 49.99 -15.16 -5.89
N LEU D 419 48.80 -15.02 -5.30
CA LEU D 419 48.57 -13.96 -4.33
C LEU D 419 49.15 -14.35 -2.96
N VAL D 420 48.73 -15.50 -2.41
CA VAL D 420 49.11 -15.86 -1.05
C VAL D 420 50.61 -16.02 -0.83
N PHE D 421 51.35 -16.47 -1.82
CA PHE D 421 52.79 -16.61 -1.68
C PHE D 421 53.57 -15.51 -2.42
N SER D 422 52.91 -14.39 -2.72
CA SER D 422 53.62 -13.20 -3.15
C SER D 422 54.18 -12.44 -1.95
N SER D 423 55.20 -11.63 -2.22
CA SER D 423 55.89 -10.87 -1.18
C SER D 423 54.95 -9.88 -0.47
N HIS D 424 55.25 -9.59 0.80
CA HIS D 424 54.49 -8.62 1.57
C HIS D 424 55.20 -7.27 1.61
N SER D 425 54.44 -6.21 1.32
CA SER D 425 54.91 -4.84 1.52
C SER D 425 54.23 -4.29 2.77
N ASN D 426 54.97 -3.47 3.51
CA ASN D 426 54.56 -3.06 4.84
C ASN D 426 54.55 -1.53 4.99
N VAL D 427 53.66 -1.06 5.87
CA VAL D 427 53.57 0.35 6.19
C VAL D 427 53.47 0.45 7.71
N TYR D 428 54.32 1.28 8.30
CA TYR D 428 54.34 1.47 9.74
C TYR D 428 53.39 2.60 10.11
N ILE D 429 52.20 2.23 10.58
CA ILE D 429 51.17 3.20 10.91
C ILE D 429 51.45 3.81 12.29
N THR D 430 51.51 5.15 12.32
CA THR D 430 51.76 5.88 13.56
C THR D 430 50.70 6.98 13.70
N ALA D 431 50.38 7.32 14.94
CA ALA D 431 49.37 8.33 15.23
C ALA D 431 49.94 9.73 15.05
N ASP D 432 49.12 10.62 14.47
CA ASP D 432 49.39 12.05 14.43
C ASP D 432 48.37 12.72 15.34
N LYS D 433 48.81 13.08 16.55
CA LYS D 433 47.92 13.61 17.57
C LYS D 433 47.35 14.97 17.16
N GLN D 434 48.20 15.84 16.60
CA GLN D 434 47.79 17.18 16.19
C GLN D 434 46.55 17.15 15.32
N LYS D 435 46.58 16.31 14.27
CA LYS D 435 45.52 16.26 13.28
C LYS D 435 44.46 15.20 13.57
N ASN D 436 44.41 14.69 14.81
CA ASN D 436 43.44 13.66 15.18
C ASN D 436 43.41 12.51 14.17
N GLY D 437 44.59 12.15 13.64
CA GLY D 437 44.68 11.14 12.61
C GLY D 437 45.92 10.25 12.72
N ILE D 438 46.39 9.76 11.56
CA ILE D 438 47.53 8.87 11.49
C ILE D 438 48.49 9.32 10.39
N LYS D 439 49.70 8.75 10.40
CA LYS D 439 50.75 9.12 9.46
C LYS D 439 51.63 7.90 9.21
N ALA D 440 52.26 7.85 8.04
CA ALA D 440 53.04 6.69 7.62
C ALA D 440 53.96 7.06 6.47
N ASN D 441 55.16 6.49 6.50
CA ASN D 441 56.14 6.64 5.45
C ASN D 441 56.55 5.23 5.02
N PHE D 442 56.64 4.98 3.71
CA PHE D 442 57.05 3.68 3.23
C PHE D 442 57.60 3.76 1.81
N LYS D 443 58.34 2.72 1.43
CA LYS D 443 59.02 2.67 0.15
C LYS D 443 58.48 1.55 -0.73
N ILE D 444 57.90 1.93 -1.88
CA ILE D 444 57.54 0.99 -2.92
C ILE D 444 58.69 0.90 -3.92
N ARG D 445 58.98 -0.33 -4.37
CA ARG D 445 60.06 -0.60 -5.29
C ARG D 445 59.51 -1.21 -6.57
N HIS D 446 59.44 -0.40 -7.64
CA HIS D 446 58.92 -0.85 -8.91
C HIS D 446 60.03 -1.44 -9.78
N ASN D 447 59.77 -2.60 -10.38
CA ASN D 447 60.75 -3.26 -11.23
C ASN D 447 60.84 -2.57 -12.59
N ILE D 448 62.07 -2.21 -12.99
CA ILE D 448 62.30 -1.58 -14.28
C ILE D 448 62.59 -2.64 -15.33
N GLU D 449 62.08 -2.43 -16.54
CA GLU D 449 62.25 -3.33 -17.68
C GLU D 449 63.61 -4.01 -17.78
N ASP D 450 64.66 -3.26 -18.17
CA ASP D 450 65.93 -3.85 -18.57
C ASP D 450 66.78 -4.35 -17.40
N GLY D 451 66.21 -4.36 -16.18
CA GLY D 451 66.97 -4.53 -14.96
C GLY D 451 66.76 -3.36 -13.99
N GLY D 452 66.88 -3.63 -12.68
CA GLY D 452 66.91 -2.59 -11.68
C GLY D 452 65.58 -2.16 -11.07
N VAL D 453 65.66 -1.29 -10.06
CA VAL D 453 64.53 -0.89 -9.24
C VAL D 453 64.30 0.61 -9.29
N GLN D 454 63.04 1.00 -9.50
CA GLN D 454 62.60 2.39 -9.41
C GLN D 454 61.94 2.61 -8.06
N LEU D 455 62.59 3.39 -7.19
CA LEU D 455 62.06 3.68 -5.86
C LEU D 455 60.90 4.67 -5.96
N ALA D 456 59.91 4.49 -5.09
CA ALA D 456 58.80 5.40 -4.95
C ALA D 456 58.56 5.62 -3.46
N ASP D 457 59.09 6.75 -2.96
CA ASP D 457 59.10 7.05 -1.53
C ASP D 457 57.79 7.69 -1.12
N HIS D 458 56.97 6.94 -0.37
CA HIS D 458 55.63 7.38 0.01
C HIS D 458 55.64 8.10 1.35
N TYR D 459 54.91 9.22 1.40
CA TYR D 459 54.58 9.92 2.61
C TYR D 459 53.06 10.06 2.68
N GLN D 460 52.49 9.65 3.81
CA GLN D 460 51.05 9.58 3.98
C GLN D 460 50.59 10.25 5.27
N GLN D 461 49.43 10.91 5.18
CA GLN D 461 48.76 11.52 6.31
C GLN D 461 47.26 11.39 6.10
N ASN D 462 46.60 10.68 7.03
CA ASN D 462 45.14 10.54 7.02
C ASN D 462 44.50 11.35 8.13
N THR D 463 43.44 12.09 7.76
CA THR D 463 42.67 12.90 8.70
C THR D 463 41.19 12.54 8.56
N PRO D 464 40.45 12.38 9.69
CA PRO D 464 39.01 12.11 9.59
C PRO D 464 38.21 13.28 9.00
N ILE D 465 37.10 12.95 8.35
CA ILE D 465 36.25 13.96 7.72
C ILE D 465 35.38 14.70 8.74
N GLY D 466 34.66 13.95 9.58
CA GLY D 466 33.74 14.55 10.55
C GLY D 466 34.42 15.03 11.82
N ASP D 467 33.62 15.63 12.71
CA ASP D 467 34.09 16.05 14.02
C ASP D 467 33.82 14.99 15.09
N GLY D 468 33.87 13.72 14.68
CA GLY D 468 33.44 12.61 15.52
C GLY D 468 34.62 11.90 16.18
N PRO D 469 34.38 11.07 17.21
CA PRO D 469 35.46 10.38 17.89
C PRO D 469 36.11 9.30 17.04
N VAL D 470 37.45 9.28 17.01
CA VAL D 470 38.19 8.27 16.27
C VAL D 470 39.24 7.60 17.15
N LEU D 471 39.66 6.40 16.73
CA LEU D 471 40.68 5.64 17.42
C LEU D 471 42.07 5.99 16.89
N LEU D 472 42.85 6.77 17.65
CA LEU D 472 44.25 7.02 17.33
C LEU D 472 45.07 5.84 17.83
N PRO D 473 45.69 5.05 16.92
CA PRO D 473 46.30 3.77 17.27
C PRO D 473 47.71 3.88 17.86
N ASP D 474 48.11 2.82 18.57
CA ASP D 474 49.51 2.57 18.85
C ASP D 474 50.18 2.22 17.53
N ASN D 475 51.51 2.37 17.49
CA ASN D 475 52.27 2.03 16.30
C ASN D 475 52.00 0.57 15.96
N HIS D 476 51.86 0.31 14.66
CA HIS D 476 51.64 -1.03 14.14
C HIS D 476 51.90 -1.08 12.63
N TYR D 477 51.82 -2.29 12.07
CA TYR D 477 52.10 -2.50 10.67
C TYR D 477 50.83 -2.90 9.92
N LEU D 478 50.74 -2.49 8.65
CA LEU D 478 49.82 -3.08 7.70
C LEU D 478 50.67 -3.79 6.65
N SER D 479 50.24 -4.98 6.25
CA SER D 479 51.03 -5.80 5.34
C SER D 479 50.17 -6.15 4.13
N THR D 480 50.65 -5.78 2.94
CA THR D 480 49.87 -6.00 1.72
C THR D 480 50.54 -6.95 0.73
N GLN D 481 49.75 -7.88 0.21
CA GLN D 481 50.09 -8.66 -0.97
C GLN D 481 49.20 -8.21 -2.13
N SER D 482 49.82 -7.83 -3.24
CA SER D 482 49.07 -7.42 -4.42
C SER D 482 49.47 -8.26 -5.63
N LYS D 483 48.49 -8.54 -6.50
CA LYS D 483 48.75 -9.17 -7.78
C LYS D 483 47.99 -8.41 -8.87
N LEU D 484 48.72 -7.98 -9.90
CA LEU D 484 48.13 -7.31 -11.04
C LEU D 484 47.87 -8.34 -12.13
N SER D 485 46.74 -8.18 -12.83
CA SER D 485 46.36 -9.06 -13.92
C SER D 485 45.50 -8.30 -14.94
N LYS D 486 45.08 -9.00 -16.00
CA LYS D 486 44.28 -8.42 -17.05
C LYS D 486 43.00 -9.21 -17.26
N ASP D 487 41.91 -8.50 -17.60
CA ASP D 487 40.67 -9.14 -17.99
C ASP D 487 40.73 -9.42 -19.48
N PRO D 488 40.74 -10.69 -19.92
CA PRO D 488 40.88 -11.01 -21.34
C PRO D 488 39.79 -10.39 -22.21
N ASN D 489 38.62 -10.10 -21.62
CA ASN D 489 37.51 -9.50 -22.33
C ASN D 489 37.41 -7.99 -22.24
N GLU D 490 38.33 -7.35 -21.50
CA GLU D 490 38.35 -5.90 -21.43
C GLU D 490 39.21 -5.31 -22.55
N LYS D 491 38.55 -4.60 -23.48
CA LYS D 491 39.23 -3.99 -24.61
C LYS D 491 39.96 -2.71 -24.22
N ARG D 492 39.51 -2.05 -23.14
CA ARG D 492 40.09 -0.79 -22.71
C ARG D 492 41.32 -1.00 -21.84
N ASP D 493 42.07 0.08 -21.61
CA ASP D 493 43.23 0.08 -20.74
C ASP D 493 42.72 -0.11 -19.30
N HIS D 494 43.22 -1.15 -18.63
CA HIS D 494 42.66 -1.58 -17.36
C HIS D 494 43.65 -2.35 -16.50
N MET D 495 43.33 -2.45 -15.21
CA MET D 495 44.09 -3.26 -14.29
C MET D 495 43.13 -4.02 -13.38
N VAL D 496 43.41 -5.32 -13.18
CA VAL D 496 42.69 -6.13 -12.22
C VAL D 496 43.62 -6.29 -11.04
N LEU D 497 43.15 -5.91 -9.84
CA LEU D 497 43.96 -5.91 -8.64
C LEU D 497 43.32 -6.80 -7.57
N LEU D 498 44.08 -7.82 -7.14
CA LEU D 498 43.71 -8.68 -6.03
C LEU D 498 44.72 -8.45 -4.92
N GLU D 499 44.23 -8.27 -3.68
CA GLU D 499 45.10 -8.01 -2.55
C GLU D 499 44.64 -8.69 -1.26
N PHE D 500 45.61 -9.06 -0.42
CA PHE D 500 45.37 -9.31 0.99
C PHE D 500 46.02 -8.21 1.83
N VAL D 501 45.27 -7.70 2.81
CA VAL D 501 45.75 -6.63 3.67
C VAL D 501 45.48 -7.03 5.11
N THR D 502 46.55 -7.10 5.91
CA THR D 502 46.44 -7.56 7.29
C THR D 502 47.27 -6.67 8.23
N ALA D 503 46.79 -6.53 9.46
CA ALA D 503 47.43 -5.70 10.47
C ALA D 503 48.15 -6.56 11.51
N ALA D 504 49.32 -6.10 11.96
CA ALA D 504 50.10 -6.80 12.95
C ALA D 504 50.84 -5.77 13.80
N GLY D 505 51.03 -6.10 15.08
CA GLY D 505 51.59 -5.16 16.03
C GLY D 505 52.10 -5.88 17.28
N ILE D 506 53.09 -5.27 17.95
CA ILE D 506 53.61 -5.77 19.20
C ILE D 506 53.02 -4.88 20.30
N THR D 507 51.70 -5.02 20.51
CA THR D 507 50.95 -4.12 21.37
C THR D 507 50.74 -4.66 22.79
N LEU D 508 50.35 -5.94 22.94
CA LEU D 508 50.21 -6.54 24.26
C LEU D 508 51.48 -7.22 24.75
N GLY D 509 52.58 -7.08 24.00
CA GLY D 509 53.87 -7.62 24.38
C GLY D 509 54.78 -6.55 25.00
N MET D 510 55.93 -6.31 24.35
CA MET D 510 57.02 -5.52 24.90
C MET D 510 57.74 -6.26 26.03
N ASP D 511 57.35 -7.51 26.27
CA ASP D 511 58.10 -8.43 27.11
C ASP D 511 59.38 -8.93 26.42
N GLU D 512 59.46 -8.72 25.11
CA GLU D 512 60.67 -8.96 24.35
C GLU D 512 61.66 -7.80 24.41
N LEU D 513 61.18 -6.61 24.83
CA LEU D 513 61.96 -5.38 24.88
C LEU D 513 62.23 -4.92 23.44
N TYR D 514 61.12 -4.69 22.73
CA TYR D 514 61.07 -4.44 21.29
C TYR D 514 62.18 -3.58 20.67
C1 GOL E . -21.34 -1.31 5.54
O1 GOL E . -20.26 -0.45 5.15
C2 GOL E . -22.53 -0.53 6.03
O2 GOL E . -23.02 0.33 4.99
C3 GOL E . -23.66 -1.41 6.53
O3 GOL E . -24.77 -0.63 6.95
C LAC F . -7.73 -27.15 -10.52
CA LAC F . -6.70 -26.03 -10.62
CB LAC F . -7.34 -24.67 -10.82
O LAC F . -8.82 -26.97 -11.10
OHN LAC F . -5.89 -25.99 -9.46
OXT LAC F . -7.41 -28.18 -9.87
C1 GOL G . -40.39 -45.30 8.83
O1 GOL G . -41.22 -46.08 9.70
C2 GOL G . -40.91 -43.88 8.68
O2 GOL G . -42.34 -43.90 8.57
C3 GOL G . -40.51 -42.96 9.82
O3 GOL G . -39.41 -42.12 9.46
C LAC H . -6.86 43.93 1.43
CA LAC H . -7.72 42.73 1.05
CB LAC H . -8.34 42.96 -0.31
O LAC H . -5.64 43.74 1.62
OHN LAC H . -6.96 41.53 1.05
OXT LAC H . -7.44 45.04 1.53
#